data_1M8A
# 
_entry.id   1M8A 
# 
_audit_conform.dict_name       mmcif_pdbx.dic 
_audit_conform.dict_version    5.397 
_audit_conform.dict_location   http://mmcif.pdb.org/dictionaries/ascii/mmcif_pdbx.dic 
# 
loop_
_database_2.database_id 
_database_2.database_code 
_database_2.pdbx_database_accession 
_database_2.pdbx_DOI 
PDB   1M8A         pdb_00001m8a 10.2210/pdb1m8a/pdb 
RCSB  RCSB016720   ?            ?                   
WWPDB D_1000016720 ?            ?                   
# 
loop_
_pdbx_audit_revision_history.ordinal 
_pdbx_audit_revision_history.data_content_type 
_pdbx_audit_revision_history.major_revision 
_pdbx_audit_revision_history.minor_revision 
_pdbx_audit_revision_history.revision_date 
1 'Structure model' 1 0 2002-07-31 
2 'Structure model' 1 1 2008-04-28 
3 'Structure model' 1 2 2011-07-13 
4 'Structure model' 1 3 2024-10-30 
# 
_pdbx_audit_revision_details.ordinal             1 
_pdbx_audit_revision_details.revision_ordinal    1 
_pdbx_audit_revision_details.data_content_type   'Structure model' 
_pdbx_audit_revision_details.provider            repository 
_pdbx_audit_revision_details.type                'Initial release' 
_pdbx_audit_revision_details.description         ? 
_pdbx_audit_revision_details.details             ? 
# 
loop_
_pdbx_audit_revision_group.ordinal 
_pdbx_audit_revision_group.revision_ordinal 
_pdbx_audit_revision_group.data_content_type 
_pdbx_audit_revision_group.group 
1 2 'Structure model' 'Version format compliance' 
2 3 'Structure model' 'Version format compliance' 
3 4 'Structure model' 'Data collection'           
4 4 'Structure model' 'Database references'       
5 4 'Structure model' 'Derived calculations'      
6 4 'Structure model' 'Refinement description'    
7 4 'Structure model' 'Structure summary'         
# 
loop_
_pdbx_audit_revision_category.ordinal 
_pdbx_audit_revision_category.revision_ordinal 
_pdbx_audit_revision_category.data_content_type 
_pdbx_audit_revision_category.category 
1 4 'Structure model' chem_comp_atom                
2 4 'Structure model' chem_comp_bond                
3 4 'Structure model' database_2                    
4 4 'Structure model' pdbx_entry_details            
5 4 'Structure model' pdbx_initial_refinement_model 
6 4 'Structure model' pdbx_modification_feature     
7 4 'Structure model' struct_site                   
# 
loop_
_pdbx_audit_revision_item.ordinal 
_pdbx_audit_revision_item.revision_ordinal 
_pdbx_audit_revision_item.data_content_type 
_pdbx_audit_revision_item.item 
1 4 'Structure model' '_database_2.pdbx_DOI'                
2 4 'Structure model' '_database_2.pdbx_database_accession' 
3 4 'Structure model' '_struct_site.pdbx_auth_asym_id'      
4 4 'Structure model' '_struct_site.pdbx_auth_comp_id'      
5 4 'Structure model' '_struct_site.pdbx_auth_seq_id'       
# 
_pdbx_database_status.status_code                     REL 
_pdbx_database_status.entry_id                        1M8A 
_pdbx_database_status.recvd_initial_deposition_date   2002-07-24 
_pdbx_database_status.deposit_site                    RCSB 
_pdbx_database_status.process_site                    RCSB 
_pdbx_database_status.status_code_sf                  REL 
_pdbx_database_status.SG_entry                        . 
_pdbx_database_status.pdb_format_compatible           Y 
_pdbx_database_status.status_code_mr                  ? 
_pdbx_database_status.status_code_cs                  ? 
_pdbx_database_status.status_code_nmr_data            ? 
_pdbx_database_status.methods_development_category    ? 
# 
_pdbx_database_related.db_name        PDB 
_pdbx_database_related.db_id          1ha6 
_pdbx_database_related.details        '1HA6 IS Murine MIP-3alpha/CCL20' 
_pdbx_database_related.content_type   unspecified 
# 
loop_
_audit_author.name 
_audit_author.pdbx_ordinal 
'Hoover, D.M.'    1 
'Boulegue, C.'    2 
'Yang, D.'        3 
'Oppenheim, J.J.' 4 
'Tucker, K.'      5 
'Lu, W.'          6 
'Lubkowski, J.'   7 
# 
_citation.id                        primary 
_citation.title                     
;The structure of human macrophage inflammatory protein-3alpha /CCL20. Linking antimicrobial and CC chemokine receptor-6-binding activities with human beta-defensins
;
_citation.journal_abbrev            J.Biol.Chem. 
_citation.journal_volume            277 
_citation.page_first                37647 
_citation.page_last                 37654 
_citation.year                      2002 
_citation.journal_id_ASTM           JBCHA3 
_citation.country                   US 
_citation.journal_id_ISSN           0021-9258 
_citation.journal_id_CSD            0071 
_citation.book_publisher            ? 
_citation.pdbx_database_id_PubMed   12149255 
_citation.pdbx_database_id_DOI      10.1074/jbc.M203907200 
# 
loop_
_citation_author.citation_id 
_citation_author.name 
_citation_author.ordinal 
_citation_author.identifier_ORCID 
primary 'Hoover, D.M.'    1 ? 
primary 'Boulegue, C.'    2 ? 
primary 'Yang, D.'        3 ? 
primary 'Oppenheim, J.J.' 4 ? 
primary 'Tucker, K.'      5 ? 
primary 'Lu, W.'          6 ? 
primary 'Lubkowski, J.'   7 ? 
# 
loop_
_entity.id 
_entity.type 
_entity.src_method 
_entity.pdbx_description 
_entity.formula_weight 
_entity.pdbx_number_of_molecules 
_entity.pdbx_ec 
_entity.pdbx_mutation 
_entity.pdbx_fragment 
_entity.details 
1 polymer     syn 'Small inducible cytokine A20' 8043.568 2   ? ? ? ? 
2 non-polymer syn 'ISOPROPYL ALCOHOL'            60.095   10  ? ? ? ? 
3 water       nat water                          18.015   169 ? ? ? ? 
# 
_entity_name_com.entity_id   1 
_entity_name_com.name        
;CC-Chemokine LARC, MIP-3-alpha, CCL20, Macrophage inflammatory protein 3 alpha, Liver and activation-regulated chemokine, Beta chemokine exodus-1
;
# 
_entity_poly.entity_id                      1 
_entity_poly.type                           'polypeptide(L)' 
_entity_poly.nstd_linkage                   no 
_entity_poly.nstd_monomer                   no 
_entity_poly.pdbx_seq_one_letter_code       ASNFDCCLGYTDRILHPKFIVGFTRQLANEGCDINAIIFHTKKKLSVCANPKQTWVKYIVRLLSKKVKNM 
_entity_poly.pdbx_seq_one_letter_code_can   ASNFDCCLGYTDRILHPKFIVGFTRQLANEGCDINAIIFHTKKKLSVCANPKQTWVKYIVRLLSKKVKNM 
_entity_poly.pdbx_strand_id                 A,B 
_entity_poly.pdbx_target_identifier         ? 
# 
loop_
_pdbx_entity_nonpoly.entity_id 
_pdbx_entity_nonpoly.name 
_pdbx_entity_nonpoly.comp_id 
2 'ISOPROPYL ALCOHOL' IPA 
3 water               HOH 
# 
loop_
_entity_poly_seq.entity_id 
_entity_poly_seq.num 
_entity_poly_seq.mon_id 
_entity_poly_seq.hetero 
1 1  ALA n 
1 2  SER n 
1 3  ASN n 
1 4  PHE n 
1 5  ASP n 
1 6  CYS n 
1 7  CYS n 
1 8  LEU n 
1 9  GLY n 
1 10 TYR n 
1 11 THR n 
1 12 ASP n 
1 13 ARG n 
1 14 ILE n 
1 15 LEU n 
1 16 HIS n 
1 17 PRO n 
1 18 LYS n 
1 19 PHE n 
1 20 ILE n 
1 21 VAL n 
1 22 GLY n 
1 23 PHE n 
1 24 THR n 
1 25 ARG n 
1 26 GLN n 
1 27 LEU n 
1 28 ALA n 
1 29 ASN n 
1 30 GLU n 
1 31 GLY n 
1 32 CYS n 
1 33 ASP n 
1 34 ILE n 
1 35 ASN n 
1 36 ALA n 
1 37 ILE n 
1 38 ILE n 
1 39 PHE n 
1 40 HIS n 
1 41 THR n 
1 42 LYS n 
1 43 LYS n 
1 44 LYS n 
1 45 LEU n 
1 46 SER n 
1 47 VAL n 
1 48 CYS n 
1 49 ALA n 
1 50 ASN n 
1 51 PRO n 
1 52 LYS n 
1 53 GLN n 
1 54 THR n 
1 55 TRP n 
1 56 VAL n 
1 57 LYS n 
1 58 TYR n 
1 59 ILE n 
1 60 VAL n 
1 61 ARG n 
1 62 LEU n 
1 63 LEU n 
1 64 SER n 
1 65 LYS n 
1 66 LYS n 
1 67 VAL n 
1 68 LYS n 
1 69 ASN n 
1 70 MET n 
# 
_pdbx_entity_src_syn.entity_id              1 
_pdbx_entity_src_syn.pdbx_src_id            1 
_pdbx_entity_src_syn.pdbx_alt_source_flag   sample 
_pdbx_entity_src_syn.pdbx_beg_seq_num       ? 
_pdbx_entity_src_syn.pdbx_end_seq_num       ? 
_pdbx_entity_src_syn.organism_scientific    ? 
_pdbx_entity_src_syn.organism_common_name   ? 
_pdbx_entity_src_syn.ncbi_taxonomy_id       ? 
_pdbx_entity_src_syn.details                
;THE PROTEIN WAS SYNTHESIZED USING Machine-assisted stepwise solid phase peptide synthesis on an Applied Biosystems 433A synthesizer using a custom-designed program tailored from the published in situ neutralization/HBTU activation protocol for Boc chemistry (Schnolzer, M. et al. (1992) J.Pept.Protein Res. 40, 180-193). IT IS NATURALLY FOUND IN HOMO SAPIENS (HUMAN).
;
# 
loop_
_chem_comp.id 
_chem_comp.type 
_chem_comp.mon_nstd_flag 
_chem_comp.name 
_chem_comp.pdbx_synonyms 
_chem_comp.formula 
_chem_comp.formula_weight 
ALA 'L-peptide linking' y ALANINE             ?          'C3 H7 N O2'     89.093  
ARG 'L-peptide linking' y ARGININE            ?          'C6 H15 N4 O2 1' 175.209 
ASN 'L-peptide linking' y ASPARAGINE          ?          'C4 H8 N2 O3'    132.118 
ASP 'L-peptide linking' y 'ASPARTIC ACID'     ?          'C4 H7 N O4'     133.103 
CYS 'L-peptide linking' y CYSTEINE            ?          'C3 H7 N O2 S'   121.158 
GLN 'L-peptide linking' y GLUTAMINE           ?          'C5 H10 N2 O3'   146.144 
GLU 'L-peptide linking' y 'GLUTAMIC ACID'     ?          'C5 H9 N O4'     147.129 
GLY 'peptide linking'   y GLYCINE             ?          'C2 H5 N O2'     75.067  
HIS 'L-peptide linking' y HISTIDINE           ?          'C6 H10 N3 O2 1' 156.162 
HOH non-polymer         . WATER               ?          'H2 O'           18.015  
ILE 'L-peptide linking' y ISOLEUCINE          ?          'C6 H13 N O2'    131.173 
IPA non-polymer         . 'ISOPROPYL ALCOHOL' 2-PROPANOL 'C3 H8 O'        60.095  
LEU 'L-peptide linking' y LEUCINE             ?          'C6 H13 N O2'    131.173 
LYS 'L-peptide linking' y LYSINE              ?          'C6 H15 N2 O2 1' 147.195 
MET 'L-peptide linking' y METHIONINE          ?          'C5 H11 N O2 S'  149.211 
PHE 'L-peptide linking' y PHENYLALANINE       ?          'C9 H11 N O2'    165.189 
PRO 'L-peptide linking' y PROLINE             ?          'C5 H9 N O2'     115.130 
SER 'L-peptide linking' y SERINE              ?          'C3 H7 N O3'     105.093 
THR 'L-peptide linking' y THREONINE           ?          'C4 H9 N O3'     119.119 
TRP 'L-peptide linking' y TRYPTOPHAN          ?          'C11 H12 N2 O2'  204.225 
TYR 'L-peptide linking' y TYROSINE            ?          'C9 H11 N O3'    181.189 
VAL 'L-peptide linking' y VALINE              ?          'C5 H11 N O2'    117.146 
# 
loop_
_pdbx_poly_seq_scheme.asym_id 
_pdbx_poly_seq_scheme.entity_id 
_pdbx_poly_seq_scheme.seq_id 
_pdbx_poly_seq_scheme.mon_id 
_pdbx_poly_seq_scheme.ndb_seq_num 
_pdbx_poly_seq_scheme.pdb_seq_num 
_pdbx_poly_seq_scheme.auth_seq_num 
_pdbx_poly_seq_scheme.pdb_mon_id 
_pdbx_poly_seq_scheme.auth_mon_id 
_pdbx_poly_seq_scheme.pdb_strand_id 
_pdbx_poly_seq_scheme.pdb_ins_code 
_pdbx_poly_seq_scheme.hetero 
A 1 1  ALA 1  1  ?  ?   ?   A . n 
A 1 2  SER 2  2  ?  ?   ?   A . n 
A 1 3  ASN 3  3  ?  ?   ?   A . n 
A 1 4  PHE 4  4  ?  ?   ?   A . n 
A 1 5  ASP 5  5  5  ASP ASP A . n 
A 1 6  CYS 6  6  6  CYS CYS A . n 
A 1 7  CYS 7  7  7  CYS CYS A . n 
A 1 8  LEU 8  8  8  LEU LEU A . n 
A 1 9  GLY 9  9  9  GLY GLY A . n 
A 1 10 TYR 10 10 10 TYR TYR A . n 
A 1 11 THR 11 11 11 THR THR A . n 
A 1 12 ASP 12 12 12 ASP ASP A . n 
A 1 13 ARG 13 13 13 ARG ARG A . n 
A 1 14 ILE 14 14 14 ILE ILE A . n 
A 1 15 LEU 15 15 15 LEU LEU A . n 
A 1 16 HIS 16 16 16 HIS HIS A . n 
A 1 17 PRO 17 17 17 PRO PRO A . n 
A 1 18 LYS 18 18 18 LYS LYS A . n 
A 1 19 PHE 19 19 19 PHE PHE A . n 
A 1 20 ILE 20 20 20 ILE ILE A . n 
A 1 21 VAL 21 21 21 VAL VAL A . n 
A 1 22 GLY 22 22 22 GLY GLY A . n 
A 1 23 PHE 23 23 23 PHE PHE A . n 
A 1 24 THR 24 24 24 THR THR A . n 
A 1 25 ARG 25 25 25 ARG ARG A . n 
A 1 26 GLN 26 26 26 GLN GLN A . n 
A 1 27 LEU 27 27 27 LEU LEU A . n 
A 1 28 ALA 28 28 28 ALA ALA A . n 
A 1 29 ASN 29 29 29 ASN ASN A . n 
A 1 30 GLU 30 30 30 GLU GLU A . n 
A 1 31 GLY 31 31 31 GLY GLY A . n 
A 1 32 CYS 32 32 32 CYS CYS A . n 
A 1 33 ASP 33 33 33 ASP ASP A . n 
A 1 34 ILE 34 34 34 ILE ILE A . n 
A 1 35 ASN 35 35 35 ASN ASN A . n 
A 1 36 ALA 36 36 36 ALA ALA A . n 
A 1 37 ILE 37 37 37 ILE ILE A . n 
A 1 38 ILE 38 38 38 ILE ILE A . n 
A 1 39 PHE 39 39 39 PHE PHE A . n 
A 1 40 HIS 40 40 40 HIS HIS A . n 
A 1 41 THR 41 41 41 THR THR A . n 
A 1 42 LYS 42 42 42 LYS LYS A . n 
A 1 43 LYS 43 43 43 LYS LYS A . n 
A 1 44 LYS 44 44 44 LYS LYS A . n 
A 1 45 LEU 45 45 45 LEU LEU A . n 
A 1 46 SER 46 46 46 SER SER A . n 
A 1 47 VAL 47 47 47 VAL VAL A . n 
A 1 48 CYS 48 48 48 CYS CYS A . n 
A 1 49 ALA 49 49 49 ALA ALA A . n 
A 1 50 ASN 50 50 50 ASN ASN A . n 
A 1 51 PRO 51 51 51 PRO PRO A . n 
A 1 52 LYS 52 52 52 LYS LYS A . n 
A 1 53 GLN 53 53 53 GLN GLN A . n 
A 1 54 THR 54 54 54 THR THR A . n 
A 1 55 TRP 55 55 55 TRP TRP A . n 
A 1 56 VAL 56 56 56 VAL VAL A . n 
A 1 57 LYS 57 57 57 LYS LYS A . n 
A 1 58 TYR 58 58 58 TYR TYR A . n 
A 1 59 ILE 59 59 59 ILE ILE A . n 
A 1 60 VAL 60 60 60 VAL VAL A . n 
A 1 61 ARG 61 61 61 ARG ARG A . n 
A 1 62 LEU 62 62 62 LEU LEU A . n 
A 1 63 LEU 63 63 63 LEU LEU A . n 
A 1 64 SER 64 64 64 SER SER A . n 
A 1 65 LYS 65 65 65 LYS LYS A . n 
A 1 66 LYS 66 66 ?  ?   ?   A . n 
A 1 67 VAL 67 67 ?  ?   ?   A . n 
A 1 68 LYS 68 68 ?  ?   ?   A . n 
A 1 69 ASN 69 69 ?  ?   ?   A . n 
A 1 70 MET 70 70 ?  ?   ?   A . n 
B 1 1  ALA 1  1  ?  ?   ?   B . n 
B 1 2  SER 2  2  ?  ?   ?   B . n 
B 1 3  ASN 3  3  ?  ?   ?   B . n 
B 1 4  PHE 4  4  ?  ?   ?   B . n 
B 1 5  ASP 5  5  5  ASP ASP B . n 
B 1 6  CYS 6  6  6  CYS CYS B . n 
B 1 7  CYS 7  7  7  CYS CYS B . n 
B 1 8  LEU 8  8  8  LEU LEU B . n 
B 1 9  GLY 9  9  9  GLY GLY B . n 
B 1 10 TYR 10 10 10 TYR TYR B . n 
B 1 11 THR 11 11 11 THR THR B . n 
B 1 12 ASP 12 12 12 ASP ASP B . n 
B 1 13 ARG 13 13 13 ARG ARG B . n 
B 1 14 ILE 14 14 14 ILE ILE B . n 
B 1 15 LEU 15 15 15 LEU LEU B . n 
B 1 16 HIS 16 16 16 HIS HIS B . n 
B 1 17 PRO 17 17 17 PRO PRO B . n 
B 1 18 LYS 18 18 18 LYS LYS B . n 
B 1 19 PHE 19 19 19 PHE PHE B . n 
B 1 20 ILE 20 20 20 ILE ILE B . n 
B 1 21 VAL 21 21 21 VAL VAL B . n 
B 1 22 GLY 22 22 22 GLY GLY B . n 
B 1 23 PHE 23 23 23 PHE PHE B . n 
B 1 24 THR 24 24 24 THR THR B . n 
B 1 25 ARG 25 25 25 ARG ARG B . n 
B 1 26 GLN 26 26 26 GLN GLN B . n 
B 1 27 LEU 27 27 27 LEU LEU B . n 
B 1 28 ALA 28 28 28 ALA ALA B . n 
B 1 29 ASN 29 29 29 ASN ASN B . n 
B 1 30 GLU 30 30 30 GLU GLU B . n 
B 1 31 GLY 31 31 31 GLY GLY B . n 
B 1 32 CYS 32 32 32 CYS CYS B . n 
B 1 33 ASP 33 33 33 ASP ASP B . n 
B 1 34 ILE 34 34 34 ILE ILE B . n 
B 1 35 ASN 35 35 35 ASN ASN B . n 
B 1 36 ALA 36 36 36 ALA ALA B . n 
B 1 37 ILE 37 37 37 ILE ILE B . n 
B 1 38 ILE 38 38 38 ILE ILE B . n 
B 1 39 PHE 39 39 39 PHE PHE B . n 
B 1 40 HIS 40 40 40 HIS HIS B . n 
B 1 41 THR 41 41 41 THR THR B . n 
B 1 42 LYS 42 42 42 LYS LYS B . n 
B 1 43 LYS 43 43 43 LYS LYS B . n 
B 1 44 LYS 44 44 44 LYS LYS B . n 
B 1 45 LEU 45 45 45 LEU LEU B . n 
B 1 46 SER 46 46 46 SER SER B . n 
B 1 47 VAL 47 47 47 VAL VAL B . n 
B 1 48 CYS 48 48 48 CYS CYS B . n 
B 1 49 ALA 49 49 49 ALA ALA B . n 
B 1 50 ASN 50 50 50 ASN ASN B . n 
B 1 51 PRO 51 51 51 PRO PRO B . n 
B 1 52 LYS 52 52 52 LYS LYS B . n 
B 1 53 GLN 53 53 53 GLN GLN B . n 
B 1 54 THR 54 54 54 THR THR B . n 
B 1 55 TRP 55 55 55 TRP TRP B . n 
B 1 56 VAL 56 56 56 VAL VAL B . n 
B 1 57 LYS 57 57 57 LYS LYS B . n 
B 1 58 TYR 58 58 58 TYR TYR B . n 
B 1 59 ILE 59 59 59 ILE ILE B . n 
B 1 60 VAL 60 60 60 VAL VAL B . n 
B 1 61 ARG 61 61 61 ARG ARG B . n 
B 1 62 LEU 62 62 62 LEU LEU B . n 
B 1 63 LEU 63 63 63 LEU LEU B . n 
B 1 64 SER 64 64 64 SER SER B . n 
B 1 65 LYS 65 65 65 LYS LYS B . n 
B 1 66 LYS 66 66 ?  ?   ?   B . n 
B 1 67 VAL 67 67 ?  ?   ?   B . n 
B 1 68 LYS 68 68 ?  ?   ?   B . n 
B 1 69 ASN 69 69 ?  ?   ?   B . n 
B 1 70 MET 70 70 ?  ?   ?   B . n 
# 
loop_
_pdbx_nonpoly_scheme.asym_id 
_pdbx_nonpoly_scheme.entity_id 
_pdbx_nonpoly_scheme.mon_id 
_pdbx_nonpoly_scheme.ndb_seq_num 
_pdbx_nonpoly_scheme.pdb_seq_num 
_pdbx_nonpoly_scheme.auth_seq_num 
_pdbx_nonpoly_scheme.pdb_mon_id 
_pdbx_nonpoly_scheme.auth_mon_id 
_pdbx_nonpoly_scheme.pdb_strand_id 
_pdbx_nonpoly_scheme.pdb_ins_code 
C 2 IPA 1  102 102 IPA IOH A . 
D 2 IPA 1  104 104 IPA IOH A . 
E 2 IPA 1  106 106 IPA IOH A . 
F 2 IPA 1  107 107 IPA IOH A . 
G 2 IPA 1  108 108 IPA IOH A . 
H 2 IPA 1  109 109 IPA IOH A . 
I 2 IPA 1  110 110 IPA IOH A . 
J 2 IPA 1  101 101 IPA IOH B . 
K 2 IPA 1  103 103 IPA IOH B . 
L 2 IPA 1  105 105 IPA IOH B . 
M 3 HOH 1  112 112 HOH HOH A . 
M 3 HOH 2  113 113 HOH HOH A . 
M 3 HOH 3  115 115 HOH HOH A . 
M 3 HOH 4  117 117 HOH HOH A . 
M 3 HOH 5  118 118 HOH HOH A . 
M 3 HOH 6  121 121 HOH HOH A . 
M 3 HOH 7  123 123 HOH HOH A . 
M 3 HOH 8  124 124 HOH HOH A . 
M 3 HOH 9  129 129 HOH HOH A . 
M 3 HOH 10 132 132 HOH HOH A . 
M 3 HOH 11 134 134 HOH HOH A . 
M 3 HOH 12 136 136 HOH HOH A . 
M 3 HOH 13 137 137 HOH HOH A . 
M 3 HOH 14 139 139 HOH HOH A . 
M 3 HOH 15 141 141 HOH HOH A . 
M 3 HOH 16 142 142 HOH HOH A . 
M 3 HOH 17 143 143 HOH HOH A . 
M 3 HOH 18 148 148 HOH HOH A . 
M 3 HOH 19 150 150 HOH HOH A . 
M 3 HOH 20 151 151 HOH HOH A . 
M 3 HOH 21 153 153 HOH HOH A . 
M 3 HOH 22 157 157 HOH HOH A . 
M 3 HOH 23 158 158 HOH HOH A . 
M 3 HOH 24 167 167 HOH HOH A . 
M 3 HOH 25 171 171 HOH HOH A . 
M 3 HOH 26 174 174 HOH HOH A . 
M 3 HOH 27 178 178 HOH HOH A . 
M 3 HOH 28 179 179 HOH HOH A . 
M 3 HOH 29 180 180 HOH HOH A . 
M 3 HOH 30 182 182 HOH HOH A . 
M 3 HOH 31 184 184 HOH HOH A . 
M 3 HOH 32 186 186 HOH HOH A . 
M 3 HOH 33 188 188 HOH HOH A . 
M 3 HOH 34 189 189 HOH HOH A . 
M 3 HOH 35 191 191 HOH HOH A . 
M 3 HOH 36 192 192 HOH HOH A . 
M 3 HOH 37 193 193 HOH HOH A . 
M 3 HOH 38 194 194 HOH HOH A . 
M 3 HOH 39 195 195 HOH HOH A . 
M 3 HOH 40 200 200 HOH HOH A . 
M 3 HOH 41 201 201 HOH HOH A . 
M 3 HOH 42 203 203 HOH HOH A . 
M 3 HOH 43 204 204 HOH HOH A . 
M 3 HOH 44 205 205 HOH HOH A . 
M 3 HOH 45 206 206 HOH HOH A . 
M 3 HOH 46 208 208 HOH HOH A . 
M 3 HOH 47 211 211 HOH HOH A . 
M 3 HOH 48 213 213 HOH HOH A . 
M 3 HOH 49 215 215 HOH HOH A . 
M 3 HOH 50 216 216 HOH HOH A . 
M 3 HOH 51 217 217 HOH HOH A . 
M 3 HOH 52 219 219 HOH HOH A . 
M 3 HOH 53 221 221 HOH HOH A . 
M 3 HOH 54 222 222 HOH HOH A . 
M 3 HOH 55 223 223 HOH HOH A . 
M 3 HOH 56 224 224 HOH HOH A . 
M 3 HOH 57 225 225 HOH HOH A . 
M 3 HOH 58 226 226 HOH HOH A . 
M 3 HOH 59 229 229 HOH HOH A . 
M 3 HOH 60 230 230 HOH HOH A . 
M 3 HOH 61 231 231 HOH HOH A . 
M 3 HOH 62 232 232 HOH HOH A . 
M 3 HOH 63 233 233 HOH HOH A . 
M 3 HOH 64 234 234 HOH HOH A . 
M 3 HOH 65 235 235 HOH HOH A . 
M 3 HOH 66 238 238 HOH HOH A . 
M 3 HOH 67 240 240 HOH HOH A . 
M 3 HOH 68 243 243 HOH HOH A . 
M 3 HOH 69 245 245 HOH HOH A . 
M 3 HOH 70 247 247 HOH HOH A . 
M 3 HOH 71 252 252 HOH HOH A . 
M 3 HOH 72 257 257 HOH HOH A . 
M 3 HOH 73 258 258 HOH HOH A . 
M 3 HOH 74 262 262 HOH HOH A . 
M 3 HOH 75 263 263 HOH HOH A . 
M 3 HOH 76 268 268 HOH HOH A . 
M 3 HOH 77 270 270 HOH HOH A . 
M 3 HOH 78 271 271 HOH HOH A . 
M 3 HOH 79 272 272 HOH HOH A . 
M 3 HOH 80 273 273 HOH HOH A . 
M 3 HOH 81 277 277 HOH HOH A . 
M 3 HOH 82 278 278 HOH HOH A . 
N 3 HOH 1  111 111 HOH HOH B . 
N 3 HOH 2  114 114 HOH HOH B . 
N 3 HOH 3  116 116 HOH HOH B . 
N 3 HOH 4  119 119 HOH HOH B . 
N 3 HOH 5  120 120 HOH HOH B . 
N 3 HOH 6  122 122 HOH HOH B . 
N 3 HOH 7  125 125 HOH HOH B . 
N 3 HOH 8  126 126 HOH HOH B . 
N 3 HOH 9  127 127 HOH HOH B . 
N 3 HOH 10 128 128 HOH HOH B . 
N 3 HOH 11 130 130 HOH HOH B . 
N 3 HOH 12 131 131 HOH HOH B . 
N 3 HOH 13 133 133 HOH HOH B . 
N 3 HOH 14 135 135 HOH HOH B . 
N 3 HOH 15 138 138 HOH HOH B . 
N 3 HOH 16 140 140 HOH HOH B . 
N 3 HOH 17 144 144 HOH HOH B . 
N 3 HOH 18 145 145 HOH HOH B . 
N 3 HOH 19 146 146 HOH HOH B . 
N 3 HOH 20 147 147 HOH HOH B . 
N 3 HOH 21 149 149 HOH HOH B . 
N 3 HOH 22 152 152 HOH HOH B . 
N 3 HOH 23 154 154 HOH HOH B . 
N 3 HOH 24 155 155 HOH HOH B . 
N 3 HOH 25 156 156 HOH HOH B . 
N 3 HOH 26 159 159 HOH HOH B . 
N 3 HOH 27 160 160 HOH HOH B . 
N 3 HOH 28 161 161 HOH HOH B . 
N 3 HOH 29 162 162 HOH HOH B . 
N 3 HOH 30 163 163 HOH HOH B . 
N 3 HOH 31 164 164 HOH HOH B . 
N 3 HOH 32 165 165 HOH HOH B . 
N 3 HOH 33 166 166 HOH HOH B . 
N 3 HOH 34 168 168 HOH HOH B . 
N 3 HOH 35 169 169 HOH HOH B . 
N 3 HOH 36 170 170 HOH HOH B . 
N 3 HOH 37 172 172 HOH HOH B . 
N 3 HOH 38 173 173 HOH HOH B . 
N 3 HOH 39 175 175 HOH HOH B . 
N 3 HOH 40 176 176 HOH HOH B . 
N 3 HOH 41 177 177 HOH HOH B . 
N 3 HOH 42 181 181 HOH HOH B . 
N 3 HOH 43 183 183 HOH HOH B . 
N 3 HOH 44 185 185 HOH HOH B . 
N 3 HOH 45 187 187 HOH HOH B . 
N 3 HOH 46 190 190 HOH HOH B . 
N 3 HOH 47 196 196 HOH HOH B . 
N 3 HOH 48 197 197 HOH HOH B . 
N 3 HOH 49 198 198 HOH HOH B . 
N 3 HOH 50 199 199 HOH HOH B . 
N 3 HOH 51 202 202 HOH HOH B . 
N 3 HOH 52 207 207 HOH HOH B . 
N 3 HOH 53 209 209 HOH HOH B . 
N 3 HOH 54 210 210 HOH HOH B . 
N 3 HOH 55 212 212 HOH HOH B . 
N 3 HOH 56 214 214 HOH HOH B . 
N 3 HOH 57 218 218 HOH HOH B . 
N 3 HOH 58 220 220 HOH HOH B . 
N 3 HOH 59 227 227 HOH HOH B . 
N 3 HOH 60 228 228 HOH HOH B . 
N 3 HOH 61 236 236 HOH HOH B . 
N 3 HOH 62 237 237 HOH HOH B . 
N 3 HOH 63 239 239 HOH HOH B . 
N 3 HOH 64 241 241 HOH HOH B . 
N 3 HOH 65 242 242 HOH HOH B . 
N 3 HOH 66 244 244 HOH HOH B . 
N 3 HOH 67 246 246 HOH HOH B . 
N 3 HOH 68 248 248 HOH HOH B . 
N 3 HOH 69 249 249 HOH HOH B . 
N 3 HOH 70 250 250 HOH HOH B . 
N 3 HOH 71 251 251 HOH HOH B . 
N 3 HOH 72 253 253 HOH HOH B . 
N 3 HOH 73 254 254 HOH HOH B . 
N 3 HOH 74 255 255 HOH HOH B . 
N 3 HOH 75 256 256 HOH HOH B . 
N 3 HOH 76 259 259 HOH HOH B . 
N 3 HOH 77 260 260 HOH HOH B . 
N 3 HOH 78 261 261 HOH HOH B . 
N 3 HOH 79 264 264 HOH HOH B . 
N 3 HOH 80 265 265 HOH HOH B . 
N 3 HOH 81 266 266 HOH HOH B . 
N 3 HOH 82 267 267 HOH HOH B . 
N 3 HOH 83 269 269 HOH HOH B . 
N 3 HOH 84 274 274 HOH HOH B . 
N 3 HOH 85 275 275 HOH HOH B . 
N 3 HOH 86 276 276 HOH HOH B . 
N 3 HOH 87 279 279 HOH HOH B . 
# 
loop_
_software.name 
_software.classification 
_software.version 
_software.citation_id 
_software.pdbx_ordinal 
DENZO     'data reduction' . ? 1 
SCALEPACK 'data scaling'   . ? 2 
AMoRE     phasing          . ? 3 
SHELXL-97 refinement       . ? 4 
# 
_cell.entry_id           1M8A 
_cell.length_a           70.822 
_cell.length_b           70.822 
_cell.length_c           71.768 
_cell.angle_alpha        90.00 
_cell.angle_beta         90.00 
_cell.angle_gamma        120.00 
_cell.Z_PDB              12 
_cell.pdbx_unique_axis   ? 
# 
_symmetry.entry_id                         1M8A 
_symmetry.space_group_name_H-M             'P 61' 
_symmetry.pdbx_full_space_group_name_H-M   ? 
_symmetry.cell_setting                     ? 
_symmetry.Int_Tables_number                169 
# 
_exptl.entry_id          1M8A 
_exptl.method            'X-RAY DIFFRACTION' 
_exptl.crystals_number   1 
# 
_exptl_crystal.id                    1 
_exptl_crystal.density_meas          ? 
_exptl_crystal.density_Matthews      2.69 
_exptl_crystal.density_percent_sol   54.3 
_exptl_crystal.description           ? 
# 
_exptl_crystal_grow.crystal_id      1 
_exptl_crystal_grow.method          'VAPOR DIFFUSION, HANGING DROP' 
_exptl_crystal_grow.temp            285 
_exptl_crystal_grow.temp_details    ? 
_exptl_crystal_grow.pH              7.5 
_exptl_crystal_grow.pdbx_details    
;isopropanol, sodium citrate, N-(2-hydroxyethyl)piperazine-N'-(2-ethanesulfonic acid), pH 7.5, VAPOR DIFFUSION, HANGING DROP, temperature 285K
;
_exptl_crystal_grow.pdbx_pH_range   ? 
# 
_diffrn.id                     1 
_diffrn.ambient_temp           100 
_diffrn.ambient_temp_details   ? 
_diffrn.crystal_id             1 
# 
_diffrn_detector.diffrn_id              1 
_diffrn_detector.detector               CCD 
_diffrn_detector.type                   'ADSC QUANTUM 4' 
_diffrn_detector.pdbx_collection_date   2002-01-25 
_diffrn_detector.details                mirrors 
# 
_diffrn_radiation.diffrn_id                        1 
_diffrn_radiation.wavelength_id                    1 
_diffrn_radiation.pdbx_monochromatic_or_laue_m_l   M 
_diffrn_radiation.monochromator                    'si crystal' 
_diffrn_radiation.pdbx_diffrn_protocol             'SINGLE WAVELENGTH' 
_diffrn_radiation.pdbx_scattering_type             x-ray 
# 
_diffrn_radiation_wavelength.id           1 
_diffrn_radiation_wavelength.wavelength   0.98 
_diffrn_radiation_wavelength.wt           1.0 
# 
_diffrn_source.diffrn_id                   1 
_diffrn_source.source                      SYNCHROTRON 
_diffrn_source.type                        'NSLS BEAMLINE X9B' 
_diffrn_source.pdbx_synchrotron_site       NSLS 
_diffrn_source.pdbx_synchrotron_beamline   X9B 
_diffrn_source.pdbx_wavelength             ? 
_diffrn_source.pdbx_wavelength_list        0.98 
# 
_reflns.entry_id                     1M8A 
_reflns.observed_criterion_sigma_I   0 
_reflns.observed_criterion_sigma_F   0 
_reflns.d_resolution_low             20 
_reflns.d_resolution_high            1.7 
_reflns.number_obs                   21953 
_reflns.number_all                   21953 
_reflns.percent_possible_obs         97.5 
_reflns.pdbx_Rmerge_I_obs            0.067 
_reflns.pdbx_Rsym_value              ? 
_reflns.pdbx_netI_over_sigmaI        23.8 
_reflns.B_iso_Wilson_estimate        ? 
_reflns.pdbx_redundancy              4.5 
_reflns.R_free_details               ? 
_reflns.limit_h_max                  ? 
_reflns.limit_h_min                  ? 
_reflns.limit_k_max                  ? 
_reflns.limit_k_min                  ? 
_reflns.limit_l_max                  ? 
_reflns.limit_l_min                  ? 
_reflns.observed_criterion_F_max     ? 
_reflns.observed_criterion_F_min     ? 
_reflns.pdbx_diffrn_id               1 
_reflns.pdbx_ordinal                 1 
# 
_reflns_shell.d_res_high             1.7 
_reflns_shell.d_res_low              1.76 
_reflns_shell.percent_possible_all   96.8 
_reflns_shell.Rmerge_I_obs           0.623 
_reflns_shell.pdbx_Rsym_value        ? 
_reflns_shell.meanI_over_sigI_obs    1.9 
_reflns_shell.pdbx_redundancy        ? 
_reflns_shell.percent_possible_obs   ? 
_reflns_shell.number_unique_all      ? 
_reflns_shell.pdbx_diffrn_id         ? 
_reflns_shell.pdbx_ordinal           1 
# 
_refine.entry_id                                 1M8A 
_refine.ls_number_reflns_obs                     19365 
_refine.ls_number_reflns_all                     19365 
_refine.pdbx_ls_sigma_I                          0 
_refine.pdbx_ls_sigma_F                          0.0 
_refine.pdbx_data_cutoff_high_absF               ? 
_refine.pdbx_data_cutoff_low_absF                ? 
_refine.ls_d_res_low                             15.00 
_refine.ls_d_res_high                            1.70 
_refine.ls_percent_reflns_obs                    97.5 
_refine.ls_R_factor_obs                          0.1931 
_refine.ls_R_factor_all                          0.1931 
_refine.ls_R_factor_R_work                       0.1897 
_refine.ls_R_factor_R_free                       0.2383 
_refine.ls_R_factor_R_free_error                 ? 
_refine.ls_R_factor_R_free_error_details         ? 
_refine.ls_percent_reflns_R_free                 4.3 
_refine.ls_number_reflns_R_free                  834 
_refine.ls_number_parameters                     4979 
_refine.ls_number_restraints                     4435 
_refine.occupancy_min                            ? 
_refine.occupancy_max                            ? 
_refine.correlation_coeff_Fo_to_Fc               ? 
_refine.correlation_coeff_Fo_to_Fc_free          ? 
_refine.B_iso_mean                               27.7 
_refine.aniso_B[1][1]                            ? 
_refine.aniso_B[2][2]                            ? 
_refine.aniso_B[3][3]                            ? 
_refine.aniso_B[1][2]                            ? 
_refine.aniso_B[1][3]                            ? 
_refine.aniso_B[2][3]                            ? 
_refine.solvent_model_details                    'MOEWS & KRETSINGER, J.MOL.BIOL.91(1973)201-228' 
_refine.solvent_model_param_ksol                 ? 
_refine.solvent_model_param_bsol                 ? 
_refine.pdbx_solvent_vdw_probe_radii             ? 
_refine.pdbx_solvent_ion_probe_radii             ? 
_refine.pdbx_solvent_shrinkage_radii             ? 
_refine.pdbx_ls_cross_valid_method               'FREE R' 
_refine.details                                  
'ANISOTROPIC SCALING APPLIED BY THE METHOD OF PARKIN, MOEZZI & HOPE, J.APPL.CRYST.28(1995)53-56' 
_refine.pdbx_starting_model                      'PDB ENTRY 1EQT' 
_refine.pdbx_method_to_determine_struct          'MOLECULAR REPLACEMENT' 
_refine.pdbx_isotropic_thermal_model             'anisotropic for sulfur, isotropic otherwise' 
_refine.pdbx_stereochemistry_target_values       'Engh & Huber' 
_refine.pdbx_stereochem_target_val_spec_case     ? 
_refine.pdbx_R_Free_selection_details            RANDOM 
_refine.pdbx_overall_ESU_R_Free                  ? 
_refine.overall_SU_B                             ? 
_refine.ls_redundancy_reflns_obs                 ? 
_refine.B_iso_min                                ? 
_refine.B_iso_max                                ? 
_refine.overall_SU_R_Cruickshank_DPI             ? 
_refine.overall_SU_R_free                        ? 
_refine.overall_SU_ML                            ? 
_refine.pdbx_overall_ESU_R                       ? 
_refine.pdbx_data_cutoff_high_rms_absF           ? 
_refine.pdbx_refine_id                           'X-RAY DIFFRACTION' 
_refine.pdbx_diffrn_id                           1 
_refine.pdbx_TLS_residual_ADP_flag               ? 
_refine.pdbx_overall_phase_error                 ? 
_refine.pdbx_overall_SU_R_free_Cruickshank_DPI   ? 
_refine.pdbx_overall_SU_R_Blow_DPI               ? 
_refine.pdbx_overall_SU_R_free_Blow_DPI          ? 
# 
_refine_analyze.entry_id                        1M8A 
_refine_analyze.Luzzati_coordinate_error_obs    ? 
_refine_analyze.Luzzati_sigma_a_obs             ? 
_refine_analyze.Luzzati_d_res_low_obs           ? 
_refine_analyze.Luzzati_coordinate_error_free   ? 
_refine_analyze.Luzzati_sigma_a_free            ? 
_refine_analyze.Luzzati_d_res_low_free          ? 
_refine_analyze.number_disordered_residues      5 
_refine_analyze.occupancy_sum_hydrogen          0.00 
_refine_analyze.occupancy_sum_non_hydrogen      1175.00 
_refine_analyze.pdbx_Luzzati_d_res_high_obs     ? 
_refine_analyze.pdbx_refine_id                  'X-RAY DIFFRACTION' 
# 
_refine_hist.pdbx_refine_id                   'X-RAY DIFFRACTION' 
_refine_hist.cycle_id                         LAST 
_refine_hist.pdbx_number_atoms_protein        1025 
_refine_hist.pdbx_number_atoms_nucleic_acid   0 
_refine_hist.pdbx_number_atoms_ligand         0 
_refine_hist.number_atoms_solvent             209 
_refine_hist.number_atoms_total               1234 
_refine_hist.d_res_high                       1.70 
_refine_hist.d_res_low                        15.00 
# 
loop_
_refine_ls_restr.type 
_refine_ls_restr.dev_ideal 
_refine_ls_restr.dev_ideal_target 
_refine_ls_restr.weight 
_refine_ls_restr.number 
_refine_ls_restr.pdbx_refine_id 
_refine_ls_restr.pdbx_restraint_function 
s_bond_d               0.007  ? ? ? 'X-RAY DIFFRACTION' ? 
s_angle_d              0.024  ? ? ? 'X-RAY DIFFRACTION' ? 
s_similar_dist         0.000  ? ? ? 'X-RAY DIFFRACTION' ? 
s_from_restr_planes    0.0284 ? ? ? 'X-RAY DIFFRACTION' ? 
s_zero_chiral_vol      0.043  ? ? ? 'X-RAY DIFFRACTION' ? 
s_non_zero_chiral_vol  0.052  ? ? ? 'X-RAY DIFFRACTION' ? 
s_anti_bump_dis_restr  0.010  ? ? ? 'X-RAY DIFFRACTION' ? 
s_rigid_bond_adp_cmpnt 0.004  ? ? ? 'X-RAY DIFFRACTION' ? 
s_similar_adp_cmpnt    0.087  ? ? ? 'X-RAY DIFFRACTION' ? 
s_approx_iso_adps      0.000  ? ? ? 'X-RAY DIFFRACTION' ? 
# 
_pdbx_refine.entry_id                                    1M8A 
_pdbx_refine.R_factor_all_no_cutoff                      0.1897 
_pdbx_refine.R_factor_obs_no_cutoff                      0.1931 
_pdbx_refine.free_R_factor_no_cutoff                     0.2383 
_pdbx_refine.free_R_val_test_set_size_perc_no_cutoff     4.3 
_pdbx_refine.free_R_val_test_set_ct_no_cutoff            834 
_pdbx_refine.R_factor_all_4sig_cutoff                    0.1761 
_pdbx_refine.R_factor_obs_4sig_cutoff                    0.1795 
_pdbx_refine.free_R_factor_4sig_cutoff                   0.2174 
_pdbx_refine.free_R_val_test_set_size_perc_4sig_cutoff   4.1 
_pdbx_refine.free_R_val_test_set_ct_4sig_cutoff          652 
_pdbx_refine.number_reflns_obs_4sig_cutoff               15730 
_pdbx_refine.number_reflns_obs_no_cutoff                 ? 
_pdbx_refine.pdbx_refine_id                              'X-RAY DIFFRACTION' 
_pdbx_refine.free_R_error_no_cutoff                      ? 
# 
_struct.entry_id                  1M8A 
_struct.title                     'Human MIP-3alpha/CCL20' 
_struct.pdbx_model_details        ? 
_struct.pdbx_CASP_flag            ? 
_struct.pdbx_model_type_details   ? 
# 
_struct_keywords.entry_id        1M8A 
_struct_keywords.pdbx_keywords   CYTOKINE 
_struct_keywords.text            'CC-chemokine, IL-8 type dimer, CYTOKINE' 
# 
loop_
_struct_asym.id 
_struct_asym.pdbx_blank_PDB_chainid_flag 
_struct_asym.pdbx_modified 
_struct_asym.entity_id 
_struct_asym.details 
A N N 1 ? 
B N N 1 ? 
C N N 2 ? 
D N N 2 ? 
E N N 2 ? 
F N N 2 ? 
G N N 2 ? 
H N N 2 ? 
I N N 2 ? 
J N N 2 ? 
K N N 2 ? 
L N N 2 ? 
M N N 3 ? 
N N N 3 ? 
# 
_struct_ref.id                         1 
_struct_ref.db_name                    UNP 
_struct_ref.db_code                    CCL20_HUMAN 
_struct_ref.entity_id                  1 
_struct_ref.pdbx_seq_one_letter_code   ASNFDCCLGYTDRILHPKFIVGFTRQLANEGCDINAIIFHTKKKLSVCANPKQTWVKYIVRLLSKKVKNM 
_struct_ref.pdbx_align_begin           27 
_struct_ref.pdbx_db_accession          P78556 
_struct_ref.pdbx_db_isoform            ? 
# 
loop_
_struct_ref_seq.align_id 
_struct_ref_seq.ref_id 
_struct_ref_seq.pdbx_PDB_id_code 
_struct_ref_seq.pdbx_strand_id 
_struct_ref_seq.seq_align_beg 
_struct_ref_seq.pdbx_seq_align_beg_ins_code 
_struct_ref_seq.seq_align_end 
_struct_ref_seq.pdbx_seq_align_end_ins_code 
_struct_ref_seq.pdbx_db_accession 
_struct_ref_seq.db_align_beg 
_struct_ref_seq.pdbx_db_align_beg_ins_code 
_struct_ref_seq.db_align_end 
_struct_ref_seq.pdbx_db_align_end_ins_code 
_struct_ref_seq.pdbx_auth_seq_align_beg 
_struct_ref_seq.pdbx_auth_seq_align_end 
1 1 1M8A A 1 ? 70 ? P78556 27 ? 96 ? 1 70 
2 1 1M8A B 1 ? 70 ? P78556 27 ? 96 ? 1 70 
# 
loop_
_pdbx_struct_assembly.id 
_pdbx_struct_assembly.details 
_pdbx_struct_assembly.method_details 
_pdbx_struct_assembly.oligomeric_details 
_pdbx_struct_assembly.oligomeric_count 
1 author_defined_assembly ? monomeric 1 
2 author_defined_assembly ? monomeric 1 
# 
loop_
_pdbx_struct_assembly_gen.assembly_id 
_pdbx_struct_assembly_gen.oper_expression 
_pdbx_struct_assembly_gen.asym_id_list 
1 1 A,C,D,E,F,G,H,I,M 
2 1 B,J,K,L,N         
# 
_pdbx_struct_oper_list.id                   1 
_pdbx_struct_oper_list.type                 'identity operation' 
_pdbx_struct_oper_list.name                 1_555 
_pdbx_struct_oper_list.symmetry_operation   x,y,z 
_pdbx_struct_oper_list.matrix[1][1]         1.0000000000 
_pdbx_struct_oper_list.matrix[1][2]         0.0000000000 
_pdbx_struct_oper_list.matrix[1][3]         0.0000000000 
_pdbx_struct_oper_list.vector[1]            0.0000000000 
_pdbx_struct_oper_list.matrix[2][1]         0.0000000000 
_pdbx_struct_oper_list.matrix[2][2]         1.0000000000 
_pdbx_struct_oper_list.matrix[2][3]         0.0000000000 
_pdbx_struct_oper_list.vector[2]            0.0000000000 
_pdbx_struct_oper_list.matrix[3][1]         0.0000000000 
_pdbx_struct_oper_list.matrix[3][2]         0.0000000000 
_pdbx_struct_oper_list.matrix[3][3]         1.0000000000 
_pdbx_struct_oper_list.vector[3]            0.0000000000 
# 
loop_
_struct_biol.id 
_struct_biol.details 
_struct_biol.pdbx_parent_biol_id 
1 'The molecule is likely a monomer' ? 
2 ?                                  ? 
# 
loop_
_struct_conf.conf_type_id 
_struct_conf.id 
_struct_conf.pdbx_PDB_helix_id 
_struct_conf.beg_label_comp_id 
_struct_conf.beg_label_asym_id 
_struct_conf.beg_label_seq_id 
_struct_conf.pdbx_beg_PDB_ins_code 
_struct_conf.end_label_comp_id 
_struct_conf.end_label_asym_id 
_struct_conf.end_label_seq_id 
_struct_conf.pdbx_end_PDB_ins_code 
_struct_conf.beg_auth_comp_id 
_struct_conf.beg_auth_asym_id 
_struct_conf.beg_auth_seq_id 
_struct_conf.end_auth_comp_id 
_struct_conf.end_auth_asym_id 
_struct_conf.end_auth_seq_id 
_struct_conf.pdbx_PDB_helix_class 
_struct_conf.details 
_struct_conf.pdbx_PDB_helix_length 
HELX_P HELX_P1 1 HIS A 16 ? LYS A 18 ? HIS A 16 LYS A 18 5 ? 3  
HELX_P HELX_P2 2 GLN A 53 ? SER A 64 ? GLN A 53 SER A 64 1 ? 12 
HELX_P HELX_P3 3 HIS B 16 ? LYS B 18 ? HIS B 16 LYS B 18 5 ? 3  
HELX_P HELX_P4 4 GLN B 53 ? SER B 64 ? GLN B 53 SER B 64 1 ? 12 
# 
_struct_conf_type.id          HELX_P 
_struct_conf_type.criteria    ? 
_struct_conf_type.reference   ? 
# 
loop_
_struct_conn.id 
_struct_conn.conn_type_id 
_struct_conn.pdbx_leaving_atom_flag 
_struct_conn.pdbx_PDB_id 
_struct_conn.ptnr1_label_asym_id 
_struct_conn.ptnr1_label_comp_id 
_struct_conn.ptnr1_label_seq_id 
_struct_conn.ptnr1_label_atom_id 
_struct_conn.pdbx_ptnr1_label_alt_id 
_struct_conn.pdbx_ptnr1_PDB_ins_code 
_struct_conn.pdbx_ptnr1_standard_comp_id 
_struct_conn.ptnr1_symmetry 
_struct_conn.ptnr2_label_asym_id 
_struct_conn.ptnr2_label_comp_id 
_struct_conn.ptnr2_label_seq_id 
_struct_conn.ptnr2_label_atom_id 
_struct_conn.pdbx_ptnr2_label_alt_id 
_struct_conn.pdbx_ptnr2_PDB_ins_code 
_struct_conn.ptnr1_auth_asym_id 
_struct_conn.ptnr1_auth_comp_id 
_struct_conn.ptnr1_auth_seq_id 
_struct_conn.ptnr2_auth_asym_id 
_struct_conn.ptnr2_auth_comp_id 
_struct_conn.ptnr2_auth_seq_id 
_struct_conn.ptnr2_symmetry 
_struct_conn.pdbx_ptnr3_label_atom_id 
_struct_conn.pdbx_ptnr3_label_seq_id 
_struct_conn.pdbx_ptnr3_label_comp_id 
_struct_conn.pdbx_ptnr3_label_asym_id 
_struct_conn.pdbx_ptnr3_label_alt_id 
_struct_conn.pdbx_ptnr3_PDB_ins_code 
_struct_conn.details 
_struct_conn.pdbx_dist_value 
_struct_conn.pdbx_value_order 
_struct_conn.pdbx_role 
disulf1 disulf ? ? A CYS 6 SG ? ? ? 1_555 A CYS 32 SG ? ? A CYS 6 A CYS 32 1_555 ? ? ? ? ? ? ? 2.053 ? ? 
disulf2 disulf ? ? A CYS 7 SG ? ? ? 1_555 A CYS 48 SG ? ? A CYS 7 A CYS 48 1_555 ? ? ? ? ? ? ? 2.051 ? ? 
disulf3 disulf ? ? B CYS 6 SG ? ? ? 1_555 B CYS 32 SG ? ? B CYS 6 B CYS 32 1_555 ? ? ? ? ? ? ? 2.027 ? ? 
disulf4 disulf ? ? B CYS 7 SG ? ? ? 1_555 B CYS 48 SG ? ? B CYS 7 B CYS 48 1_555 ? ? ? ? ? ? ? 2.030 ? ? 
# 
_struct_conn_type.id          disulf 
_struct_conn_type.criteria    ? 
_struct_conn_type.reference   ? 
# 
loop_
_pdbx_modification_feature.ordinal 
_pdbx_modification_feature.label_comp_id 
_pdbx_modification_feature.label_asym_id 
_pdbx_modification_feature.label_seq_id 
_pdbx_modification_feature.label_alt_id 
_pdbx_modification_feature.modified_residue_label_comp_id 
_pdbx_modification_feature.modified_residue_label_asym_id 
_pdbx_modification_feature.modified_residue_label_seq_id 
_pdbx_modification_feature.modified_residue_label_alt_id 
_pdbx_modification_feature.auth_comp_id 
_pdbx_modification_feature.auth_asym_id 
_pdbx_modification_feature.auth_seq_id 
_pdbx_modification_feature.PDB_ins_code 
_pdbx_modification_feature.symmetry 
_pdbx_modification_feature.modified_residue_auth_comp_id 
_pdbx_modification_feature.modified_residue_auth_asym_id 
_pdbx_modification_feature.modified_residue_auth_seq_id 
_pdbx_modification_feature.modified_residue_PDB_ins_code 
_pdbx_modification_feature.modified_residue_symmetry 
_pdbx_modification_feature.comp_id_linking_atom 
_pdbx_modification_feature.modified_residue_id_linking_atom 
_pdbx_modification_feature.modified_residue_id 
_pdbx_modification_feature.ref_pcm_id 
_pdbx_modification_feature.ref_comp_id 
_pdbx_modification_feature.type 
_pdbx_modification_feature.category 
1 CYS A 6 ? CYS A 32 ? CYS A 6 ? 1_555 CYS A 32 ? 1_555 SG SG . . . None 'Disulfide bridge' 
2 CYS A 7 ? CYS A 48 ? CYS A 7 ? 1_555 CYS A 48 ? 1_555 SG SG . . . None 'Disulfide bridge' 
3 CYS B 6 ? CYS B 32 ? CYS B 6 ? 1_555 CYS B 32 ? 1_555 SG SG . . . None 'Disulfide bridge' 
4 CYS B 7 ? CYS B 48 ? CYS B 7 ? 1_555 CYS B 48 ? 1_555 SG SG . . . None 'Disulfide bridge' 
# 
_struct_sheet.id               A 
_struct_sheet.type             ? 
_struct_sheet.number_strands   6 
_struct_sheet.details          ? 
# 
loop_
_struct_sheet_order.sheet_id 
_struct_sheet_order.range_id_1 
_struct_sheet_order.range_id_2 
_struct_sheet_order.offset 
_struct_sheet_order.sense 
A 1 2 ? anti-parallel 
A 2 3 ? anti-parallel 
A 3 4 ? anti-parallel 
A 4 5 ? anti-parallel 
A 5 6 ? anti-parallel 
# 
loop_
_struct_sheet_range.sheet_id 
_struct_sheet_range.id 
_struct_sheet_range.beg_label_comp_id 
_struct_sheet_range.beg_label_asym_id 
_struct_sheet_range.beg_label_seq_id 
_struct_sheet_range.pdbx_beg_PDB_ins_code 
_struct_sheet_range.end_label_comp_id 
_struct_sheet_range.end_label_asym_id 
_struct_sheet_range.end_label_seq_id 
_struct_sheet_range.pdbx_end_PDB_ins_code 
_struct_sheet_range.beg_auth_comp_id 
_struct_sheet_range.beg_auth_asym_id 
_struct_sheet_range.beg_auth_seq_id 
_struct_sheet_range.end_auth_comp_id 
_struct_sheet_range.end_auth_asym_id 
_struct_sheet_range.end_auth_seq_id 
A 1 SER A 46 ? ALA A 49 ? SER A 46 ALA A 49 
A 2 ALA A 36 ? THR A 41 ? ALA A 36 THR A 41 
A 3 ILE A 20 ? GLN A 26 ? ILE A 20 GLN A 26 
A 4 ILE B 20 ? GLN B 26 ? ILE B 20 GLN B 26 
A 5 ALA B 36 ? THR B 41 ? ALA B 36 THR B 41 
A 6 SER B 46 ? ALA B 49 ? SER B 46 ALA B 49 
# 
loop_
_pdbx_struct_sheet_hbond.sheet_id 
_pdbx_struct_sheet_hbond.range_id_1 
_pdbx_struct_sheet_hbond.range_id_2 
_pdbx_struct_sheet_hbond.range_1_label_atom_id 
_pdbx_struct_sheet_hbond.range_1_label_comp_id 
_pdbx_struct_sheet_hbond.range_1_label_asym_id 
_pdbx_struct_sheet_hbond.range_1_label_seq_id 
_pdbx_struct_sheet_hbond.range_1_PDB_ins_code 
_pdbx_struct_sheet_hbond.range_1_auth_atom_id 
_pdbx_struct_sheet_hbond.range_1_auth_comp_id 
_pdbx_struct_sheet_hbond.range_1_auth_asym_id 
_pdbx_struct_sheet_hbond.range_1_auth_seq_id 
_pdbx_struct_sheet_hbond.range_2_label_atom_id 
_pdbx_struct_sheet_hbond.range_2_label_comp_id 
_pdbx_struct_sheet_hbond.range_2_label_asym_id 
_pdbx_struct_sheet_hbond.range_2_label_seq_id 
_pdbx_struct_sheet_hbond.range_2_PDB_ins_code 
_pdbx_struct_sheet_hbond.range_2_auth_atom_id 
_pdbx_struct_sheet_hbond.range_2_auth_comp_id 
_pdbx_struct_sheet_hbond.range_2_auth_asym_id 
_pdbx_struct_sheet_hbond.range_2_auth_seq_id 
A 1 2 O ALA A 49 ? O ALA A 49 N ILE A 37 ? N ILE A 37 
A 2 3 O ILE A 38 ? O ILE A 38 N THR A 24 ? N THR A 24 
A 3 4 N PHE A 23 ? N PHE A 23 O PHE B 23 ? O PHE B 23 
A 4 5 N GLN B 26 ? N GLN B 26 O ALA B 36 ? O ALA B 36 
A 5 6 N ILE B 37 ? N ILE B 37 O ALA B 49 ? O ALA B 49 
# 
loop_
_struct_site.id 
_struct_site.pdbx_evidence_code 
_struct_site.pdbx_auth_asym_id 
_struct_site.pdbx_auth_comp_id 
_struct_site.pdbx_auth_seq_id 
_struct_site.pdbx_auth_ins_code 
_struct_site.pdbx_num_residues 
_struct_site.details 
AC1 Software B IPA 101 ? 3 'BINDING SITE FOR RESIDUE IPA B 101' 
AC2 Software A IPA 102 ? 2 'BINDING SITE FOR RESIDUE IPA A 102' 
AC3 Software B IPA 103 ? 6 'BINDING SITE FOR RESIDUE IPA B 103' 
AC4 Software A IPA 104 ? 3 'BINDING SITE FOR RESIDUE IPA A 104' 
AC5 Software B IPA 105 ? 3 'BINDING SITE FOR RESIDUE IPA B 105' 
AC6 Software A IPA 106 ? 4 'BINDING SITE FOR RESIDUE IPA A 106' 
AC7 Software A IPA 107 ? 5 'BINDING SITE FOR RESIDUE IPA A 107' 
AC8 Software A IPA 108 ? 3 'BINDING SITE FOR RESIDUE IPA A 108' 
AC9 Software A IPA 109 ? 2 'BINDING SITE FOR RESIDUE IPA A 109' 
BC1 Software A IPA 110 ? 5 'BINDING SITE FOR RESIDUE IPA A 110' 
# 
loop_
_struct_site_gen.id 
_struct_site_gen.site_id 
_struct_site_gen.pdbx_num_res 
_struct_site_gen.label_comp_id 
_struct_site_gen.label_asym_id 
_struct_site_gen.label_seq_id 
_struct_site_gen.pdbx_auth_ins_code 
_struct_site_gen.auth_comp_id 
_struct_site_gen.auth_asym_id 
_struct_site_gen.auth_seq_id 
_struct_site_gen.label_atom_id 
_struct_site_gen.label_alt_id 
_struct_site_gen.symmetry 
_struct_site_gen.details 
1  AC1 3 LEU B 8  ? LEU B 8   . ? 2_655 ? 
2  AC1 3 PRO B 17 ? PRO B 17  . ? 1_555 ? 
3  AC1 3 HOH N .  ? HOH B 128 . ? 1_555 ? 
4  AC2 2 HIS A 40 ? HIS A 40  . ? 1_555 ? 
5  AC2 2 HOH M .  ? HOH A 245 . ? 1_555 ? 
6  AC3 6 ASN A 29 ? ASN A 29  . ? 3_664 ? 
7  AC3 6 ASP B 5  ? ASP B 5   . ? 1_555 ? 
8  AC3 6 CYS B 7  ? CYS B 7   . ? 1_555 ? 
9  AC3 6 ILE B 38 ? ILE B 38  . ? 1_555 ? 
10 AC3 6 CYS B 48 ? CYS B 48  . ? 1_555 ? 
11 AC3 6 HOH N .  ? HOH B 246 . ? 1_555 ? 
12 AC4 3 ASP A 5  ? ASP A 5   . ? 1_555 ? 
13 AC4 3 SER A 46 ? SER A 46  . ? 1_555 ? 
14 AC4 3 CYS A 48 ? CYS A 48  . ? 1_555 ? 
15 AC5 3 ARG B 25 ? ARG B 25  . ? 1_555 ? 
16 AC5 3 PRO B 51 ? PRO B 51  . ? 1_555 ? 
17 AC5 3 HOH N .  ? HOH B 146 . ? 1_555 ? 
18 AC6 4 ILE A 14 ? ILE A 14  . ? 1_555 ? 
19 AC6 4 LEU A 15 ? LEU A 15  . ? 1_555 ? 
20 AC6 4 HIS A 16 ? HIS A 16  . ? 1_555 ? 
21 AC6 4 ILE A 20 ? ILE A 20  . ? 1_555 ? 
22 AC7 5 ARG A 25 ? ARG A 25  . ? 1_555 ? 
23 AC7 5 ILE A 37 ? ILE A 37  . ? 1_555 ? 
24 AC7 5 PRO A 51 ? PRO A 51  . ? 1_555 ? 
25 AC7 5 HOH M .  ? HOH A 182 . ? 1_555 ? 
26 AC7 5 LYS B 65 ? LYS B 65  . ? 1_555 ? 
27 AC8 3 PRO A 17 ? PRO A 17  . ? 1_555 ? 
28 AC8 3 ILE A 20 ? ILE A 20  . ? 1_555 ? 
29 AC8 3 LEU A 63 ? LEU A 63  . ? 1_555 ? 
30 AC9 2 TRP A 55 ? TRP A 55  . ? 1_555 ? 
31 AC9 2 ARG B 61 ? ARG B 61  . ? 6_555 ? 
32 BC1 5 GLY A 9  ? GLY A 9   . ? 1_555 ? 
33 BC1 5 THR A 11 ? THR A 11  . ? 1_555 ? 
34 BC1 5 CYS A 48 ? CYS A 48  . ? 1_555 ? 
35 BC1 5 HOH M .  ? HOH A 143 . ? 1_555 ? 
36 BC1 5 HOH M .  ? HOH A 153 . ? 1_555 ? 
# 
_pdbx_entry_details.entry_id                   1M8A 
_pdbx_entry_details.compound_details           ? 
_pdbx_entry_details.source_details             ? 
_pdbx_entry_details.nonpolymer_details         ? 
_pdbx_entry_details.sequence_details           ? 
_pdbx_entry_details.has_ligand_of_interest     ? 
_pdbx_entry_details.has_protein_modification   Y 
# 
_pdbx_validate_rmsd_angle.id                         1 
_pdbx_validate_rmsd_angle.PDB_model_num              1 
_pdbx_validate_rmsd_angle.auth_atom_id_1             NE 
_pdbx_validate_rmsd_angle.auth_asym_id_1             A 
_pdbx_validate_rmsd_angle.auth_comp_id_1             ARG 
_pdbx_validate_rmsd_angle.auth_seq_id_1              25 
_pdbx_validate_rmsd_angle.PDB_ins_code_1             ? 
_pdbx_validate_rmsd_angle.label_alt_id_1             B 
_pdbx_validate_rmsd_angle.auth_atom_id_2             CZ 
_pdbx_validate_rmsd_angle.auth_asym_id_2             A 
_pdbx_validate_rmsd_angle.auth_comp_id_2             ARG 
_pdbx_validate_rmsd_angle.auth_seq_id_2              25 
_pdbx_validate_rmsd_angle.PDB_ins_code_2             ? 
_pdbx_validate_rmsd_angle.label_alt_id_2             B 
_pdbx_validate_rmsd_angle.auth_atom_id_3             NH1 
_pdbx_validate_rmsd_angle.auth_asym_id_3             A 
_pdbx_validate_rmsd_angle.auth_comp_id_3             ARG 
_pdbx_validate_rmsd_angle.auth_seq_id_3              25 
_pdbx_validate_rmsd_angle.PDB_ins_code_3             ? 
_pdbx_validate_rmsd_angle.label_alt_id_3             B 
_pdbx_validate_rmsd_angle.angle_value                115.98 
_pdbx_validate_rmsd_angle.angle_target_value         120.30 
_pdbx_validate_rmsd_angle.angle_deviation            -4.32 
_pdbx_validate_rmsd_angle.angle_standard_deviation   0.50 
_pdbx_validate_rmsd_angle.linker_flag                N 
# 
_pdbx_validate_torsion.id              1 
_pdbx_validate_torsion.PDB_model_num   1 
_pdbx_validate_torsion.auth_comp_id    ASN 
_pdbx_validate_torsion.auth_asym_id    B 
_pdbx_validate_torsion.auth_seq_id     29 
_pdbx_validate_torsion.PDB_ins_code    ? 
_pdbx_validate_torsion.label_alt_id    ? 
_pdbx_validate_torsion.phi             -156.44 
_pdbx_validate_torsion.psi             -156.42 
# 
loop_
_pdbx_unobs_or_zero_occ_residues.id 
_pdbx_unobs_or_zero_occ_residues.PDB_model_num 
_pdbx_unobs_or_zero_occ_residues.polymer_flag 
_pdbx_unobs_or_zero_occ_residues.occupancy_flag 
_pdbx_unobs_or_zero_occ_residues.auth_asym_id 
_pdbx_unobs_or_zero_occ_residues.auth_comp_id 
_pdbx_unobs_or_zero_occ_residues.auth_seq_id 
_pdbx_unobs_or_zero_occ_residues.PDB_ins_code 
_pdbx_unobs_or_zero_occ_residues.label_asym_id 
_pdbx_unobs_or_zero_occ_residues.label_comp_id 
_pdbx_unobs_or_zero_occ_residues.label_seq_id 
1  1 Y 1 A ALA 1  ? A ALA 1  
2  1 Y 1 A SER 2  ? A SER 2  
3  1 Y 1 A ASN 3  ? A ASN 3  
4  1 Y 1 A PHE 4  ? A PHE 4  
5  1 Y 1 A LYS 66 ? A LYS 66 
6  1 Y 1 A VAL 67 ? A VAL 67 
7  1 Y 1 A LYS 68 ? A LYS 68 
8  1 Y 1 A ASN 69 ? A ASN 69 
9  1 Y 1 A MET 70 ? A MET 70 
10 1 Y 1 B ALA 1  ? B ALA 1  
11 1 Y 1 B SER 2  ? B SER 2  
12 1 Y 1 B ASN 3  ? B ASN 3  
13 1 Y 1 B PHE 4  ? B PHE 4  
14 1 Y 1 B LYS 66 ? B LYS 66 
15 1 Y 1 B VAL 67 ? B VAL 67 
16 1 Y 1 B LYS 68 ? B LYS 68 
17 1 Y 1 B ASN 69 ? B ASN 69 
18 1 Y 1 B MET 70 ? B MET 70 
# 
loop_
_chem_comp_atom.comp_id 
_chem_comp_atom.atom_id 
_chem_comp_atom.type_symbol 
_chem_comp_atom.pdbx_aromatic_flag 
_chem_comp_atom.pdbx_stereo_config 
_chem_comp_atom.pdbx_ordinal 
ALA N    N N N 1   
ALA CA   C N S 2   
ALA C    C N N 3   
ALA O    O N N 4   
ALA CB   C N N 5   
ALA OXT  O N N 6   
ALA H    H N N 7   
ALA H2   H N N 8   
ALA HA   H N N 9   
ALA HB1  H N N 10  
ALA HB2  H N N 11  
ALA HB3  H N N 12  
ALA HXT  H N N 13  
ARG N    N N N 14  
ARG CA   C N S 15  
ARG C    C N N 16  
ARG O    O N N 17  
ARG CB   C N N 18  
ARG CG   C N N 19  
ARG CD   C N N 20  
ARG NE   N N N 21  
ARG CZ   C N N 22  
ARG NH1  N N N 23  
ARG NH2  N N N 24  
ARG OXT  O N N 25  
ARG H    H N N 26  
ARG H2   H N N 27  
ARG HA   H N N 28  
ARG HB2  H N N 29  
ARG HB3  H N N 30  
ARG HG2  H N N 31  
ARG HG3  H N N 32  
ARG HD2  H N N 33  
ARG HD3  H N N 34  
ARG HE   H N N 35  
ARG HH11 H N N 36  
ARG HH12 H N N 37  
ARG HH21 H N N 38  
ARG HH22 H N N 39  
ARG HXT  H N N 40  
ASN N    N N N 41  
ASN CA   C N S 42  
ASN C    C N N 43  
ASN O    O N N 44  
ASN CB   C N N 45  
ASN CG   C N N 46  
ASN OD1  O N N 47  
ASN ND2  N N N 48  
ASN OXT  O N N 49  
ASN H    H N N 50  
ASN H2   H N N 51  
ASN HA   H N N 52  
ASN HB2  H N N 53  
ASN HB3  H N N 54  
ASN HD21 H N N 55  
ASN HD22 H N N 56  
ASN HXT  H N N 57  
ASP N    N N N 58  
ASP CA   C N S 59  
ASP C    C N N 60  
ASP O    O N N 61  
ASP CB   C N N 62  
ASP CG   C N N 63  
ASP OD1  O N N 64  
ASP OD2  O N N 65  
ASP OXT  O N N 66  
ASP H    H N N 67  
ASP H2   H N N 68  
ASP HA   H N N 69  
ASP HB2  H N N 70  
ASP HB3  H N N 71  
ASP HD2  H N N 72  
ASP HXT  H N N 73  
CYS N    N N N 74  
CYS CA   C N R 75  
CYS C    C N N 76  
CYS O    O N N 77  
CYS CB   C N N 78  
CYS SG   S N N 79  
CYS OXT  O N N 80  
CYS H    H N N 81  
CYS H2   H N N 82  
CYS HA   H N N 83  
CYS HB2  H N N 84  
CYS HB3  H N N 85  
CYS HG   H N N 86  
CYS HXT  H N N 87  
GLN N    N N N 88  
GLN CA   C N S 89  
GLN C    C N N 90  
GLN O    O N N 91  
GLN CB   C N N 92  
GLN CG   C N N 93  
GLN CD   C N N 94  
GLN OE1  O N N 95  
GLN NE2  N N N 96  
GLN OXT  O N N 97  
GLN H    H N N 98  
GLN H2   H N N 99  
GLN HA   H N N 100 
GLN HB2  H N N 101 
GLN HB3  H N N 102 
GLN HG2  H N N 103 
GLN HG3  H N N 104 
GLN HE21 H N N 105 
GLN HE22 H N N 106 
GLN HXT  H N N 107 
GLU N    N N N 108 
GLU CA   C N S 109 
GLU C    C N N 110 
GLU O    O N N 111 
GLU CB   C N N 112 
GLU CG   C N N 113 
GLU CD   C N N 114 
GLU OE1  O N N 115 
GLU OE2  O N N 116 
GLU OXT  O N N 117 
GLU H    H N N 118 
GLU H2   H N N 119 
GLU HA   H N N 120 
GLU HB2  H N N 121 
GLU HB3  H N N 122 
GLU HG2  H N N 123 
GLU HG3  H N N 124 
GLU HE2  H N N 125 
GLU HXT  H N N 126 
GLY N    N N N 127 
GLY CA   C N N 128 
GLY C    C N N 129 
GLY O    O N N 130 
GLY OXT  O N N 131 
GLY H    H N N 132 
GLY H2   H N N 133 
GLY HA2  H N N 134 
GLY HA3  H N N 135 
GLY HXT  H N N 136 
HIS N    N N N 137 
HIS CA   C N S 138 
HIS C    C N N 139 
HIS O    O N N 140 
HIS CB   C N N 141 
HIS CG   C Y N 142 
HIS ND1  N Y N 143 
HIS CD2  C Y N 144 
HIS CE1  C Y N 145 
HIS NE2  N Y N 146 
HIS OXT  O N N 147 
HIS H    H N N 148 
HIS H2   H N N 149 
HIS HA   H N N 150 
HIS HB2  H N N 151 
HIS HB3  H N N 152 
HIS HD1  H N N 153 
HIS HD2  H N N 154 
HIS HE1  H N N 155 
HIS HE2  H N N 156 
HIS HXT  H N N 157 
HOH O    O N N 158 
HOH H1   H N N 159 
HOH H2   H N N 160 
ILE N    N N N 161 
ILE CA   C N S 162 
ILE C    C N N 163 
ILE O    O N N 164 
ILE CB   C N S 165 
ILE CG1  C N N 166 
ILE CG2  C N N 167 
ILE CD1  C N N 168 
ILE OXT  O N N 169 
ILE H    H N N 170 
ILE H2   H N N 171 
ILE HA   H N N 172 
ILE HB   H N N 173 
ILE HG12 H N N 174 
ILE HG13 H N N 175 
ILE HG21 H N N 176 
ILE HG22 H N N 177 
ILE HG23 H N N 178 
ILE HD11 H N N 179 
ILE HD12 H N N 180 
ILE HD13 H N N 181 
ILE HXT  H N N 182 
IPA C1   C N N 183 
IPA C2   C N N 184 
IPA C3   C N N 185 
IPA O2   O N N 186 
IPA H11  H N N 187 
IPA H12  H N N 188 
IPA H13  H N N 189 
IPA H2   H N N 190 
IPA H31  H N N 191 
IPA H32  H N N 192 
IPA H33  H N N 193 
IPA HO2  H N N 194 
LEU N    N N N 195 
LEU CA   C N S 196 
LEU C    C N N 197 
LEU O    O N N 198 
LEU CB   C N N 199 
LEU CG   C N N 200 
LEU CD1  C N N 201 
LEU CD2  C N N 202 
LEU OXT  O N N 203 
LEU H    H N N 204 
LEU H2   H N N 205 
LEU HA   H N N 206 
LEU HB2  H N N 207 
LEU HB3  H N N 208 
LEU HG   H N N 209 
LEU HD11 H N N 210 
LEU HD12 H N N 211 
LEU HD13 H N N 212 
LEU HD21 H N N 213 
LEU HD22 H N N 214 
LEU HD23 H N N 215 
LEU HXT  H N N 216 
LYS N    N N N 217 
LYS CA   C N S 218 
LYS C    C N N 219 
LYS O    O N N 220 
LYS CB   C N N 221 
LYS CG   C N N 222 
LYS CD   C N N 223 
LYS CE   C N N 224 
LYS NZ   N N N 225 
LYS OXT  O N N 226 
LYS H    H N N 227 
LYS H2   H N N 228 
LYS HA   H N N 229 
LYS HB2  H N N 230 
LYS HB3  H N N 231 
LYS HG2  H N N 232 
LYS HG3  H N N 233 
LYS HD2  H N N 234 
LYS HD3  H N N 235 
LYS HE2  H N N 236 
LYS HE3  H N N 237 
LYS HZ1  H N N 238 
LYS HZ2  H N N 239 
LYS HZ3  H N N 240 
LYS HXT  H N N 241 
MET N    N N N 242 
MET CA   C N S 243 
MET C    C N N 244 
MET O    O N N 245 
MET CB   C N N 246 
MET CG   C N N 247 
MET SD   S N N 248 
MET CE   C N N 249 
MET OXT  O N N 250 
MET H    H N N 251 
MET H2   H N N 252 
MET HA   H N N 253 
MET HB2  H N N 254 
MET HB3  H N N 255 
MET HG2  H N N 256 
MET HG3  H N N 257 
MET HE1  H N N 258 
MET HE2  H N N 259 
MET HE3  H N N 260 
MET HXT  H N N 261 
PHE N    N N N 262 
PHE CA   C N S 263 
PHE C    C N N 264 
PHE O    O N N 265 
PHE CB   C N N 266 
PHE CG   C Y N 267 
PHE CD1  C Y N 268 
PHE CD2  C Y N 269 
PHE CE1  C Y N 270 
PHE CE2  C Y N 271 
PHE CZ   C Y N 272 
PHE OXT  O N N 273 
PHE H    H N N 274 
PHE H2   H N N 275 
PHE HA   H N N 276 
PHE HB2  H N N 277 
PHE HB3  H N N 278 
PHE HD1  H N N 279 
PHE HD2  H N N 280 
PHE HE1  H N N 281 
PHE HE2  H N N 282 
PHE HZ   H N N 283 
PHE HXT  H N N 284 
PRO N    N N N 285 
PRO CA   C N S 286 
PRO C    C N N 287 
PRO O    O N N 288 
PRO CB   C N N 289 
PRO CG   C N N 290 
PRO CD   C N N 291 
PRO OXT  O N N 292 
PRO H    H N N 293 
PRO HA   H N N 294 
PRO HB2  H N N 295 
PRO HB3  H N N 296 
PRO HG2  H N N 297 
PRO HG3  H N N 298 
PRO HD2  H N N 299 
PRO HD3  H N N 300 
PRO HXT  H N N 301 
SER N    N N N 302 
SER CA   C N S 303 
SER C    C N N 304 
SER O    O N N 305 
SER CB   C N N 306 
SER OG   O N N 307 
SER OXT  O N N 308 
SER H    H N N 309 
SER H2   H N N 310 
SER HA   H N N 311 
SER HB2  H N N 312 
SER HB3  H N N 313 
SER HG   H N N 314 
SER HXT  H N N 315 
THR N    N N N 316 
THR CA   C N S 317 
THR C    C N N 318 
THR O    O N N 319 
THR CB   C N R 320 
THR OG1  O N N 321 
THR CG2  C N N 322 
THR OXT  O N N 323 
THR H    H N N 324 
THR H2   H N N 325 
THR HA   H N N 326 
THR HB   H N N 327 
THR HG1  H N N 328 
THR HG21 H N N 329 
THR HG22 H N N 330 
THR HG23 H N N 331 
THR HXT  H N N 332 
TRP N    N N N 333 
TRP CA   C N S 334 
TRP C    C N N 335 
TRP O    O N N 336 
TRP CB   C N N 337 
TRP CG   C Y N 338 
TRP CD1  C Y N 339 
TRP CD2  C Y N 340 
TRP NE1  N Y N 341 
TRP CE2  C Y N 342 
TRP CE3  C Y N 343 
TRP CZ2  C Y N 344 
TRP CZ3  C Y N 345 
TRP CH2  C Y N 346 
TRP OXT  O N N 347 
TRP H    H N N 348 
TRP H2   H N N 349 
TRP HA   H N N 350 
TRP HB2  H N N 351 
TRP HB3  H N N 352 
TRP HD1  H N N 353 
TRP HE1  H N N 354 
TRP HE3  H N N 355 
TRP HZ2  H N N 356 
TRP HZ3  H N N 357 
TRP HH2  H N N 358 
TRP HXT  H N N 359 
TYR N    N N N 360 
TYR CA   C N S 361 
TYR C    C N N 362 
TYR O    O N N 363 
TYR CB   C N N 364 
TYR CG   C Y N 365 
TYR CD1  C Y N 366 
TYR CD2  C Y N 367 
TYR CE1  C Y N 368 
TYR CE2  C Y N 369 
TYR CZ   C Y N 370 
TYR OH   O N N 371 
TYR OXT  O N N 372 
TYR H    H N N 373 
TYR H2   H N N 374 
TYR HA   H N N 375 
TYR HB2  H N N 376 
TYR HB3  H N N 377 
TYR HD1  H N N 378 
TYR HD2  H N N 379 
TYR HE1  H N N 380 
TYR HE2  H N N 381 
TYR HH   H N N 382 
TYR HXT  H N N 383 
VAL N    N N N 384 
VAL CA   C N S 385 
VAL C    C N N 386 
VAL O    O N N 387 
VAL CB   C N N 388 
VAL CG1  C N N 389 
VAL CG2  C N N 390 
VAL OXT  O N N 391 
VAL H    H N N 392 
VAL H2   H N N 393 
VAL HA   H N N 394 
VAL HB   H N N 395 
VAL HG11 H N N 396 
VAL HG12 H N N 397 
VAL HG13 H N N 398 
VAL HG21 H N N 399 
VAL HG22 H N N 400 
VAL HG23 H N N 401 
VAL HXT  H N N 402 
# 
loop_
_chem_comp_bond.comp_id 
_chem_comp_bond.atom_id_1 
_chem_comp_bond.atom_id_2 
_chem_comp_bond.value_order 
_chem_comp_bond.pdbx_aromatic_flag 
_chem_comp_bond.pdbx_stereo_config 
_chem_comp_bond.pdbx_ordinal 
ALA N   CA   sing N N 1   
ALA N   H    sing N N 2   
ALA N   H2   sing N N 3   
ALA CA  C    sing N N 4   
ALA CA  CB   sing N N 5   
ALA CA  HA   sing N N 6   
ALA C   O    doub N N 7   
ALA C   OXT  sing N N 8   
ALA CB  HB1  sing N N 9   
ALA CB  HB2  sing N N 10  
ALA CB  HB3  sing N N 11  
ALA OXT HXT  sing N N 12  
ARG N   CA   sing N N 13  
ARG N   H    sing N N 14  
ARG N   H2   sing N N 15  
ARG CA  C    sing N N 16  
ARG CA  CB   sing N N 17  
ARG CA  HA   sing N N 18  
ARG C   O    doub N N 19  
ARG C   OXT  sing N N 20  
ARG CB  CG   sing N N 21  
ARG CB  HB2  sing N N 22  
ARG CB  HB3  sing N N 23  
ARG CG  CD   sing N N 24  
ARG CG  HG2  sing N N 25  
ARG CG  HG3  sing N N 26  
ARG CD  NE   sing N N 27  
ARG CD  HD2  sing N N 28  
ARG CD  HD3  sing N N 29  
ARG NE  CZ   sing N N 30  
ARG NE  HE   sing N N 31  
ARG CZ  NH1  sing N N 32  
ARG CZ  NH2  doub N N 33  
ARG NH1 HH11 sing N N 34  
ARG NH1 HH12 sing N N 35  
ARG NH2 HH21 sing N N 36  
ARG NH2 HH22 sing N N 37  
ARG OXT HXT  sing N N 38  
ASN N   CA   sing N N 39  
ASN N   H    sing N N 40  
ASN N   H2   sing N N 41  
ASN CA  C    sing N N 42  
ASN CA  CB   sing N N 43  
ASN CA  HA   sing N N 44  
ASN C   O    doub N N 45  
ASN C   OXT  sing N N 46  
ASN CB  CG   sing N N 47  
ASN CB  HB2  sing N N 48  
ASN CB  HB3  sing N N 49  
ASN CG  OD1  doub N N 50  
ASN CG  ND2  sing N N 51  
ASN ND2 HD21 sing N N 52  
ASN ND2 HD22 sing N N 53  
ASN OXT HXT  sing N N 54  
ASP N   CA   sing N N 55  
ASP N   H    sing N N 56  
ASP N   H2   sing N N 57  
ASP CA  C    sing N N 58  
ASP CA  CB   sing N N 59  
ASP CA  HA   sing N N 60  
ASP C   O    doub N N 61  
ASP C   OXT  sing N N 62  
ASP CB  CG   sing N N 63  
ASP CB  HB2  sing N N 64  
ASP CB  HB3  sing N N 65  
ASP CG  OD1  doub N N 66  
ASP CG  OD2  sing N N 67  
ASP OD2 HD2  sing N N 68  
ASP OXT HXT  sing N N 69  
CYS N   CA   sing N N 70  
CYS N   H    sing N N 71  
CYS N   H2   sing N N 72  
CYS CA  C    sing N N 73  
CYS CA  CB   sing N N 74  
CYS CA  HA   sing N N 75  
CYS C   O    doub N N 76  
CYS C   OXT  sing N N 77  
CYS CB  SG   sing N N 78  
CYS CB  HB2  sing N N 79  
CYS CB  HB3  sing N N 80  
CYS SG  HG   sing N N 81  
CYS OXT HXT  sing N N 82  
GLN N   CA   sing N N 83  
GLN N   H    sing N N 84  
GLN N   H2   sing N N 85  
GLN CA  C    sing N N 86  
GLN CA  CB   sing N N 87  
GLN CA  HA   sing N N 88  
GLN C   O    doub N N 89  
GLN C   OXT  sing N N 90  
GLN CB  CG   sing N N 91  
GLN CB  HB2  sing N N 92  
GLN CB  HB3  sing N N 93  
GLN CG  CD   sing N N 94  
GLN CG  HG2  sing N N 95  
GLN CG  HG3  sing N N 96  
GLN CD  OE1  doub N N 97  
GLN CD  NE2  sing N N 98  
GLN NE2 HE21 sing N N 99  
GLN NE2 HE22 sing N N 100 
GLN OXT HXT  sing N N 101 
GLU N   CA   sing N N 102 
GLU N   H    sing N N 103 
GLU N   H2   sing N N 104 
GLU CA  C    sing N N 105 
GLU CA  CB   sing N N 106 
GLU CA  HA   sing N N 107 
GLU C   O    doub N N 108 
GLU C   OXT  sing N N 109 
GLU CB  CG   sing N N 110 
GLU CB  HB2  sing N N 111 
GLU CB  HB3  sing N N 112 
GLU CG  CD   sing N N 113 
GLU CG  HG2  sing N N 114 
GLU CG  HG3  sing N N 115 
GLU CD  OE1  doub N N 116 
GLU CD  OE2  sing N N 117 
GLU OE2 HE2  sing N N 118 
GLU OXT HXT  sing N N 119 
GLY N   CA   sing N N 120 
GLY N   H    sing N N 121 
GLY N   H2   sing N N 122 
GLY CA  C    sing N N 123 
GLY CA  HA2  sing N N 124 
GLY CA  HA3  sing N N 125 
GLY C   O    doub N N 126 
GLY C   OXT  sing N N 127 
GLY OXT HXT  sing N N 128 
HIS N   CA   sing N N 129 
HIS N   H    sing N N 130 
HIS N   H2   sing N N 131 
HIS CA  C    sing N N 132 
HIS CA  CB   sing N N 133 
HIS CA  HA   sing N N 134 
HIS C   O    doub N N 135 
HIS C   OXT  sing N N 136 
HIS CB  CG   sing N N 137 
HIS CB  HB2  sing N N 138 
HIS CB  HB3  sing N N 139 
HIS CG  ND1  sing Y N 140 
HIS CG  CD2  doub Y N 141 
HIS ND1 CE1  doub Y N 142 
HIS ND1 HD1  sing N N 143 
HIS CD2 NE2  sing Y N 144 
HIS CD2 HD2  sing N N 145 
HIS CE1 NE2  sing Y N 146 
HIS CE1 HE1  sing N N 147 
HIS NE2 HE2  sing N N 148 
HIS OXT HXT  sing N N 149 
HOH O   H1   sing N N 150 
HOH O   H2   sing N N 151 
ILE N   CA   sing N N 152 
ILE N   H    sing N N 153 
ILE N   H2   sing N N 154 
ILE CA  C    sing N N 155 
ILE CA  CB   sing N N 156 
ILE CA  HA   sing N N 157 
ILE C   O    doub N N 158 
ILE C   OXT  sing N N 159 
ILE CB  CG1  sing N N 160 
ILE CB  CG2  sing N N 161 
ILE CB  HB   sing N N 162 
ILE CG1 CD1  sing N N 163 
ILE CG1 HG12 sing N N 164 
ILE CG1 HG13 sing N N 165 
ILE CG2 HG21 sing N N 166 
ILE CG2 HG22 sing N N 167 
ILE CG2 HG23 sing N N 168 
ILE CD1 HD11 sing N N 169 
ILE CD1 HD12 sing N N 170 
ILE CD1 HD13 sing N N 171 
ILE OXT HXT  sing N N 172 
IPA C1  C2   sing N N 173 
IPA C1  H11  sing N N 174 
IPA C1  H12  sing N N 175 
IPA C1  H13  sing N N 176 
IPA C2  C3   sing N N 177 
IPA C2  O2   sing N N 178 
IPA C2  H2   sing N N 179 
IPA C3  H31  sing N N 180 
IPA C3  H32  sing N N 181 
IPA C3  H33  sing N N 182 
IPA O2  HO2  sing N N 183 
LEU N   CA   sing N N 184 
LEU N   H    sing N N 185 
LEU N   H2   sing N N 186 
LEU CA  C    sing N N 187 
LEU CA  CB   sing N N 188 
LEU CA  HA   sing N N 189 
LEU C   O    doub N N 190 
LEU C   OXT  sing N N 191 
LEU CB  CG   sing N N 192 
LEU CB  HB2  sing N N 193 
LEU CB  HB3  sing N N 194 
LEU CG  CD1  sing N N 195 
LEU CG  CD2  sing N N 196 
LEU CG  HG   sing N N 197 
LEU CD1 HD11 sing N N 198 
LEU CD1 HD12 sing N N 199 
LEU CD1 HD13 sing N N 200 
LEU CD2 HD21 sing N N 201 
LEU CD2 HD22 sing N N 202 
LEU CD2 HD23 sing N N 203 
LEU OXT HXT  sing N N 204 
LYS N   CA   sing N N 205 
LYS N   H    sing N N 206 
LYS N   H2   sing N N 207 
LYS CA  C    sing N N 208 
LYS CA  CB   sing N N 209 
LYS CA  HA   sing N N 210 
LYS C   O    doub N N 211 
LYS C   OXT  sing N N 212 
LYS CB  CG   sing N N 213 
LYS CB  HB2  sing N N 214 
LYS CB  HB3  sing N N 215 
LYS CG  CD   sing N N 216 
LYS CG  HG2  sing N N 217 
LYS CG  HG3  sing N N 218 
LYS CD  CE   sing N N 219 
LYS CD  HD2  sing N N 220 
LYS CD  HD3  sing N N 221 
LYS CE  NZ   sing N N 222 
LYS CE  HE2  sing N N 223 
LYS CE  HE3  sing N N 224 
LYS NZ  HZ1  sing N N 225 
LYS NZ  HZ2  sing N N 226 
LYS NZ  HZ3  sing N N 227 
LYS OXT HXT  sing N N 228 
MET N   CA   sing N N 229 
MET N   H    sing N N 230 
MET N   H2   sing N N 231 
MET CA  C    sing N N 232 
MET CA  CB   sing N N 233 
MET CA  HA   sing N N 234 
MET C   O    doub N N 235 
MET C   OXT  sing N N 236 
MET CB  CG   sing N N 237 
MET CB  HB2  sing N N 238 
MET CB  HB3  sing N N 239 
MET CG  SD   sing N N 240 
MET CG  HG2  sing N N 241 
MET CG  HG3  sing N N 242 
MET SD  CE   sing N N 243 
MET CE  HE1  sing N N 244 
MET CE  HE2  sing N N 245 
MET CE  HE3  sing N N 246 
MET OXT HXT  sing N N 247 
PHE N   CA   sing N N 248 
PHE N   H    sing N N 249 
PHE N   H2   sing N N 250 
PHE CA  C    sing N N 251 
PHE CA  CB   sing N N 252 
PHE CA  HA   sing N N 253 
PHE C   O    doub N N 254 
PHE C   OXT  sing N N 255 
PHE CB  CG   sing N N 256 
PHE CB  HB2  sing N N 257 
PHE CB  HB3  sing N N 258 
PHE CG  CD1  doub Y N 259 
PHE CG  CD2  sing Y N 260 
PHE CD1 CE1  sing Y N 261 
PHE CD1 HD1  sing N N 262 
PHE CD2 CE2  doub Y N 263 
PHE CD2 HD2  sing N N 264 
PHE CE1 CZ   doub Y N 265 
PHE CE1 HE1  sing N N 266 
PHE CE2 CZ   sing Y N 267 
PHE CE2 HE2  sing N N 268 
PHE CZ  HZ   sing N N 269 
PHE OXT HXT  sing N N 270 
PRO N   CA   sing N N 271 
PRO N   CD   sing N N 272 
PRO N   H    sing N N 273 
PRO CA  C    sing N N 274 
PRO CA  CB   sing N N 275 
PRO CA  HA   sing N N 276 
PRO C   O    doub N N 277 
PRO C   OXT  sing N N 278 
PRO CB  CG   sing N N 279 
PRO CB  HB2  sing N N 280 
PRO CB  HB3  sing N N 281 
PRO CG  CD   sing N N 282 
PRO CG  HG2  sing N N 283 
PRO CG  HG3  sing N N 284 
PRO CD  HD2  sing N N 285 
PRO CD  HD3  sing N N 286 
PRO OXT HXT  sing N N 287 
SER N   CA   sing N N 288 
SER N   H    sing N N 289 
SER N   H2   sing N N 290 
SER CA  C    sing N N 291 
SER CA  CB   sing N N 292 
SER CA  HA   sing N N 293 
SER C   O    doub N N 294 
SER C   OXT  sing N N 295 
SER CB  OG   sing N N 296 
SER CB  HB2  sing N N 297 
SER CB  HB3  sing N N 298 
SER OG  HG   sing N N 299 
SER OXT HXT  sing N N 300 
THR N   CA   sing N N 301 
THR N   H    sing N N 302 
THR N   H2   sing N N 303 
THR CA  C    sing N N 304 
THR CA  CB   sing N N 305 
THR CA  HA   sing N N 306 
THR C   O    doub N N 307 
THR C   OXT  sing N N 308 
THR CB  OG1  sing N N 309 
THR CB  CG2  sing N N 310 
THR CB  HB   sing N N 311 
THR OG1 HG1  sing N N 312 
THR CG2 HG21 sing N N 313 
THR CG2 HG22 sing N N 314 
THR CG2 HG23 sing N N 315 
THR OXT HXT  sing N N 316 
TRP N   CA   sing N N 317 
TRP N   H    sing N N 318 
TRP N   H2   sing N N 319 
TRP CA  C    sing N N 320 
TRP CA  CB   sing N N 321 
TRP CA  HA   sing N N 322 
TRP C   O    doub N N 323 
TRP C   OXT  sing N N 324 
TRP CB  CG   sing N N 325 
TRP CB  HB2  sing N N 326 
TRP CB  HB3  sing N N 327 
TRP CG  CD1  doub Y N 328 
TRP CG  CD2  sing Y N 329 
TRP CD1 NE1  sing Y N 330 
TRP CD1 HD1  sing N N 331 
TRP CD2 CE2  doub Y N 332 
TRP CD2 CE3  sing Y N 333 
TRP NE1 CE2  sing Y N 334 
TRP NE1 HE1  sing N N 335 
TRP CE2 CZ2  sing Y N 336 
TRP CE3 CZ3  doub Y N 337 
TRP CE3 HE3  sing N N 338 
TRP CZ2 CH2  doub Y N 339 
TRP CZ2 HZ2  sing N N 340 
TRP CZ3 CH2  sing Y N 341 
TRP CZ3 HZ3  sing N N 342 
TRP CH2 HH2  sing N N 343 
TRP OXT HXT  sing N N 344 
TYR N   CA   sing N N 345 
TYR N   H    sing N N 346 
TYR N   H2   sing N N 347 
TYR CA  C    sing N N 348 
TYR CA  CB   sing N N 349 
TYR CA  HA   sing N N 350 
TYR C   O    doub N N 351 
TYR C   OXT  sing N N 352 
TYR CB  CG   sing N N 353 
TYR CB  HB2  sing N N 354 
TYR CB  HB3  sing N N 355 
TYR CG  CD1  doub Y N 356 
TYR CG  CD2  sing Y N 357 
TYR CD1 CE1  sing Y N 358 
TYR CD1 HD1  sing N N 359 
TYR CD2 CE2  doub Y N 360 
TYR CD2 HD2  sing N N 361 
TYR CE1 CZ   doub Y N 362 
TYR CE1 HE1  sing N N 363 
TYR CE2 CZ   sing Y N 364 
TYR CE2 HE2  sing N N 365 
TYR CZ  OH   sing N N 366 
TYR OH  HH   sing N N 367 
TYR OXT HXT  sing N N 368 
VAL N   CA   sing N N 369 
VAL N   H    sing N N 370 
VAL N   H2   sing N N 371 
VAL CA  C    sing N N 372 
VAL CA  CB   sing N N 373 
VAL CA  HA   sing N N 374 
VAL C   O    doub N N 375 
VAL C   OXT  sing N N 376 
VAL CB  CG1  sing N N 377 
VAL CB  CG2  sing N N 378 
VAL CB  HB   sing N N 379 
VAL CG1 HG11 sing N N 380 
VAL CG1 HG12 sing N N 381 
VAL CG1 HG13 sing N N 382 
VAL CG2 HG21 sing N N 383 
VAL CG2 HG22 sing N N 384 
VAL CG2 HG23 sing N N 385 
VAL OXT HXT  sing N N 386 
# 
_pdbx_initial_refinement_model.id               1 
_pdbx_initial_refinement_model.entity_id_list   ? 
_pdbx_initial_refinement_model.type             'experimental model' 
_pdbx_initial_refinement_model.source_name      PDB 
_pdbx_initial_refinement_model.accession_code   1EQT 
_pdbx_initial_refinement_model.details          'PDB ENTRY 1EQT' 
# 
_atom_sites.entry_id                    1M8A 
_atom_sites.fract_transf_matrix[1][1]   0.00504977 
_atom_sites.fract_transf_matrix[1][2]   0.00629963 
_atom_sites.fract_transf_matrix[1][3]   -0.01416488 
_atom_sites.fract_transf_matrix[2][1]   -0.00629243 
_atom_sites.fract_transf_matrix[2][2]   0.01404583 
_atom_sites.fract_transf_matrix[2][3]   -0.00537964 
_atom_sites.fract_transf_matrix[3][1]   0.00999100 
_atom_sites.fract_transf_matrix[3][2]   0.00703910 
_atom_sites.fract_transf_matrix[3][3]   0.00669233 
_atom_sites.fract_transf_vector[1]      0.535833 
_atom_sites.fract_transf_vector[2]      0.411259 
_atom_sites.fract_transf_vector[3]      0.004482 
# 
loop_
_atom_type.symbol 
C 
N 
O 
S 
# 
loop_
_atom_site.group_PDB 
_atom_site.id 
_atom_site.type_symbol 
_atom_site.label_atom_id 
_atom_site.label_alt_id 
_atom_site.label_comp_id 
_atom_site.label_asym_id 
_atom_site.label_entity_id 
_atom_site.label_seq_id 
_atom_site.pdbx_PDB_ins_code 
_atom_site.Cartn_x 
_atom_site.Cartn_y 
_atom_site.Cartn_z 
_atom_site.occupancy 
_atom_site.B_iso_or_equiv 
_atom_site.pdbx_formal_charge 
_atom_site.auth_seq_id 
_atom_site.auth_comp_id 
_atom_site.auth_asym_id 
_atom_site.auth_atom_id 
_atom_site.pdbx_PDB_model_num 
ATOM   1    N N   . ASP A 1 5  ? 12.621  11.777  -2.087  1.00 34.55  ? 5   ASP A N   1 
ATOM   2    C CA  . ASP A 1 5  ? 11.417  10.977  -1.892  1.00 53.43  ? 5   ASP A CA  1 
ATOM   3    C C   . ASP A 1 5  ? 11.431  10.267  -0.548  1.00 40.60  ? 5   ASP A C   1 
ATOM   4    O O   . ASP A 1 5  ? 10.725  9.282   -0.311  1.00 46.06  ? 5   ASP A O   1 
ATOM   5    C CB  . ASP A 1 5  ? 11.278  9.988   -3.049  1.00 77.33  ? 5   ASP A CB  1 
ATOM   6    C CG  . ASP A 1 5  ? 10.035  9.125   -3.023  1.00 95.26  ? 5   ASP A CG  1 
ATOM   7    O OD1 . ASP A 1 5  ? 10.171  7.879   -2.994  1.00 118.26 ? 5   ASP A OD1 1 
ATOM   8    O OD2 . ASP A 1 5  ? 8.907   9.662   -3.044  1.00 100.75 ? 5   ASP A OD2 1 
ATOM   9    N N   . CYS A 1 6  ? 12.213  10.719  0.436   1.00 29.52  ? 6   CYS A N   1 
ATOM   10   C CA  . CYS A 1 6  ? 12.026  10.104  1.754   1.00 26.03  ? 6   CYS A CA  1 
ATOM   11   C C   . CYS A 1 6  ? 11.090  10.872  2.677   1.00 24.07  ? 6   CYS A C   1 
ATOM   12   O O   . CYS A 1 6  ? 11.207  12.083  2.843   1.00 30.76  ? 6   CYS A O   1 
ATOM   13   C CB  . CYS A 1 6  ? 13.361  9.988   2.499   1.00 19.29  ? 6   CYS A CB  1 
ATOM   14   S SG  . CYS A 1 6  ? 14.533  8.875   1.683   1.00 22.29  ? 6   CYS A SG  1 
ATOM   15   N N   . CYS A 1 7  ? 10.164  10.203  3.366   1.00 18.85  ? 7   CYS A N   1 
ATOM   16   C CA  . CYS A 1 7  ? 9.577   10.867  4.516   1.00 15.70  ? 7   CYS A CA  1 
ATOM   17   C C   . CYS A 1 7  ? 10.651  11.304  5.495   1.00 18.48  ? 7   CYS A C   1 
ATOM   18   O O   . CYS A 1 7  ? 11.466  10.480  5.941   1.00 16.38  ? 7   CYS A O   1 
ATOM   19   C CB  . CYS A 1 7  ? 8.621   9.914   5.253   1.00 13.25  ? 7   CYS A CB  1 
ATOM   20   S SG  . CYS A 1 7  ? 7.204   9.475   4.212   1.00 19.20  ? 7   CYS A SG  1 
ATOM   21   N N   . LEU A 1 8  ? 10.640  12.589  5.852   1.00 14.23  ? 8   LEU A N   1 
ATOM   22   C CA  . LEU A 1 8  ? 11.625  13.091  6.815   1.00 16.61  ? 8   LEU A CA  1 
ATOM   23   C C   . LEU A 1 8  ? 11.023  13.194  8.201   1.00 22.28  ? 8   LEU A C   1 
ATOM   24   O O   . LEU A 1 8  ? 11.696  13.448  9.202   1.00 19.54  ? 8   LEU A O   1 
ATOM   25   C CB  . LEU A 1 8  ? 12.166  14.460  6.386   1.00 20.83  ? 8   LEU A CB  1 
ATOM   26   C CG  . LEU A 1 8  ? 12.872  14.444  5.021   1.00 35.73  ? 8   LEU A CG  1 
ATOM   27   C CD1 . LEU A 1 8  ? 13.338  15.839  4.628   1.00 38.64  ? 8   LEU A CD1 1 
ATOM   28   C CD2 . LEU A 1 8  ? 14.046  13.475  5.021   1.00 26.92  ? 8   LEU A CD2 1 
ATOM   29   N N   . GLY A 1 9  ? 9.699   12.978  8.247   1.00 18.52  ? 9   GLY A N   1 
ATOM   30   C CA  . GLY A 1 9  ? 9.030   13.038  9.550   1.00 15.73  ? 9   GLY A CA  1 
ATOM   31   C C   . GLY A 1 9  ? 7.593   12.562  9.347   1.00 16.69  ? 9   GLY A C   1 
ATOM   32   O O   . GLY A 1 9  ? 7.362   12.003  8.281   1.00 16.69  ? 9   GLY A O   1 
ATOM   33   N N   . TYR A 1 10 ? 6.691   12.760  10.295  1.00 14.03  ? 10  TYR A N   1 
ATOM   34   C CA  . TYR A 1 10 ? 5.376   12.151  10.149  1.00 15.48  ? 10  TYR A CA  1 
ATOM   35   C C   . TYR A 1 10 ? 4.316   13.230  10.207  1.00 24.49  ? 10  TYR A C   1 
ATOM   36   O O   . TYR A 1 10 ? 4.462   14.242  10.909  1.00 17.20  ? 10  TYR A O   1 
ATOM   37   C CB  . TYR A 1 10 ? 5.099   11.132  11.266  1.00 12.71  ? 10  TYR A CB  1 
ATOM   38   C CG  . TYR A 1 10 ? 6.159   10.079  11.419  1.00 16.57  ? 10  TYR A CG  1 
ATOM   39   C CD1 . TYR A 1 10 ? 6.804   9.816   12.619  1.00 19.97  ? 10  TYR A CD1 1 
ATOM   40   C CD2 . TYR A 1 10 ? 6.546   9.297   10.308  1.00 14.28  ? 10  TYR A CD2 1 
ATOM   41   C CE1 . TYR A 1 10 ? 7.779   8.842   12.749  1.00 20.03  ? 10  TYR A CE1 1 
ATOM   42   C CE2 . TYR A 1 10 ? 7.522   8.329   10.436  1.00 14.77  ? 10  TYR A CE2 1 
ATOM   43   C CZ  . TYR A 1 10 ? 8.141   8.098   11.639  1.00 18.88  ? 10  TYR A CZ  1 
ATOM   44   O OH  . TYR A 1 10 ? 9.107   7.118   11.740  1.00 18.17  ? 10  TYR A OH  1 
ATOM   45   N N   . THR A 1 11 ? 3.239   12.961  9.469   1.00 16.27  ? 11  THR A N   1 
ATOM   46   C CA  . THR A 1 11 ? 2.077   13.823  9.600   1.00 15.38  ? 11  THR A CA  1 
ATOM   47   C C   . THR A 1 11 ? 1.517   13.815  11.024  1.00 17.47  ? 11  THR A C   1 
ATOM   48   O O   . THR A 1 11 ? 1.547   12.782  11.719  1.00 16.15  ? 11  THR A O   1 
ATOM   49   C CB  . THR A 1 11 ? 0.940   13.364  8.662   1.00 21.62  ? 11  THR A CB  1 
ATOM   50   O OG1 . THR A 1 11 ? -0.040  14.400  8.648   1.00 18.86  ? 11  THR A OG1 1 
ATOM   51   C CG2 . THR A 1 11 ? 0.293   12.101  9.207   1.00 14.40  ? 11  THR A CG2 1 
ATOM   52   N N   . ASP A 1 12 ? 0.999   14.966  11.451  1.00 17.44  ? 12  ASP A N   1 
ATOM   53   C CA  . ASP A 1 12 ? 0.263   14.973  12.729  1.00 14.88  ? 12  ASP A CA  1 
ATOM   54   C C   . ASP A 1 12 ? -1.136  15.504  12.415  1.00 24.70  ? 12  ASP A C   1 
ATOM   55   O O   . ASP A 1 12 ? -1.863  15.964  13.290  1.00 18.49  ? 12  ASP A O   1 
ATOM   56   C CB  . ASP A 1 12 ? 1.002   15.752  13.814  1.00 9.48   ? 12  ASP A CB  1 
ATOM   57   C CG  . ASP A 1 12 ? 1.020   17.251  13.572  1.00 23.55  ? 12  ASP A CG  1 
ATOM   58   O OD1 . ASP A 1 12 ? 0.700   17.687  12.449  1.00 18.06  ? 12  ASP A OD1 1 
ATOM   59   O OD2 . ASP A 1 12 ? 1.392   18.006  14.506  1.00 19.36  ? 12  ASP A OD2 1 
ATOM   60   N N   . ARG A 1 13 ? -1.493  15.395  11.135  1.00 17.69  ? 13  ARG A N   1 
ATOM   61   C CA  . ARG A 1 13 ? -2.850  15.717  10.710  1.00 20.48  ? 13  ARG A CA  1 
ATOM   62   C C   . ARG A 1 13 ? -3.670  14.437  10.735  1.00 21.40  ? 13  ARG A C   1 
ATOM   63   O O   . ARG A 1 13 ? -3.124  13.338  10.655  1.00 18.60  ? 13  ARG A O   1 
ATOM   64   C CB  . ARG A 1 13 ? -2.886  16.303  9.303   1.00 32.45  ? 13  ARG A CB  1 
ATOM   65   C CG  . ARG A 1 13 ? -1.998  17.522  9.085   1.00 54.78  ? 13  ARG A CG  1 
ATOM   66   C CD  . ARG A 1 13 ? -2.709  18.532  8.192   1.00 71.24  ? 13  ARG A CD  1 
ATOM   67   N NE  . ARG A 1 13 ? -1.835  19.591  7.694   1.00 80.06  ? 13  ARG A NE  1 
ATOM   68   C CZ  . ARG A 1 13 ? -2.231  20.531  6.838   1.00 84.35  ? 13  ARG A CZ  1 
ATOM   69   N NH1 . ARG A 1 13 ? -3.487  20.534  6.398   1.00 86.10  ? 13  ARG A NH1 1 
ATOM   70   N NH2 . ARG A 1 13 ? -1.385  21.462  6.424   1.00 89.31  ? 13  ARG A NH2 1 
ATOM   71   N N   . ILE A 1 14 ? -4.986  14.556  10.815  1.00 21.63  ? 14  ILE A N   1 
ATOM   72   C CA  . ILE A 1 14 ? -5.808  13.359  10.915  1.00 21.11  ? 14  ILE A CA  1 
ATOM   73   C C   . ILE A 1 14 ? -5.705  12.454  9.704   1.00 24.56  ? 14  ILE A C   1 
ATOM   74   O O   . ILE A 1 14 ? -5.723  12.925  8.566   1.00 25.27  ? 14  ILE A O   1 
ATOM   75   C CB  . ILE A 1 14 ? -7.284  13.795  11.088  1.00 32.31  ? 14  ILE A CB  1 
ATOM   76   C CG1 . ILE A 1 14 ? -7.544  14.310  12.507  1.00 25.19  ? 14  ILE A CG1 1 
ATOM   77   C CG2 . ILE A 1 14 ? -8.262  12.700  10.696  1.00 22.92  ? 14  ILE A CG2 1 
ATOM   78   C CD1 . ILE A 1 14 ? -8.906  14.956  12.654  1.00 47.19  ? 14  ILE A CD1 1 
ATOM   79   N N   . LEU A 1 15 ? -5.639  11.157  9.974   1.00 21.61  ? 15  LEU A N   1 
ATOM   80   C CA  . LEU A 1 15 ? -5.702  10.177  8.887   1.00 24.42  ? 15  LEU A CA  1 
ATOM   81   C C   . LEU A 1 15 ? -7.115  9.615   8.783   1.00 26.30  ? 15  LEU A C   1 
ATOM   82   O O   . LEU A 1 15 ? -7.517  8.834   9.641   1.00 27.73  ? 15  LEU A O   1 
ATOM   83   C CB  . LEU A 1 15 ? -4.673  9.083   9.135   1.00 29.05  ? 15  LEU A CB  1 
ATOM   84   C CG  . LEU A 1 15 ? -3.235  9.642   9.153   1.00 29.91  ? 15  LEU A CG  1 
ATOM   85   C CD1 . LEU A 1 15 ? -2.309  8.622   9.795   1.00 22.05  ? 15  LEU A CD1 1 
ATOM   86   C CD2 . LEU A 1 15 ? -2.801  10.039  7.752   1.00 25.34  ? 15  LEU A CD2 1 
ATOM   87   N N   A HIS A 1 16 ? -7.782  10.009  7.717   0.50 24.12  ? 16  HIS A N   1 
ATOM   88   N N   B HIS A 1 16 ? -7.880  10.054  7.774   0.50 24.75  ? 16  HIS A N   1 
ATOM   89   C CA  A HIS A 1 16 ? -9.150  9.635   7.404   0.50 25.21  ? 16  HIS A CA  1 
ATOM   90   C CA  B HIS A 1 16 ? -9.238  9.529   7.623   0.50 23.82  ? 16  HIS A CA  1 
ATOM   91   C C   A HIS A 1 16 ? -9.253  8.353   6.582   0.50 21.74  ? 16  HIS A C   1 
ATOM   92   C C   B HIS A 1 16 ? -9.227  8.360   6.620   0.50 22.32  ? 16  HIS A C   1 
ATOM   93   O O   A HIS A 1 16 ? -9.037  8.403   5.369   0.50 25.58  ? 16  HIS A O   1 
ATOM   94   O O   B HIS A 1 16 ? -8.953  8.501   5.441   0.50 23.76  ? 16  HIS A O   1 
ATOM   95   C CB  A HIS A 1 16 ? -9.739  10.813  6.628   0.50 13.92  ? 16  HIS A CB  1 
ATOM   96   C CB  B HIS A 1 16 ? -10.276 10.541  7.157   0.50 21.44  ? 16  HIS A CB  1 
ATOM   97   C CG  A HIS A 1 16 ? -10.072 11.990  7.483   0.50 23.37  ? 16  HIS A CG  1 
ATOM   98   C CG  B HIS A 1 16 ? -11.702 10.072  7.279   0.50 33.27  ? 16  HIS A CG  1 
ATOM   99   N ND1 A HIS A 1 16 ? -9.455  13.215  7.338   0.50 32.65  ? 16  HIS A ND1 1 
ATOM   100  N ND1 B HIS A 1 16 ? -12.143 8.777   7.108   0.50 21.91  ? 16  HIS A ND1 1 
ATOM   101  C CD2 A HIS A 1 16 ? -10.970 12.134  8.489   0.50 13.06  ? 16  HIS A CD2 1 
ATOM   102  C CD2 B HIS A 1 16 ? -12.830 10.772  7.574   0.50 42.88  ? 16  HIS A CD2 1 
ATOM   103  C CE1 A HIS A 1 16 ? -9.960  14.062  8.221   0.50 32.16  ? 16  HIS A CE1 1 
ATOM   104  C CE1 B HIS A 1 16 ? -13.440 8.676   7.283   0.50 20.20  ? 16  HIS A CE1 1 
ATOM   105  N NE2 A HIS A 1 16 ? -10.878 13.430  8.939   0.50 27.90  ? 16  HIS A NE2 1 
ATOM   106  N NE2 B HIS A 1 16 ? -13.888 9.895   7.569   0.50 38.90  ? 16  HIS A NE2 1 
ATOM   107  N N   . PRO A 1 17 ? -9.571  7.232   7.215   1.00 24.84  ? 17  PRO A N   1 
ATOM   108  C CA  . PRO A 1 17 ? -9.635  5.946   6.526   1.00 22.12  ? 17  PRO A CA  1 
ATOM   109  C C   . PRO A 1 17 ? -10.425 5.981   5.228   1.00 26.34  ? 17  PRO A C   1 
ATOM   110  O O   . PRO A 1 17 ? -10.006 5.400   4.217   1.00 23.26  ? 17  PRO A O   1 
ATOM   111  C CB  . PRO A 1 17 ? -10.282 5.044   7.595   1.00 35.12  ? 17  PRO A CB  1 
ATOM   112  C CG  . PRO A 1 17 ? -9.770  5.618   8.891   1.00 24.49  ? 17  PRO A CG  1 
ATOM   113  C CD  . PRO A 1 17 ? -9.911  7.109   8.652   1.00 29.25  ? 17  PRO A CD  1 
ATOM   114  N N   . LYS A 1 18 ? -11.562 6.658   5.155   1.00 31.99  ? 18  LYS A N   1 
ATOM   115  C CA  . LYS A 1 18 ? -12.376 6.677   3.947   1.00 28.53  ? 18  LYS A CA  1 
ATOM   116  C C   . LYS A 1 18 ? -11.668 7.201   2.715   1.00 22.08  ? 18  LYS A C   1 
ATOM   117  O O   . LYS A 1 18 ? -12.079 6.933   1.585   1.00 30.39  ? 18  LYS A O   1 
ATOM   118  C CB  . LYS A 1 18 ? -13.626 7.543   4.196   1.00 36.52  ? 18  LYS A CB  1 
ATOM   119  C CG  . LYS A 1 18 ? -13.633 8.879   3.475   1.00 46.30  ? 18  LYS A CG  1 
ATOM   120  C CD  . LYS A 1 18 ? -14.212 9.978   4.358   1.00 71.68  ? 18  LYS A CD  1 
ATOM   121  C CE  . LYS A 1 18 ? -15.102 10.953  3.607   1.00 85.94  ? 18  LYS A CE  1 
ATOM   122  N NZ  . LYS A 1 18 ? -15.556 12.083  4.474   1.00 104.83 ? 18  LYS A NZ  1 
ATOM   123  N N   . PHE A 1 19 ? -10.600 7.983   2.870   1.00 24.89  ? 19  PHE A N   1 
ATOM   124  C CA  . PHE A 1 19 ? -9.925  8.550   1.705   1.00 20.52  ? 19  PHE A CA  1 
ATOM   125  C C   . PHE A 1 19 ? -8.681  7.759   1.292   1.00 21.64  ? 19  PHE A C   1 
ATOM   126  O O   . PHE A 1 19 ? -8.084  8.040   0.253   1.00 25.67  ? 19  PHE A O   1 
ATOM   127  C CB  . PHE A 1 19 ? -9.458  9.975   2.003   1.00 30.02  ? 19  PHE A CB  1 
ATOM   128  C CG  . PHE A 1 19 ? -10.592 10.978  2.162   1.00 49.80  ? 19  PHE A CG  1 
ATOM   129  C CD1 . PHE A 1 19 ? -11.706 10.914  1.347   1.00 52.32  ? 19  PHE A CD1 1 
ATOM   130  C CD2 . PHE A 1 19 ? -10.517 11.967  3.130   1.00 56.94  ? 19  PHE A CD2 1 
ATOM   131  C CE1 . PHE A 1 19 ? -12.744 11.819  1.481   1.00 51.35  ? 19  PHE A CE1 1 
ATOM   132  C CE2 . PHE A 1 19 ? -11.543 12.883  3.262   1.00 59.51  ? 19  PHE A CE2 1 
ATOM   133  C CZ  . PHE A 1 19 ? -12.651 12.809  2.439   1.00 53.79  ? 19  PHE A CZ  1 
ATOM   134  N N   . ILE A 1 20 ? -8.300  6.800   2.123   1.00 20.52  ? 20  ILE A N   1 
ATOM   135  C CA  . ILE A 1 20 ? -7.048  6.062   1.917   1.00 19.68  ? 20  ILE A CA  1 
ATOM   136  C C   . ILE A 1 20 ? -7.304  4.748   1.183   1.00 18.27  ? 20  ILE A C   1 
ATOM   137  O O   . ILE A 1 20 ? -8.099  3.903   1.596   1.00 17.64  ? 20  ILE A O   1 
ATOM   138  C CB  . ILE A 1 20 ? -6.373  5.812   3.267   1.00 19.03  ? 20  ILE A CB  1 
ATOM   139  C CG1 . ILE A 1 20 ? -5.991  7.112   3.985   1.00 17.30  ? 20  ILE A CG1 1 
ATOM   140  C CG2 . ILE A 1 20 ? -5.179  4.879   3.116   1.00 21.20  ? 20  ILE A CG2 1 
ATOM   141  C CD1 . ILE A 1 20 ? -5.526  6.900   5.414   1.00 23.21  ? 20  ILE A CD1 1 
ATOM   142  N N   . VAL A 1 21 ? -6.622  4.612   0.052   1.00 20.26  ? 21  VAL A N   1 
ATOM   143  C CA  . VAL A 1 21 ? -6.868  3.400   -0.743  1.00 22.21  ? 21  VAL A CA  1 
ATOM   144  C C   . VAL A 1 21 ? -5.688  2.447   -0.748  1.00 21.08  ? 21  VAL A C   1 
ATOM   145  O O   . VAL A 1 21 ? -5.797  1.317   -1.248  1.00 16.84  ? 21  VAL A O   1 
ATOM   146  C CB  . VAL A 1 21 ? -7.254  3.811   -2.171  1.00 18.91  ? 21  VAL A CB  1 
ATOM   147  C CG1 . VAL A 1 21 ? -8.539  4.643   -2.119  1.00 26.43  ? 21  VAL A CG1 1 
ATOM   148  C CG2 . VAL A 1 21 ? -6.133  4.588   -2.846  1.00 22.81  ? 21  VAL A CG2 1 
ATOM   149  N N   . GLY A 1 22 ? -4.537  2.828   -0.187  1.00 15.41  ? 22  GLY A N   1 
ATOM   150  C CA  . GLY A 1 22 ? -3.451  1.850   -0.072  1.00 13.10  ? 22  GLY A CA  1 
ATOM   151  C C   . GLY A 1 22 ? -2.279  2.475   0.669   1.00 19.66  ? 22  GLY A C   1 
ATOM   152  O O   . GLY A 1 22 ? -2.395  3.577   1.208   1.00 14.93  ? 22  GLY A O   1 
ATOM   153  N N   . PHE A 1 23 ? -1.155  1.760   0.674   1.00 11.03  ? 23  PHE A N   1 
ATOM   154  C CA  . PHE A 1 23 ? -0.019  2.372   1.392   1.00 9.25   ? 23  PHE A CA  1 
ATOM   155  C C   . PHE A 1 23 ? 1.265   1.803   0.808   1.00 14.88  ? 23  PHE A C   1 
ATOM   156  O O   . PHE A 1 23 ? 1.217   0.727   0.211   1.00 14.76  ? 23  PHE A O   1 
ATOM   157  C CB  . PHE A 1 23 ? -0.093  2.100   2.895   1.00 10.45  ? 23  PHE A CB  1 
ATOM   158  C CG  . PHE A 1 23 ? 0.206   0.633   3.229   1.00 18.06  ? 23  PHE A CG  1 
ATOM   159  C CD1 . PHE A 1 23 ? 1.447   0.174   3.640   1.00 16.73  ? 23  PHE A CD1 1 
ATOM   160  C CD2 . PHE A 1 23 ? -0.831  -0.290  3.110   1.00 21.28  ? 23  PHE A CD2 1 
ATOM   161  C CE1 . PHE A 1 23 ? 1.666   -1.159  3.909   1.00 13.65  ? 23  PHE A CE1 1 
ATOM   162  C CE2 . PHE A 1 23 ? -0.619  -1.635  3.376   1.00 19.54  ? 23  PHE A CE2 1 
ATOM   163  C CZ  . PHE A 1 23 ? 0.630   -2.070  3.778   1.00 16.56  ? 23  PHE A CZ  1 
ATOM   164  N N   A THR A 1 24 ? 2.371   2.505   0.984   0.50 14.38  ? 24  THR A N   1 
ATOM   165  N N   B THR A 1 24 ? 2.353   2.500   1.076   0.50 14.42  ? 24  THR A N   1 
ATOM   166  C CA  A THR A 1 24 ? 3.686   1.940   0.706   0.50 13.59  ? 24  THR A CA  1 
ATOM   167  C CA  B THR A 1 24 ? 3.738   2.097   0.884   0.50 16.45  ? 24  THR A CA  1 
ATOM   168  C C   A THR A 1 24 ? 4.548   2.110   1.962   0.50 18.11  ? 24  THR A C   1 
ATOM   169  C C   B THR A 1 24 ? 4.475   2.106   2.231   0.50 18.71  ? 24  THR A C   1 
ATOM   170  O O   A THR A 1 24 ? 4.336   3.048   2.737   0.50 19.12  ? 24  THR A O   1 
ATOM   171  O O   B THR A 1 24 ? 4.112   2.819   3.174   0.50 10.43  ? 24  THR A O   1 
ATOM   172  C CB  A THR A 1 24 ? 4.391   2.538   -0.518  0.50 17.01  ? 24  THR A CB  1 
ATOM   173  C CB  B THR A 1 24 ? 4.460   2.996   -0.133  0.50 14.36  ? 24  THR A CB  1 
ATOM   174  O OG1 A THR A 1 24 ? 4.559   3.951   -0.393  0.50 9.63   ? 24  THR A OG1 1 
ATOM   175  O OG1 B THR A 1 24 ? 3.852   2.859   -1.433  0.50 24.38  ? 24  THR A OG1 1 
ATOM   176  C CG2 A THR A 1 24 ? 3.549   2.261   -1.769  0.50 8.10   ? 24  THR A CG2 1 
ATOM   177  C CG2 B THR A 1 24 ? 5.909   2.577   -0.327  0.50 19.98  ? 24  THR A CG2 1 
ATOM   178  N N   A ARG A 1 25 ? 5.484   1.196   2.151   0.50 16.26  ? 25  ARG A N   1 
ATOM   179  N N   B ARG A 1 25 ? 5.514   1.297   2.342   0.50 16.65  ? 25  ARG A N   1 
ATOM   180  C CA  A ARG A 1 25 ? 6.351   1.175   3.319   0.50 16.08  ? 25  ARG A CA  1 
ATOM   181  C CA  B ARG A 1 25 ? 6.374   1.058   3.480   0.50 16.18  ? 25  ARG A CA  1 
ATOM   182  C C   A ARG A 1 25 ? 7.694   1.812   2.981   0.50 15.00  ? 25  ARG A C   1 
ATOM   183  C C   B ARG A 1 25 ? 7.805   1.533   3.229   0.50 15.53  ? 25  ARG A C   1 
ATOM   184  O O   A ARG A 1 25 ? 8.257   1.597   1.913   0.50 13.48  ? 25  ARG A O   1 
ATOM   185  O O   B ARG A 1 25 ? 8.506   0.908   2.425   0.50 7.74   ? 25  ARG A O   1 
ATOM   186  C CB  A ARG A 1 25 ? 6.610   -0.246  3.834   0.50 16.42  ? 25  ARG A CB  1 
ATOM   187  C CB  B ARG A 1 25 ? 6.429   -0.442  3.776   0.50 16.29  ? 25  ARG A CB  1 
ATOM   188  C CG  A ARG A 1 25 ? 5.365   -1.027  4.214   0.50 19.69  ? 25  ARG A CG  1 
ATOM   189  C CG  B ARG A 1 25 ? 7.042   -0.846  5.103   0.50 14.99  ? 25  ARG A CG  1 
ATOM   190  C CD  A ARG A 1 25 ? 5.407   -2.448  3.648   0.50 20.28  ? 25  ARG A CD  1 
ATOM   191  C CD  B ARG A 1 25 ? 6.917   -2.357  5.265   0.50 23.32  ? 25  ARG A CD  1 
ATOM   192  N NE  A ARG A 1 25 ? 6.228   -3.301  4.498   0.50 26.38  ? 25  ARG A NE  1 
ATOM   193  N NE  B ARG A 1 25 ? 7.913   -3.066  4.446   0.50 32.00  ? 25  ARG A NE  1 
ATOM   194  C CZ  A ARG A 1 25 ? 5.887   -3.743  5.700   0.50 28.16  ? 25  ARG A CZ  1 
ATOM   195  C CZ  B ARG A 1 25 ? 8.206   -4.344  4.693   0.50 30.74  ? 25  ARG A CZ  1 
ATOM   196  N NH1 A ARG A 1 25 ? 4.736   -3.445  6.285   0.50 28.58  ? 25  ARG A NH1 1 
ATOM   197  N NH1 B ARG A 1 25 ? 7.545   -4.908  5.699   0.50 27.03  ? 25  ARG A NH1 1 
ATOM   198  N NH2 A ARG A 1 25 ? 6.761   -4.514  6.337   0.50 30.60  ? 25  ARG A NH2 1 
ATOM   199  N NH2 B ARG A 1 25 ? 9.095   -5.024  3.992   0.50 9.21   ? 25  ARG A NH2 1 
ATOM   200  N N   . GLN A 1 26 ? 8.212   2.591   3.914   1.00 14.76  ? 26  GLN A N   1 
ATOM   201  C CA  . GLN A 1 26 ? 9.560   3.140   3.830   1.00 12.83  ? 26  GLN A CA  1 
ATOM   202  C C   . GLN A 1 26 ? 10.346  2.553   5.009   1.00 14.27  ? 26  GLN A C   1 
ATOM   203  O O   . GLN A 1 26 ? 9.924   2.740   6.153   1.00 14.25  ? 26  GLN A O   1 
ATOM   204  C CB  . GLN A 1 26 ? 9.524   4.665   3.881   1.00 13.16  ? 26  GLN A CB  1 
ATOM   205  C CG  . GLN A 1 26 ? 10.880  5.303   4.170   1.00 14.26  ? 26  GLN A CG  1 
ATOM   206  C CD  . GLN A 1 26 ? 10.769  6.824   4.251   1.00 14.91  ? 26  GLN A CD  1 
ATOM   207  O OE1 . GLN A 1 26 ? 10.138  7.470   3.404   1.00 17.73  ? 26  GLN A OE1 1 
ATOM   208  N NE2 . GLN A 1 26 ? 11.392  7.356   5.297   1.00 13.45  ? 26  GLN A NE2 1 
ATOM   209  N N   A LEU A 1 27 ? 11.437  1.848   4.745   0.50 14.58  ? 27  LEU A N   1 
ATOM   210  N N   B LEU A 1 27 ? 11.437  1.860   4.728   0.50 14.79  ? 27  LEU A N   1 
ATOM   211  C CA  A LEU A 1 27 ? 12.250  1.210   5.761   0.50 15.19  ? 27  LEU A CA  1 
ATOM   212  C CA  B LEU A 1 27 ? 12.269  1.244   5.740   0.50 15.17  ? 27  LEU A CA  1 
ATOM   213  C C   A LEU A 1 27 ? 13.573  1.957   5.925   0.50 15.59  ? 27  LEU A C   1 
ATOM   214  C C   B LEU A 1 27 ? 13.561  2.033   5.919   0.50 15.38  ? 27  LEU A C   1 
ATOM   215  O O   A LEU A 1 27 ? 14.171  2.318   4.911   0.50 13.85  ? 27  LEU A O   1 
ATOM   216  O O   B LEU A 1 27 ? 14.127  2.494   4.930   0.50 15.33  ? 27  LEU A O   1 
ATOM   217  C CB  A LEU A 1 27 ? 12.524  -0.250  5.390   0.50 17.43  ? 27  LEU A CB  1 
ATOM   218  C CB  B LEU A 1 27 ? 12.598  -0.202  5.352   0.50 17.62  ? 27  LEU A CB  1 
ATOM   219  C CG  A LEU A 1 27 ? 11.444  -1.270  5.751   0.50 21.57  ? 27  LEU A CG  1 
ATOM   220  C CG  B LEU A 1 27 ? 11.389  -1.134  5.245   0.50 24.20  ? 27  LEU A CG  1 
ATOM   221  C CD1 A LEU A 1 27 ? 10.946  -1.041  7.174   0.50 19.71  ? 27  LEU A CD1 1 
ATOM   222  C CD1 B LEU A 1 27 ? 11.818  -2.572  5.474   0.50 17.81  ? 27  LEU A CD1 1 
ATOM   223  C CD2 A LEU A 1 27 ? 10.285  -1.206  4.762   0.50 23.08  ? 27  LEU A CD2 1 
ATOM   224  C CD2 B LEU A 1 27 ? 10.306  -0.719  6.228   0.50 21.46  ? 27  LEU A CD2 1 
ATOM   225  N N   . ALA A 1 28 ? 13.994  2.158   7.165   1.00 15.77  ? 28  ALA A N   1 
ATOM   226  C CA  . ALA A 1 28 ? 15.191  2.920   7.495   1.00 16.02  ? 28  ALA A CA  1 
ATOM   227  C C   . ALA A 1 28 ? 16.492  2.255   7.050   1.00 17.18  ? 28  ALA A C   1 
ATOM   228  O O   . ALA A 1 28 ? 17.579  2.826   7.240   1.00 18.36  ? 28  ALA A O   1 
ATOM   229  C CB  . ALA A 1 28 ? 15.195  3.161   9.002   1.00 15.19  ? 28  ALA A CB  1 
ATOM   230  N N   . ASN A 1 29 ? 16.423  1.062   6.471   1.00 9.41   ? 29  ASN A N   1 
ATOM   231  C CA  . ASN A 1 29 ? 17.652  0.414   5.949   1.00 11.44  ? 29  ASN A CA  1 
ATOM   232  C C   . ASN A 1 29 ? 17.609  0.249   4.447   1.00 10.11  ? 29  ASN A C   1 
ATOM   233  O O   . ASN A 1 29 ? 18.368  -0.503  3.822   1.00 14.50  ? 29  ASN A O   1 
ATOM   234  C CB  . ASN A 1 29 ? 17.882  -0.911  6.651   1.00 19.78  ? 29  ASN A CB  1 
ATOM   235  C CG  . ASN A 1 29 ? 16.798  -1.963  6.560   1.00 21.42  ? 29  ASN A CG  1 
ATOM   236  O OD1 . ASN A 1 29 ? 16.898  -3.009  7.224   1.00 25.58  ? 29  ASN A OD1 1 
ATOM   237  N ND2 . ASN A 1 29 ? 15.773  -1.728  5.752   1.00 10.05  ? 29  ASN A ND2 1 
ATOM   238  N N   . GLU A 1 30 ? 16.702  0.969   3.775   1.00 14.73  ? 30  GLU A N   1 
ATOM   239  C CA  . GLU A 1 30 ? 16.671  0.886   2.312   1.00 16.44  ? 30  GLU A CA  1 
ATOM   240  C C   . GLU A 1 30 ? 16.955  2.236   1.668   1.00 15.15  ? 30  GLU A C   1 
ATOM   241  O O   . GLU A 1 30 ? 16.608  2.459   0.508   1.00 17.78  ? 30  GLU A O   1 
ATOM   242  C CB  . GLU A 1 30 ? 15.311  0.335   1.853   1.00 13.82  ? 30  GLU A CB  1 
ATOM   243  C CG  . GLU A 1 30 ? 15.145  -1.137  2.203   1.00 14.50  ? 30  GLU A CG  1 
ATOM   244  C CD  . GLU A 1 30 ? 13.780  -1.692  1.853   1.00 15.63  ? 30  GLU A CD  1 
ATOM   245  O OE1 . GLU A 1 30 ? 13.093  -1.067  1.023   1.00 13.30  ? 30  GLU A OE1 1 
ATOM   246  O OE2 . GLU A 1 30 ? 13.388  -2.749  2.375   1.00 19.48  ? 30  GLU A OE2 1 
ATOM   247  N N   . GLY A 1 31 ? 17.594  3.189   2.356   1.00 13.21  ? 31  GLY A N   1 
ATOM   248  C CA  . GLY A 1 31 ? 17.956  4.429   1.642   1.00 19.71  ? 31  GLY A CA  1 
ATOM   249  C C   . GLY A 1 31 ? 17.666  5.677   2.468   1.00 23.45  ? 31  GLY A C   1 
ATOM   250  O O   . GLY A 1 31 ? 18.420  6.653   2.515   1.00 17.08  ? 31  GLY A O   1 
ATOM   251  N N   . CYS A 1 32 ? 16.541  5.667   3.154   1.00 22.59  ? 32  CYS A N   1 
ATOM   252  C CA  . CYS A 1 32 ? 15.993  6.752   3.957   1.00 22.62  ? 32  CYS A CA  1 
ATOM   253  C C   . CYS A 1 32 ? 16.401  6.588   5.412   1.00 18.90  ? 32  CYS A C   1 
ATOM   254  O O   . CYS A 1 32 ? 16.774  5.494   5.817   1.00 19.37  ? 32  CYS A O   1 
ATOM   255  C CB  . CYS A 1 32 ? 14.463  6.815   3.878   1.00 19.44  ? 32  CYS A CB  1 
ATOM   256  S SG  . CYS A 1 32 ? 13.783  7.040   2.218   1.00 19.69  ? 32  CYS A SG  1 
ATOM   257  N N   . ASP A 1 33 ? 16.337  7.656   6.214   1.00 15.47  ? 33  ASP A N   1 
ATOM   258  C CA  . ASP A 1 33 ? 16.839  7.466   7.585   1.00 21.65  ? 33  ASP A CA  1 
ATOM   259  C C   . ASP A 1 33 ? 15.798  7.049   8.591   1.00 20.99  ? 33  ASP A C   1 
ATOM   260  O O   . ASP A 1 33 ? 16.165  6.686   9.724   1.00 23.52  ? 33  ASP A O   1 
ATOM   261  C CB  . ASP A 1 33 ? 17.541  8.776   7.992   1.00 34.86  ? 33  ASP A CB  1 
ATOM   262  C CG  . ASP A 1 33 ? 18.725  8.982   7.047   1.00 56.34  ? 33  ASP A CG  1 
ATOM   263  O OD1 . ASP A 1 33 ? 19.803  8.427   7.352   1.00 84.35  ? 33  ASP A OD1 1 
ATOM   264  O OD2 . ASP A 1 33 ? 18.577  9.669   6.018   1.00 60.96  ? 33  ASP A OD2 1 
ATOM   265  N N   . ILE A 1 34 ? 14.499  7.047   8.278   1.00 19.98  ? 34  ILE A N   1 
ATOM   266  C CA  . ILE A 1 34 ? 13.490  6.614   9.239   1.00 14.88  ? 34  ILE A CA  1 
ATOM   267  C C   . ILE A 1 34 ? 12.463  5.686   8.594   1.00 18.50  ? 34  ILE A C   1 
ATOM   268  O O   . ILE A 1 34 ? 12.324  5.726   7.368   1.00 15.26  ? 34  ILE A O   1 
ATOM   269  C CB  . ILE A 1 34 ? 12.705  7.807   9.829   1.00 21.87  ? 34  ILE A CB  1 
ATOM   270  C CG1 . ILE A 1 34 ? 11.831  8.523   8.796   1.00 16.69  ? 34  ILE A CG1 1 
ATOM   271  C CG2 . ILE A 1 34 ? 13.678  8.746   10.517  1.00 17.54  ? 34  ILE A CG2 1 
ATOM   272  C CD1 . ILE A 1 34 ? 11.009  9.645   9.394   1.00 15.85  ? 34  ILE A CD1 1 
ATOM   273  N N   . ASN A 1 35 ? 11.778  4.891   9.409   1.00 12.84  ? 35  ASN A N   1 
ATOM   274  C CA  . ASN A 1 35 ? 10.709  4.059   8.860   1.00 10.58  ? 35  ASN A CA  1 
ATOM   275  C C   . ASN A 1 35 ? 9.473   4.930   8.684   1.00 18.15  ? 35  ASN A C   1 
ATOM   276  O O   . ASN A 1 35 ? 9.316   5.854   9.475   1.00 18.16  ? 35  ASN A O   1 
ATOM   277  C CB  . ASN A 1 35 ? 10.353  2.925   9.801   1.00 11.93  ? 35  ASN A CB  1 
ATOM   278  C CG  . ASN A 1 35 ? 11.515  1.971   10.018  1.00 17.86  ? 35  ASN A CG  1 
ATOM   279  O OD1 . ASN A 1 35 ? 12.136  1.536   9.060   1.00 21.96  ? 35  ASN A OD1 1 
ATOM   280  N ND2 . ASN A 1 35 ? 11.794  1.685   11.288  1.00 23.92  ? 35  ASN A ND2 1 
ATOM   281  N N   . ALA A 1 36 ? 8.624   4.633   7.714   1.00 12.78  ? 36  ALA A N   1 
ATOM   282  C CA  . ALA A 1 36 ? 7.385   5.373   7.601   1.00 12.66  ? 36  ALA A CA  1 
ATOM   283  C C   . ALA A 1 36 ? 6.359   4.531   6.836   1.00 18.65  ? 36  ALA A C   1 
ATOM   284  O O   . ALA A 1 36 ? 6.733   3.714   5.997   1.00 14.03  ? 36  ALA A O   1 
ATOM   285  C CB  . ALA A 1 36 ? 7.512   6.705   6.873   1.00 12.57  ? 36  ALA A CB  1 
ATOM   286  N N   . ILE A 1 37 ? 5.108   4.797   7.154   1.00 14.10  ? 37  ILE A N   1 
ATOM   287  C CA  . ILE A 1 37 ? 4.010   4.241   6.356   1.00 13.55  ? 37  ILE A CA  1 
ATOM   288  C C   . ILE A 1 37 ? 3.485   5.405   5.518   1.00 18.32  ? 37  ILE A C   1 
ATOM   289  O O   . ILE A 1 37 ? 3.120   6.434   6.081   1.00 23.65  ? 37  ILE A O   1 
ATOM   290  C CB  . ILE A 1 37 ? 2.912   3.591   7.199   1.00 9.57   ? 37  ILE A CB  1 
ATOM   291  C CG1 . ILE A 1 37 ? 3.374   2.319   7.903   1.00 19.54  ? 37  ILE A CG1 1 
ATOM   292  C CG2 . ILE A 1 37 ? 1.673   3.330   6.331   1.00 14.26  ? 37  ILE A CG2 1 
ATOM   293  C CD1 . ILE A 1 37 ? 3.754   1.244   6.886   1.00 21.48  ? 37  ILE A CD1 1 
ATOM   294  N N   . ILE A 1 38 ? 3.507   5.236   4.202   1.00 14.10  ? 38  ILE A N   1 
ATOM   295  C CA  . ILE A 1 38 ? 3.041   6.301   3.322   1.00 14.37  ? 38  ILE A CA  1 
ATOM   296  C C   . ILE A 1 38 ? 1.662   5.931   2.811   1.00 20.58  ? 38  ILE A C   1 
ATOM   297  O O   . ILE A 1 38 ? 1.578   5.086   1.923   1.00 16.97  ? 38  ILE A O   1 
ATOM   298  C CB  . ILE A 1 38 ? 4.046   6.490   2.170   1.00 22.11  ? 38  ILE A CB  1 
ATOM   299  C CG1 . ILE A 1 38 ? 5.468   6.721   2.700   1.00 19.52  ? 38  ILE A CG1 1 
ATOM   300  C CG2 . ILE A 1 38 ? 3.616   7.592   1.219   1.00 15.56  ? 38  ILE A CG2 1 
ATOM   301  C CD1 . ILE A 1 38 ? 6.564   6.569   1.683   1.00 20.95  ? 38  ILE A CD1 1 
ATOM   302  N N   . PHE A 1 39 ? 0.610   6.537   3.357   1.00 16.22  ? 39  PHE A N   1 
ATOM   303  C CA  . PHE A 1 39 ? -0.747  6.276   2.859   1.00 15.34  ? 39  PHE A CA  1 
ATOM   304  C C   . PHE A 1 39 ? -1.015  7.016   1.565   1.00 23.05  ? 39  PHE A C   1 
ATOM   305  O O   . PHE A 1 39 ? -0.490  8.096   1.274   1.00 17.57  ? 39  PHE A O   1 
ATOM   306  C CB  . PHE A 1 39 ? -1.773  6.694   3.920   1.00 13.08  ? 39  PHE A CB  1 
ATOM   307  C CG  . PHE A 1 39 ? -1.775  5.754   5.135   1.00 12.60  ? 39  PHE A CG  1 
ATOM   308  C CD1 . PHE A 1 39 ? -1.391  6.234   6.381   1.00 11.19  ? 39  PHE A CD1 1 
ATOM   309  C CD2 . PHE A 1 39 ? -2.144  4.421   5.009   1.00 11.86  ? 39  PHE A CD2 1 
ATOM   310  C CE1 . PHE A 1 39 ? -1.399  5.371   7.461   1.00 12.23  ? 39  PHE A CE1 1 
ATOM   311  C CE2 . PHE A 1 39 ? -2.164  3.564   6.076   1.00 13.73  ? 39  PHE A CE2 1 
ATOM   312  C CZ  . PHE A 1 39 ? -1.771  4.051   7.318   1.00 17.44  ? 39  PHE A CZ  1 
ATOM   313  N N   . HIS A 1 40 ? -1.873  6.509   0.665   1.00 16.63  ? 40  HIS A N   1 
ATOM   314  C CA  . HIS A 1 40 ? -2.184  7.408   -0.456  1.00 20.41  ? 40  HIS A CA  1 
ATOM   315  C C   . HIS A 1 40 ? -3.695  7.291   -0.742  1.00 13.35  ? 40  HIS A C   1 
ATOM   316  O O   . HIS A 1 40 ? -4.276  6.312   -0.295  1.00 16.70  ? 40  HIS A O   1 
ATOM   317  C CB  . HIS A 1 40 ? -1.346  7.129   -1.696  1.00 25.54  ? 40  HIS A CB  1 
ATOM   318  C CG  . HIS A 1 40 ? -1.294  5.675   -2.048  1.00 25.90  ? 40  HIS A CG  1 
ATOM   319  N ND1 . HIS A 1 40 ? -0.275  4.836   -1.646  1.00 15.14  ? 40  HIS A ND1 1 
ATOM   320  C CD2 . HIS A 1 40 ? -2.172  4.919   -2.759  1.00 29.02  ? 40  HIS A CD2 1 
ATOM   321  C CE1 . HIS A 1 40 ? -0.515  3.626   -2.101  1.00 27.56  ? 40  HIS A CE1 1 
ATOM   322  N NE2 . HIS A 1 40 ? -1.657  3.649   -2.777  1.00 28.58  ? 40  HIS A NE2 1 
ATOM   323  N N   . THR A 1 41 ? -4.188  8.316   -1.418  1.00 24.32  ? 41  THR A N   1 
ATOM   324  C CA  . THR A 1 41 ? -5.578  8.523   -1.788  1.00 31.21  ? 41  THR A CA  1 
ATOM   325  C C   . THR A 1 41 ? -5.821  8.174   -3.255  1.00 27.98  ? 41  THR A C   1 
ATOM   326  O O   . THR A 1 41 ? -4.866  7.850   -3.988  1.00 24.05  ? 41  THR A O   1 
ATOM   327  C CB  . THR A 1 41 ? -5.962  10.003  -1.573  1.00 33.94  ? 41  THR A CB  1 
ATOM   328  O OG1 . THR A 1 41 ? -5.339  10.768  -2.617  1.00 26.21  ? 41  THR A OG1 1 
ATOM   329  C CG2 . THR A 1 41 ? -5.418  10.477  -0.240  1.00 27.17  ? 41  THR A CG2 1 
ATOM   330  N N   . LYS A 1 42 ? -7.092  8.260   -3.641  1.00 44.01  ? 42  LYS A N   1 
ATOM   331  C CA  . LYS A 1 42 ? -7.509  8.004   -5.018  1.00 49.74  ? 42  LYS A CA  1 
ATOM   332  C C   . LYS A 1 42 ? -6.739  8.932   -5.957  1.00 44.32  ? 42  LYS A C   1 
ATOM   333  O O   . LYS A 1 42 ? -6.368  8.551   -7.061  1.00 30.66  ? 42  LYS A O   1 
ATOM   334  C CB  . LYS A 1 42 ? -9.015  8.181   -5.206  1.00 56.28  ? 42  LYS A CB  1 
ATOM   335  C CG  . LYS A 1 42 ? -9.881  7.402   -4.235  1.00 70.73  ? 42  LYS A CG  1 
ATOM   336  C CD  . LYS A 1 42 ? -10.746 6.323   -4.863  1.00 79.36  ? 42  LYS A CD  1 
ATOM   337  C CE  . LYS A 1 42 ? -11.493 5.518   -3.810  1.00 75.81  ? 42  LYS A CE  1 
ATOM   338  N NZ  . LYS A 1 42 ? -11.703 4.096   -4.216  1.00 76.37  ? 42  LYS A NZ  1 
ATOM   339  N N   . LYS A 1 43 ? -6.515  10.139  -5.445  1.00 40.77  ? 43  LYS A N   1 
ATOM   340  C CA  . LYS A 1 43 ? -5.836  11.187  -6.189  1.00 52.63  ? 43  LYS A CA  1 
ATOM   341  C C   . LYS A 1 43 ? -4.331  10.959  -6.188  1.00 54.45  ? 43  LYS A C   1 
ATOM   342  O O   . LYS A 1 43 ? -3.563  11.653  -6.849  1.00 49.96  ? 43  LYS A O   1 
ATOM   343  C CB  . LYS A 1 43 ? -6.189  12.543  -5.578  1.00 66.34  ? 43  LYS A CB  1 
ATOM   344  C CG  . LYS A 1 43 ? -7.662  12.901  -5.709  1.00 82.94  ? 43  LYS A CG  1 
ATOM   345  C CD  . LYS A 1 43 ? -8.509  12.271  -4.614  1.00 93.47  ? 43  LYS A CD  1 
ATOM   346  C CE  . LYS A 1 43 ? -9.898  12.896  -4.557  1.00 96.61  ? 43  LYS A CE  1 
ATOM   347  N NZ  . LYS A 1 43 ? -10.671 12.407  -3.381  1.00 97.97  ? 43  LYS A NZ  1 
ATOM   348  N N   . LYS A 1 44 ? -3.895  9.963   -5.424  1.00 43.19  ? 44  LYS A N   1 
ATOM   349  C CA  . LYS A 1 44 ? -2.466  9.726   -5.270  1.00 41.76  ? 44  LYS A CA  1 
ATOM   350  C C   . LYS A 1 44 ? -1.823  10.895  -4.529  1.00 38.55  ? 44  LYS A C   1 
ATOM   351  O O   . LYS A 1 44 ? -0.650  11.200  -4.713  1.00 40.18  ? 44  LYS A O   1 
ATOM   352  C CB  . LYS A 1 44 ? -1.783  9.509   -6.617  1.00 56.32  ? 44  LYS A CB  1 
ATOM   353  C CG  . LYS A 1 44 ? -2.114  8.189   -7.297  1.00 64.93  ? 44  LYS A CG  1 
ATOM   354  C CD  . LYS A 1 44 ? -0.950  7.709   -8.157  1.00 73.50  ? 44  LYS A CD  1 
ATOM   355  C CE  . LYS A 1 44 ? -1.264  7.798   -9.641  1.00 77.24  ? 44  LYS A CE  1 
ATOM   356  N NZ  . LYS A 1 44 ? -0.374  8.771   -10.341 1.00 71.61  ? 44  LYS A NZ  1 
ATOM   357  N N   . LEU A 1 45 ? -2.600  11.549  -3.668  1.00 32.43  ? 45  LEU A N   1 
ATOM   358  C CA  . LEU A 1 45 ? -1.991  12.389  -2.643  1.00 35.55  ? 45  LEU A CA  1 
ATOM   359  C C   . LEU A 1 45 ? -1.418  11.483  -1.547  1.00 26.69  ? 45  LEU A C   1 
ATOM   360  O O   . LEU A 1 45 ? -2.153  10.648  -1.029  1.00 29.95  ? 45  LEU A O   1 
ATOM   361  C CB  . LEU A 1 45 ? -2.983  13.382  -2.045  1.00 49.53  ? 45  LEU A CB  1 
ATOM   362  C CG  . LEU A 1 45 ? -2.743  14.826  -2.512  1.00 71.11  ? 45  LEU A CG  1 
ATOM   363  C CD1 . LEU A 1 45 ? -2.287  14.849  -3.969  1.00 56.37  ? 45  LEU A CD1 1 
ATOM   364  C CD2 . LEU A 1 45 ? -3.990  15.668  -2.319  1.00 113.93 ? 45  LEU A CD2 1 
ATOM   365  N N   . SER A 1 46 ? -0.147  11.613  -1.210  1.00 20.36  ? 46  SER A N   1 
ATOM   366  C CA  . SER A 1 46 ? 0.541   10.734  -0.276  1.00 21.18  ? 46  SER A CA  1 
ATOM   367  C C   . SER A 1 46 ? 0.812   11.453  1.032   1.00 23.26  ? 46  SER A C   1 
ATOM   368  O O   . SER A 1 46 ? 1.082   12.655  1.011   1.00 23.03  ? 46  SER A O   1 
ATOM   369  C CB  . SER A 1 46 ? 1.849   10.238  -0.910  1.00 26.45  ? 46  SER A CB  1 
ATOM   370  O OG  . SER A 1 46 ? 1.484   9.325   -1.950  1.00 43.99  ? 46  SER A OG  1 
ATOM   371  N N   A VAL A 1 47 ? 0.730   10.744  2.146   0.50 17.50  ? 47  VAL A N   1 
ATOM   372  N N   B VAL A 1 47 ? 0.732   10.720  2.126   0.50 17.41  ? 47  VAL A N   1 
ATOM   373  C CA  A VAL A 1 47 ? 1.074   11.362  3.424   0.50 18.62  ? 47  VAL A CA  1 
ATOM   374  C CA  B VAL A 1 47 ? 0.957   11.198  3.479   0.50 19.05  ? 47  VAL A CA  1 
ATOM   375  C C   A VAL A 1 47 ? 1.848   10.396  4.316   0.50 19.79  ? 47  VAL A C   1 
ATOM   376  C C   B VAL A 1 47 ? 1.907   10.311  4.273   0.50 19.79  ? 47  VAL A C   1 
ATOM   377  O O   A VAL A 1 47 ? 1.444   9.245   4.517   0.50 19.96  ? 47  VAL A O   1 
ATOM   378  O O   B VAL A 1 47 ? 1.669   9.098   4.380   0.50 13.29  ? 47  VAL A O   1 
ATOM   379  C CB  A VAL A 1 47 ? -0.184  11.860  4.157   0.50 17.81  ? 47  VAL A CB  1 
ATOM   380  C CB  B VAL A 1 47 ? -0.385  11.253  4.245   0.50 19.35  ? 47  VAL A CB  1 
ATOM   381  C CG1 A VAL A 1 47 ? -1.060  10.683  4.571   0.50 8.94   ? 47  VAL A CG1 1 
ATOM   382  C CG1 B VAL A 1 47 ? -0.166  11.742  5.667   0.50 12.97  ? 47  VAL A CG1 1 
ATOM   383  C CG2 A VAL A 1 47 ? 0.221   12.715  5.348   0.50 13.69  ? 47  VAL A CG2 1 
ATOM   384  C CG2 B VAL A 1 47 ? -1.364  12.120  3.472   0.50 16.80  ? 47  VAL A CG2 1 
ATOM   385  N N   . CYS A 1 48 ? 2.961   10.892  4.840   1.00 21.67  ? 48  CYS A N   1 
ATOM   386  C CA  . CYS A 1 48 ? 3.876   10.157  5.706   1.00 17.85  ? 48  CYS A CA  1 
ATOM   387  C C   . CYS A 1 48 ? 3.255   9.963   7.082   1.00 12.45  ? 48  CYS A C   1 
ATOM   388  O O   . CYS A 1 48 ? 2.803   10.948  7.674   1.00 18.72  ? 48  CYS A O   1 
ATOM   389  C CB  . CYS A 1 48 ? 5.212   10.912  5.846   1.00 12.37  ? 48  CYS A CB  1 
ATOM   390  S SG  . CYS A 1 48 ? 6.064   11.179  4.272   1.00 21.96  ? 48  CYS A SG  1 
ATOM   391  N N   . ALA A 1 49 ? 3.224   8.740   7.591   1.00 13.81  ? 49  ALA A N   1 
ATOM   392  C CA  . ALA A 1 49 ? 2.692   8.386   8.895   1.00 14.24  ? 49  ALA A CA  1 
ATOM   393  C C   . ALA A 1 49 ? 3.651   7.539   9.719   1.00 20.16  ? 49  ALA A C   1 
ATOM   394  O O   . ALA A 1 49 ? 4.462   6.767   9.198   1.00 14.35  ? 49  ALA A O   1 
ATOM   395  C CB  . ALA A 1 49 ? 1.382   7.607   8.745   1.00 14.91  ? 49  ALA A CB  1 
ATOM   396  N N   . ASN A 1 50 ? 3.539   7.660   11.023  1.00 13.51  ? 50  ASN A N   1 
ATOM   397  C CA  . ASN A 1 50 ? 4.379   6.957   11.995  1.00 13.01  ? 50  ASN A CA  1 
ATOM   398  C C   . ASN A 1 50 ? 4.019   5.490   12.151  1.00 14.08  ? 50  ASN A C   1 
ATOM   399  O O   . ASN A 1 50 ? 2.915   5.159   12.619  1.00 15.28  ? 50  ASN A O   1 
ATOM   400  C CB  . ASN A 1 50 ? 4.233   7.679   13.346  1.00 17.12  ? 50  ASN A CB  1 
ATOM   401  C CG  . ASN A 1 50 ? 5.223   7.197   14.383  1.00 21.07  ? 50  ASN A CG  1 
ATOM   402  O OD1 . ASN A 1 50 ? 5.669   6.052   14.381  1.00 18.45  ? 50  ASN A OD1 1 
ATOM   403  N ND2 . ASN A 1 50 ? 5.558   8.080   15.318  1.00 18.17  ? 50  ASN A ND2 1 
ATOM   404  N N   . PRO A 1 51 ? 4.855   4.525   11.753  1.00 17.95  ? 51  PRO A N   1 
ATOM   405  C CA  . PRO A 1 51 ? 4.472   3.100   11.833  1.00 20.53  ? 51  PRO A CA  1 
ATOM   406  C C   . PRO A 1 51 ? 4.137   2.573   13.222  1.00 19.07  ? 51  PRO A C   1 
ATOM   407  O O   . PRO A 1 51 ? 3.472   1.550   13.376  1.00 20.58  ? 51  PRO A O   1 
ATOM   408  C CB  . PRO A 1 51 ? 5.743   2.362   11.368  1.00 23.80  ? 51  PRO A CB  1 
ATOM   409  C CG  . PRO A 1 51 ? 6.449   3.368   10.535  1.00 20.94  ? 51  PRO A CG  1 
ATOM   410  C CD  . PRO A 1 51 ? 6.191   4.711   11.177  1.00 16.89  ? 51  PRO A CD  1 
ATOM   411  N N   . LYS A 1 52 ? 4.606   3.247   14.263  1.00 19.87  ? 52  LYS A N   1 
ATOM   412  C CA  . LYS A 1 52 ? 4.385   2.780   15.628  1.00 21.30  ? 52  LYS A CA  1 
ATOM   413  C C   . LYS A 1 52 ? 3.067   3.250   16.200  1.00 24.42  ? 52  LYS A C   1 
ATOM   414  O O   . LYS A 1 52 ? 2.655   2.852   17.298  1.00 26.21  ? 52  LYS A O   1 
ATOM   415  C CB  . LYS A 1 52 ? 5.534   3.279   16.525  1.00 28.55  ? 52  LYS A CB  1 
ATOM   416  C CG  . LYS A 1 52 ? 6.770   2.396   16.356  1.00 37.35  ? 52  LYS A CG  1 
ATOM   417  C CD  . LYS A 1 52 ? 7.986   2.950   17.068  1.00 56.36  ? 52  LYS A CD  1 
ATOM   418  C CE  . LYS A 1 52 ? 9.275   2.426   16.452  1.00 74.69  ? 52  LYS A CE  1 
ATOM   419  N NZ  . LYS A 1 52 ? 10.490  2.879   17.188  1.00 94.36  ? 52  LYS A NZ  1 
ATOM   420  N N   . GLN A 1 53 ? 2.377   4.120   15.443  1.00 18.59  ? 53  GLN A N   1 
ATOM   421  C CA  . GLN A 1 53 ? 1.126   4.570   16.056  1.00 14.97  ? 53  GLN A CA  1 
ATOM   422  C C   . GLN A 1 53 ? 0.062   3.507   15.851  1.00 14.43  ? 53  GLN A C   1 
ATOM   423  O O   . GLN A 1 53 ? -0.084  2.995   14.743  1.00 16.67  ? 53  GLN A O   1 
ATOM   424  C CB  . GLN A 1 53 ? 0.608   5.894   15.491  1.00 14.00  ? 53  GLN A CB  1 
ATOM   425  C CG  . GLN A 1 53 ? 1.533   7.063   15.846  1.00 15.88  ? 53  GLN A CG  1 
ATOM   426  C CD  . GLN A 1 53 ? 1.262   8.330   15.085  1.00 14.95  ? 53  GLN A CD  1 
ATOM   427  O OE1 . GLN A 1 53 ? 0.566   8.393   14.071  1.00 17.67  ? 53  GLN A OE1 1 
ATOM   428  N NE2 . GLN A 1 53 ? 1.883   9.411   15.565  1.00 19.76  ? 53  GLN A NE2 1 
ATOM   429  N N   . THR A 1 54 ? -0.702  3.259   16.909  1.00 21.72  ? 54  THR A N   1 
ATOM   430  C CA  . THR A 1 54 ? -1.878  2.404   16.848  1.00 21.09  ? 54  THR A CA  1 
ATOM   431  C C   . THR A 1 54 ? -2.819  2.763   15.718  1.00 17.93  ? 54  THR A C   1 
ATOM   432  O O   . THR A 1 54 ? -3.299  1.867   15.020  1.00 17.21  ? 54  THR A O   1 
ATOM   433  C CB  . THR A 1 54 ? -2.608  2.477   18.222  1.00 20.34  ? 54  THR A CB  1 
ATOM   434  O OG1 . THR A 1 54 ? -1.681  1.953   19.172  1.00 25.95  ? 54  THR A OG1 1 
ATOM   435  C CG2 . THR A 1 54 ? -3.860  1.630   18.245  1.00 21.55  ? 54  THR A CG2 1 
ATOM   436  N N   . TRP A 1 55 ? -3.149  4.035   15.465  1.00 16.83  ? 55  TRP A N   1 
ATOM   437  C CA  . TRP A 1 55 ? -4.103  4.319   14.400  1.00 16.50  ? 55  TRP A CA  1 
ATOM   438  C C   . TRP A 1 55 ? -3.605  3.942   13.000  1.00 25.63  ? 55  TRP A C   1 
ATOM   439  O O   . TRP A 1 55 ? -4.375  3.546   12.118  1.00 19.15  ? 55  TRP A O   1 
ATOM   440  C CB  . TRP A 1 55 ? -4.422  5.818   14.402  1.00 14.28  ? 55  TRP A CB  1 
ATOM   441  C CG  . TRP A 1 55 ? -5.610  6.153   13.555  1.00 20.87  ? 55  TRP A CG  1 
ATOM   442  C CD1 . TRP A 1 55 ? -5.650  6.967   12.445  1.00 25.24  ? 55  TRP A CD1 1 
ATOM   443  C CD2 . TRP A 1 55 ? -6.951  5.677   13.763  1.00 20.17  ? 55  TRP A CD2 1 
ATOM   444  N NE1 . TRP A 1 55 ? -6.934  7.030   11.943  1.00 24.20  ? 55  TRP A NE1 1 
ATOM   445  C CE2 . TRP A 1 55 ? -7.738  6.239   12.747  1.00 27.22  ? 55  TRP A CE2 1 
ATOM   446  C CE3 . TRP A 1 55 ? -7.507  4.828   14.735  1.00 19.48  ? 55  TRP A CE3 1 
ATOM   447  C CZ2 . TRP A 1 55 ? -9.108  5.958   12.676  1.00 24.19  ? 55  TRP A CZ2 1 
ATOM   448  C CZ3 . TRP A 1 55 ? -8.866  4.559   14.654  1.00 26.79  ? 55  TRP A CZ3 1 
ATOM   449  C CH2 . TRP A 1 55 ? -9.634  5.130   13.629  1.00 23.52  ? 55  TRP A CH2 1 
ATOM   450  N N   . VAL A 1 56 ? -2.302  4.089   12.780  1.00 20.00  ? 56  VAL A N   1 
ATOM   451  C CA  . VAL A 1 56 ? -1.640  3.747   11.512  1.00 23.08  ? 56  VAL A CA  1 
ATOM   452  C C   . VAL A 1 56 ? -1.682  2.250   11.264  1.00 18.54  ? 56  VAL A C   1 
ATOM   453  O O   . VAL A 1 56 ? -1.974  1.711   10.194  1.00 19.76  ? 56  VAL A O   1 
ATOM   454  C CB  . VAL A 1 56 ? -0.178  4.244   11.547  1.00 19.09  ? 56  VAL A CB  1 
ATOM   455  C CG1 . VAL A 1 56 ? 0.654   3.796   10.343  1.00 15.01  ? 56  VAL A CG1 1 
ATOM   456  C CG2 . VAL A 1 56 ? -0.209  5.778   11.668  1.00 16.69  ? 56  VAL A CG2 1 
ATOM   457  N N   . LYS A 1 57 ? -1.380  1.499   12.333  1.00 15.64  ? 57  LYS A N   1 
ATOM   458  C CA  . LYS A 1 57 ? -1.435  0.049   12.196  1.00 21.41  ? 57  LYS A CA  1 
ATOM   459  C C   . LYS A 1 57 ? -2.850  -0.419  11.906  1.00 24.54  ? 57  LYS A C   1 
ATOM   460  O O   . LYS A 1 57 ? -3.111  -1.350  11.145  1.00 24.28  ? 57  LYS A O   1 
ATOM   461  C CB  . LYS A 1 57 ? -0.937  -0.634  13.476  1.00 24.13  ? 57  LYS A CB  1 
ATOM   462  C CG  . LYS A 1 57 ? 0.540   -0.428  13.772  1.00 18.59  ? 57  LYS A CG  1 
ATOM   463  C CD  . LYS A 1 57 ? 0.921   -1.325  14.949  1.00 27.84  ? 57  LYS A CD  1 
ATOM   464  C CE  . LYS A 1 57 ? 2.228   -0.871  15.560  1.00 33.13  ? 57  LYS A CE  1 
ATOM   465  N NZ  . LYS A 1 57 ? 1.983   -0.193  16.869  1.00 62.83  ? 57  LYS A NZ  1 
ATOM   466  N N   . TYR A 1 58 ? -3.806  0.261   12.564  1.00 15.24  ? 58  TYR A N   1 
ATOM   467  C CA  . TYR A 1 58 ? -5.198  -0.086  12.306  1.00 15.76  ? 58  TYR A CA  1 
ATOM   468  C C   . TYR A 1 58 ? -5.605  0.131   10.861  1.00 21.47  ? 58  TYR A C   1 
ATOM   469  O O   . TYR A 1 58 ? -6.301  -0.639  10.198  1.00 24.21  ? 58  TYR A O   1 
ATOM   470  C CB  . TYR A 1 58 ? -6.043  0.800   13.224  1.00 23.39  ? 58  TYR A CB  1 
ATOM   471  C CG  . TYR A 1 58 ? -7.527  0.770   12.962  1.00 22.24  ? 58  TYR A CG  1 
ATOM   472  C CD1 . TYR A 1 58 ? -8.249  -0.390  13.232  1.00 29.59  ? 58  TYR A CD1 1 
ATOM   473  C CD2 . TYR A 1 58 ? -8.172  1.892   12.458  1.00 20.17  ? 58  TYR A CD2 1 
ATOM   474  C CE1 . TYR A 1 58 ? -9.616  -0.440  12.998  1.00 30.33  ? 58  TYR A CE1 1 
ATOM   475  C CE2 . TYR A 1 58 ? -9.543  1.843   12.228  1.00 26.21  ? 58  TYR A CE2 1 
ATOM   476  C CZ  . TYR A 1 58 ? -10.245 0.687   12.503  1.00 20.79  ? 58  TYR A CZ  1 
ATOM   477  O OH  . TYR A 1 58 ? -11.599 0.638   12.272  1.00 33.82  ? 58  TYR A OH  1 
ATOM   478  N N   . ILE A 1 59 ? -5.191  1.271   10.292  1.00 18.56  ? 59  ILE A N   1 
ATOM   479  C CA  . ILE A 1 59 ? -5.633  1.499   8.921   1.00 15.75  ? 59  ILE A CA  1 
ATOM   480  C C   . ILE A 1 59 ? -4.953  0.472   8.019   1.00 26.90  ? 59  ILE A C   1 
ATOM   481  O O   . ILE A 1 59 ? -5.541  0.018   7.039   1.00 23.07  ? 59  ILE A O   1 
ATOM   482  C CB  . ILE A 1 59 ? -5.289  2.904   8.419   1.00 24.84  ? 59  ILE A CB  1 
ATOM   483  C CG1 . ILE A 1 59 ? -6.043  4.012   9.172   1.00 20.16  ? 59  ILE A CG1 1 
ATOM   484  C CG2 . ILE A 1 59 ? -5.490  3.026   6.919   1.00 21.17  ? 59  ILE A CG2 1 
ATOM   485  C CD1 . ILE A 1 59 ? -5.334  5.351   9.058   1.00 18.07  ? 59  ILE A CD1 1 
ATOM   486  N N   . VAL A 1 60 ? -3.715  0.122   8.373   1.00 19.03  ? 60  VAL A N   1 
ATOM   487  C CA  . VAL A 1 60 ? -3.016  -0.833  7.492   1.00 22.48  ? 60  VAL A CA  1 
ATOM   488  C C   . VAL A 1 60 ? -3.785  -2.148  7.553   1.00 23.87  ? 60  VAL A C   1 
ATOM   489  O O   . VAL A 1 60 ? -4.079  -2.768  6.534   1.00 24.30  ? 60  VAL A O   1 
ATOM   490  C CB  . VAL A 1 60 ? -1.541  -0.988  7.869   1.00 26.29  ? 60  VAL A CB  1 
ATOM   491  C CG1 . VAL A 1 60 ? -0.981  -2.322  7.398   1.00 20.03  ? 60  VAL A CG1 1 
ATOM   492  C CG2 . VAL A 1 60 ? -0.744  0.183   7.287   1.00 15.32  ? 60  VAL A CG2 1 
ATOM   493  N N   . ARG A 1 61 ? -4.150  -2.529  8.770   1.00 20.09  ? 61  ARG A N   1 
ATOM   494  C CA  . ARG A 1 61 ? -5.029  -3.663  9.017   1.00 30.57  ? 61  ARG A CA  1 
ATOM   495  C C   . ARG A 1 61 ? -6.316  -3.559  8.211   1.00 24.61  ? 61  ARG A C   1 
ATOM   496  O O   . ARG A 1 61 ? -6.829  -4.570  7.672   1.00 30.38  ? 61  ARG A O   1 
ATOM   497  C CB  . ARG A 1 61 ? -5.369  -3.770  10.503  1.00 32.53  ? 61  ARG A CB  1 
ATOM   498  C CG  . ARG A 1 61 ? -4.496  -4.739  11.278  1.00 43.25  ? 61  ARG A CG  1 
ATOM   499  C CD  . ARG A 1 61 ? -5.293  -5.428  12.371  1.00 51.46  ? 61  ARG A CD  1 
ATOM   500  N NE  . ARG A 1 61 ? -4.484  -6.373  13.131  1.00 55.18  ? 61  ARG A NE  1 
ATOM   501  C CZ  . ARG A 1 61 ? -4.945  -7.100  14.142  1.00 53.72  ? 61  ARG A CZ  1 
ATOM   502  N NH1 . ARG A 1 61 ? -6.212  -6.986  14.516  1.00 61.36  ? 61  ARG A NH1 1 
ATOM   503  N NH2 . ARG A 1 61 ? -4.139  -7.940  14.777  1.00 62.60  ? 61  ARG A NH2 1 
ATOM   504  N N   . LEU A 1 62 ? -6.937  -2.396  8.085   1.00 18.08  ? 62  LEU A N   1 
ATOM   505  C CA  . LEU A 1 62 ? -8.216  -2.314  7.388   1.00 17.53  ? 62  LEU A CA  1 
ATOM   506  C C   . LEU A 1 62 ? -8.061  -2.551  5.886   1.00 25.30  ? 62  LEU A C   1 
ATOM   507  O O   . LEU A 1 62 ? -8.941  -3.058  5.195   1.00 22.43  ? 62  LEU A O   1 
ATOM   508  C CB  . LEU A 1 62 ? -8.861  -0.951  7.602   1.00 23.51  ? 62  LEU A CB  1 
ATOM   509  C CG  . LEU A 1 62 ? -9.443  -0.580  8.957   1.00 30.63  ? 62  LEU A CG  1 
ATOM   510  C CD1 . LEU A 1 62 ? -10.011 0.842   8.902   1.00 33.72  ? 62  LEU A CD1 1 
ATOM   511  C CD2 . LEU A 1 62 ? -10.517 -1.569  9.400   1.00 31.68  ? 62  LEU A CD2 1 
ATOM   512  N N   . LEU A 1 63 ? -6.924  -2.145  5.336   1.00 24.12  ? 63  LEU A N   1 
ATOM   513  C CA  . LEU A 1 63 ? -6.685  -2.233  3.895   1.00 18.78  ? 63  LEU A CA  1 
ATOM   514  C C   . LEU A 1 63 ? -6.473  -3.688  3.463   1.00 24.53  ? 63  LEU A C   1 
ATOM   515  O O   . LEU A 1 63 ? -6.737  -4.025  2.315   1.00 34.99  ? 63  LEU A O   1 
ATOM   516  C CB  . LEU A 1 63 ? -5.464  -1.388  3.517   1.00 18.25  ? 63  LEU A CB  1 
ATOM   517  C CG  . LEU A 1 63 ? -5.647  0.129   3.555   1.00 21.15  ? 63  LEU A CG  1 
ATOM   518  C CD1 . LEU A 1 63 ? -4.286  0.825   3.556   1.00 19.37  ? 63  LEU A CD1 1 
ATOM   519  C CD2 . LEU A 1 63 ? -6.512  0.613   2.399   1.00 20.33  ? 63  LEU A CD2 1 
ATOM   520  N N   . SER A 1 64 ? -5.981  -4.496  4.388   1.00 19.27  ? 64  SER A N   1 
ATOM   521  C CA  . SER A 1 64 ? -5.525  -5.846  4.177   1.00 22.98  ? 64  SER A CA  1 
ATOM   522  C C   . SER A 1 64 ? -6.596  -6.919  4.385   1.00 31.57  ? 64  SER A C   1 
ATOM   523  O O   . SER A 1 64 ? -6.184  -8.084  4.389   1.00 43.25  ? 64  SER A O   1 
ATOM   524  C CB  . SER A 1 64 ? -4.368  -6.162  5.141   1.00 27.70  ? 64  SER A CB  1 
ATOM   525  O OG  . SER A 1 64 ? -3.458  -5.064  5.121   1.00 32.48  ? 64  SER A OG  1 
ATOM   526  N N   . LYS A 1 65 ? -7.837  -6.520  4.541   1.00 30.13  ? 65  LYS A N   1 
ATOM   527  C CA  . LYS A 1 65 ? -9.029  -7.279  4.849   1.00 52.59  ? 65  LYS A CA  1 
ATOM   528  C C   . LYS A 1 65 ? -10.040 -7.301  3.702   1.00 65.28  ? 65  LYS A C   1 
ATOM   529  O O   . LYS A 1 65 ? -10.968 -8.123  3.732   1.00 82.61  ? 65  LYS A O   1 
ATOM   530  C CB  . LYS A 1 65 ? -9.754  -6.699  6.074   1.00 63.75  ? 65  LYS A CB  1 
ATOM   531  C CG  . LYS A 1 65 ? -9.249  -7.188  7.419   1.00 75.82  ? 65  LYS A CG  1 
ATOM   532  C CD  . LYS A 1 65 ? -9.777  -6.320  8.551   1.00 88.26  ? 65  LYS A CD  1 
ATOM   533  C CE  . LYS A 1 65 ? -10.733 -7.084  9.453   1.00 98.88  ? 65  LYS A CE  1 
ATOM   534  N NZ  . LYS A 1 65 ? -10.809 -6.487  10.834  1.00 113.19 ? 65  LYS A NZ  1 
ATOM   535  N N   . ASP B 1 5  ? -6.236  4.802   -12.464 1.00 43.24  ? 5   ASP B N   1 
ATOM   536  C CA  . ASP B 1 5  ? -6.124  3.812   -13.538 1.00 52.16  ? 5   ASP B CA  1 
ATOM   537  C C   . ASP B 1 5  ? -6.568  2.427   -13.082 1.00 42.32  ? 5   ASP B C   1 
ATOM   538  O O   . ASP B 1 5  ? -5.816  1.709   -12.406 1.00 40.01  ? 5   ASP B O   1 
ATOM   539  C CB  . ASP B 1 5  ? -4.694  3.726   -14.067 1.00 55.18  ? 5   ASP B CB  1 
ATOM   540  C CG  . ASP B 1 5  ? -4.636  3.582   -15.574 1.00 58.58  ? 5   ASP B CG  1 
ATOM   541  O OD1 . ASP B 1 5  ? -5.399  4.306   -16.249 1.00 66.29  ? 5   ASP B OD1 1 
ATOM   542  O OD2 . ASP B 1 5  ? -3.846  2.770   -16.099 1.00 72.34  ? 5   ASP B OD2 1 
ATOM   543  N N   . CYS B 1 6  ? -7.798  2.037   -13.450 1.00 19.09  ? 6   CYS B N   1 
ATOM   544  C CA  . CYS B 1 6  ? -8.212  0.715   -12.976 1.00 17.76  ? 6   CYS B CA  1 
ATOM   545  C C   . CYS B 1 6  ? -7.407  -0.423  -13.592 1.00 15.88  ? 6   CYS B C   1 
ATOM   546  O O   . CYS B 1 6  ? -7.119  -0.391  -14.783 1.00 15.33  ? 6   CYS B O   1 
ATOM   547  C CB  . CYS B 1 6  ? -9.688  0.475   -13.319 1.00 20.60  ? 6   CYS B CB  1 
ATOM   548  S SG  . CYS B 1 6  ? -10.819 1.641   -12.530 1.00 21.95  ? 6   CYS B SG  1 
ATOM   549  N N   . CYS B 1 7  ? -7.116  -1.456  -12.810 1.00 13.40  ? 7   CYS B N   1 
ATOM   550  C CA  . CYS B 1 7  ? -6.673  -2.716  -13.387 1.00 12.53  ? 7   CYS B CA  1 
ATOM   551  C C   . CYS B 1 7  ? -7.777  -3.295  -14.280 1.00 15.96  ? 7   CYS B C   1 
ATOM   552  O O   . CYS B 1 7  ? -8.936  -3.235  -13.836 1.00 14.38  ? 7   CYS B O   1 
ATOM   553  C CB  . CYS B 1 7  ? -6.405  -3.727  -12.252 1.00 8.67   ? 7   CYS B CB  1 
ATOM   554  S SG  . CYS B 1 7  ? -5.086  -3.188  -11.122 1.00 14.38  ? 7   CYS B SG  1 
ATOM   555  N N   . LEU B 1 8  ? -7.427  -3.840  -15.427 1.00 15.21  ? 8   LEU B N   1 
ATOM   556  C CA  . LEU B 1 8  ? -8.360  -4.470  -16.359 1.00 16.14  ? 8   LEU B CA  1 
ATOM   557  C C   . LEU B 1 8  ? -8.067  -5.963  -16.465 1.00 17.45  ? 8   LEU B C   1 
ATOM   558  O O   . LEU B 1 8  ? -8.722  -6.739  -17.172 1.00 15.15  ? 8   LEU B O   1 
ATOM   559  C CB  . LEU B 1 8  ? -8.247  -3.826  -17.742 1.00 22.95  ? 8   LEU B CB  1 
ATOM   560  C CG  . LEU B 1 8  ? -8.532  -2.320  -17.796 1.00 25.00  ? 8   LEU B CG  1 
ATOM   561  C CD1 . LEU B 1 8  ? -8.366  -1.792  -19.210 1.00 24.59  ? 8   LEU B CD1 1 
ATOM   562  C CD2 . LEU B 1 8  ? -9.930  -2.014  -17.278 1.00 24.97  ? 8   LEU B CD2 1 
ATOM   563  N N   . GLY B 1 9  ? -7.019  -6.364  -15.749 1.00 7.71   ? 9   GLY B N   1 
ATOM   564  C CA  . GLY B 1 9  ? -6.569  -7.751  -15.718 1.00 10.61  ? 9   GLY B CA  1 
ATOM   565  C C   . GLY B 1 9  ? -5.458  -7.909  -14.680 1.00 12.58  ? 9   GLY B C   1 
ATOM   566  O O   . GLY B 1 9  ? -5.191  -6.935  -13.953 1.00 12.79  ? 9   GLY B O   1 
ATOM   567  N N   . TYR B 1 10 ? -4.830  -9.079  -14.630 1.00 11.75  ? 10  TYR B N   1 
ATOM   568  C CA  . TYR B 1 10 ? -3.912  -9.481  -13.590 1.00 9.52   ? 10  TYR B CA  1 
ATOM   569  C C   . TYR B 1 10 ? -2.596  -10.032 -14.130 1.00 11.08  ? 10  TYR B C   1 
ATOM   570  O O   . TYR B 1 10 ? -2.585  -10.694 -15.162 1.00 13.21  ? 10  TYR B O   1 
ATOM   571  C CB  . TYR B 1 10 ? -4.536  -10.586 -12.716 1.00 10.32  ? 10  TYR B CB  1 
ATOM   572  C CG  . TYR B 1 10 ? -5.922  -10.248 -12.188 1.00 10.17  ? 10  TYR B CG  1 
ATOM   573  C CD1 . TYR B 1 10 ? -7.007  -11.078 -12.486 1.00 15.58  ? 10  TYR B CD1 1 
ATOM   574  C CD2 . TYR B 1 10 ? -6.171  -9.137  -11.410 1.00 12.09  ? 10  TYR B CD2 1 
ATOM   575  C CE1 . TYR B 1 10 ? -8.287  -10.814 -12.029 1.00 14.25  ? 10  TYR B CE1 1 
ATOM   576  C CE2 . TYR B 1 10 ? -7.439  -8.844  -10.929 1.00 11.45  ? 10  TYR B CE2 1 
ATOM   577  C CZ  . TYR B 1 10 ? -8.496  -9.680  -11.243 1.00 13.90  ? 10  TYR B CZ  1 
ATOM   578  O OH  . TYR B 1 10 ? -9.771  -9.405  -10.768 1.00 15.41  ? 10  TYR B OH  1 
ATOM   579  N N   . THR B 1 11 ? -1.502  -9.800  -13.411 1.00 11.34  ? 11  THR B N   1 
ATOM   580  C CA  . THR B 1 11 ? -0.234  -10.417 -13.734 1.00 8.61   ? 11  THR B CA  1 
ATOM   581  C C   . THR B 1 11 ? -0.338  -11.945 -13.714 1.00 10.86  ? 11  THR B C   1 
ATOM   582  O O   . THR B 1 11 ? -1.139  -12.535 -12.987 1.00 14.30  ? 11  THR B O   1 
ATOM   583  C CB  . THR B 1 11 ? 0.837   -9.902  -12.754 1.00 7.91   ? 11  THR B CB  1 
ATOM   584  O OG1 . THR B 1 11 ? 2.108   -10.362 -13.240 1.00 14.82  ? 11  THR B OG1 1 
ATOM   585  C CG2 . THR B 1 11 ? 0.668   -10.469 -11.361 1.00 14.96  ? 11  THR B CG2 1 
ATOM   586  N N   . ASP B 1 12 ? 0.489   -12.613 -14.530 1.00 12.23  ? 12  ASP B N   1 
ATOM   587  C CA  . ASP B 1 12 ? 0.498   -14.057 -14.642 1.00 18.93  ? 12  ASP B CA  1 
ATOM   588  C C   . ASP B 1 12 ? 1.686   -14.673 -13.904 1.00 28.31  ? 12  ASP B C   1 
ATOM   589  O O   . ASP B 1 12 ? 1.809   -15.895 -13.959 1.00 30.34  ? 12  ASP B O   1 
ATOM   590  C CB  . ASP B 1 12 ? 0.588   -14.511 -16.107 1.00 19.28  ? 12  ASP B CB  1 
ATOM   591  C CG  . ASP B 1 12 ? 1.868   -14.061 -16.780 1.00 29.48  ? 12  ASP B CG  1 
ATOM   592  O OD1 . ASP B 1 12 ? 2.564   -13.156 -16.274 1.00 32.02  ? 12  ASP B OD1 1 
ATOM   593  O OD2 . ASP B 1 12 ? 2.203   -14.609 -17.855 1.00 54.24  ? 12  ASP B OD2 1 
ATOM   594  N N   . ARG B 1 13 ? 2.480   -13.818 -13.291 1.00 28.08  ? 13  ARG B N   1 
ATOM   595  C CA  . ARG B 1 13 ? 3.699   -14.163 -12.577 1.00 42.78  ? 13  ARG B CA  1 
ATOM   596  C C   . ARG B 1 13 ? 3.621   -13.805 -11.091 1.00 29.24  ? 13  ARG B C   1 
ATOM   597  O O   . ARG B 1 13 ? 3.045   -12.793 -10.722 1.00 22.49  ? 13  ARG B O   1 
ATOM   598  C CB  . ARG B 1 13 ? 4.925   -13.446 -13.157 1.00 46.10  ? 13  ARG B CB  1 
ATOM   599  C CG  . ARG B 1 13 ? 4.827   -13.121 -14.635 1.00 69.03  ? 13  ARG B CG  1 
ATOM   600  C CD  . ARG B 1 13 ? 6.096   -13.432 -15.404 1.00 76.48  ? 13  ARG B CD  1 
ATOM   601  N NE  . ARG B 1 13 ? 5.830   -14.051 -16.698 1.00 79.25  ? 13  ARG B NE  1 
ATOM   602  C CZ  . ARG B 1 13 ? 5.913   -15.349 -16.959 1.00 90.48  ? 13  ARG B CZ  1 
ATOM   603  N NH1 . ARG B 1 13 ? 6.259   -16.234 -16.031 1.00 95.96  ? 13  ARG B NH1 1 
ATOM   604  N NH2 . ARG B 1 13 ? 5.641   -15.780 -18.187 1.00 112.57 ? 13  ARG B NH2 1 
ATOM   605  N N   . ILE B 1 14 ? 4.201   -14.633 -10.243 1.00 18.61  ? 14  ILE B N   1 
ATOM   606  C CA  . ILE B 1 14 ? 4.351   -14.317 -8.826  1.00 18.12  ? 14  ILE B CA  1 
ATOM   607  C C   . ILE B 1 14 ? 5.348   -13.163 -8.733  1.00 24.54  ? 14  ILE B C   1 
ATOM   608  O O   . ILE B 1 14 ? 6.322   -13.212 -9.495  1.00 27.85  ? 14  ILE B O   1 
ATOM   609  C CB  . ILE B 1 14 ? 4.915   -15.504 -8.038  1.00 20.35  ? 14  ILE B CB  1 
ATOM   610  C CG1 . ILE B 1 14 ? 4.050   -16.767 -7.975  1.00 36.05  ? 14  ILE B CG1 1 
ATOM   611  C CG2 . ILE B 1 14 ? 5.274   -15.074 -6.622  1.00 20.31  ? 14  ILE B CG2 1 
ATOM   612  C CD1 . ILE B 1 14 ? 4.570   -17.755 -6.942  1.00 27.28  ? 14  ILE B CD1 1 
ATOM   613  N N   . LEU B 1 15 ? 5.167   -12.164 -7.884  1.00 20.93  ? 15  LEU B N   1 
ATOM   614  C CA  . LEU B 1 15 ? 6.168   -11.071 -7.840  1.00 20.58  ? 15  LEU B CA  1 
ATOM   615  C C   . LEU B 1 15 ? 6.891   -11.141 -6.519  1.00 19.46  ? 15  LEU B C   1 
ATOM   616  O O   . LEU B 1 15 ? 6.210   -11.171 -5.484  1.00 25.72  ? 15  LEU B O   1 
ATOM   617  C CB  . LEU B 1 15 ? 5.449   -9.747  -8.006  1.00 26.63  ? 15  LEU B CB  1 
ATOM   618  C CG  . LEU B 1 15 ? 6.163   -8.444  -7.670  1.00 43.00  ? 15  LEU B CG  1 
ATOM   619  C CD1 . LEU B 1 15 ? 7.142   -8.048  -8.763  1.00 38.51  ? 15  LEU B CD1 1 
ATOM   620  C CD2 . LEU B 1 15 ? 5.128   -7.340  -7.449  1.00 45.37  ? 15  LEU B CD2 1 
ATOM   621  N N   . HIS B 1 16 ? 8.210   -11.180 -6.497  1.00 19.12  ? 16  HIS B N   1 
ATOM   622  C CA  . HIS B 1 16 ? 8.860   -11.450 -5.204  1.00 17.33  ? 16  HIS B CA  1 
ATOM   623  C C   . HIS B 1 16 ? 8.713   -10.309 -4.211  1.00 14.59  ? 16  HIS B C   1 
ATOM   624  O O   . HIS B 1 16 ? 8.918   -9.150  -4.522  1.00 17.06  ? 16  HIS B O   1 
ATOM   625  C CB  . HIS B 1 16 ? 10.339  -11.736 -5.455  1.00 13.93  ? 16  HIS B CB  1 
ATOM   626  C CG  . HIS B 1 16 ? 10.979  -12.382 -4.272  1.00 18.02  ? 16  HIS B CG  1 
ATOM   627  N ND1 . HIS B 1 16 ? 11.048  -11.778 -3.046  1.00 14.26  ? 16  HIS B ND1 1 
ATOM   628  C CD2 . HIS B 1 16 ? 11.549  -13.606 -4.135  1.00 22.58  ? 16  HIS B CD2 1 
ATOM   629  C CE1 . HIS B 1 16 ? 11.643  -12.581 -2.175  1.00 18.06  ? 16  HIS B CE1 1 
ATOM   630  N NE2 . HIS B 1 16 ? 11.958  -13.689 -2.828  1.00 21.10  ? 16  HIS B NE2 1 
ATOM   631  N N   . PRO B 1 17 ? 8.338   -10.632 -2.976  1.00 16.89  ? 17  PRO B N   1 
ATOM   632  C CA  . PRO B 1 17 ? 8.153   -9.633  -1.948  1.00 15.92  ? 17  PRO B CA  1 
ATOM   633  C C   . PRO B 1 17 ? 9.364   -8.745  -1.735  1.00 14.78  ? 17  PRO B C   1 
ATOM   634  O O   . PRO B 1 17 ? 9.239   -7.635  -1.233  1.00 14.69  ? 17  PRO B O   1 
ATOM   635  C CB  . PRO B 1 17 ? 7.955   -10.454 -0.657  1.00 21.36  ? 17  PRO B CB  1 
ATOM   636  C CG  . PRO B 1 17 ? 7.653   -11.837 -1.094  1.00 21.94  ? 17  PRO B CG  1 
ATOM   637  C CD  . PRO B 1 17 ? 8.039   -12.003 -2.527  1.00 22.46  ? 17  PRO B CD  1 
ATOM   638  N N   . LYS B 1 18 ? 10.563  -9.190  -2.097  1.00 18.50  ? 18  LYS B N   1 
ATOM   639  C CA  . LYS B 1 18 ? 11.715  -8.330  -1.833  1.00 14.77  ? 18  LYS B CA  1 
ATOM   640  C C   . LYS B 1 18 ? 11.727  -7.117  -2.757  1.00 15.07  ? 18  LYS B C   1 
ATOM   641  O O   . LYS B 1 18 ? 12.565  -6.217  -2.574  1.00 15.54  ? 18  LYS B O   1 
ATOM   642  C CB  . LYS B 1 18 ? 13.023  -9.114  -2.006  1.00 9.64   ? 18  LYS B CB  1 
ATOM   643  C CG  . LYS B 1 18 ? 13.228  -9.497  -3.468  1.00 11.45  ? 18  LYS B CG  1 
ATOM   644  C CD  . LYS B 1 18 ? 14.203  -10.670 -3.568  1.00 12.95  ? 18  LYS B CD  1 
ATOM   645  C CE  . LYS B 1 18 ? 14.567  -10.954 -5.015  1.00 18.86  ? 18  LYS B CE  1 
ATOM   646  N NZ  . LYS B 1 18 ? 15.476  -12.130 -5.144  1.00 17.50  ? 18  LYS B NZ  1 
ATOM   647  N N   . PHE B 1 19 ? 10.828  -7.085  -3.744  1.00 12.25  ? 19  PHE B N   1 
ATOM   648  C CA  . PHE B 1 19 ? 10.717  -5.913  -4.599  1.00 10.52  ? 19  PHE B CA  1 
ATOM   649  C C   . PHE B 1 19 ? 9.475   -5.077  -4.261  1.00 10.05  ? 19  PHE B C   1 
ATOM   650  O O   . PHE B 1 19 ? 9.276   -4.036  -4.895  1.00 13.79  ? 19  PHE B O   1 
ATOM   651  C CB  . PHE B 1 19 ? 10.631  -6.327  -6.069  1.00 12.21  ? 19  PHE B CB  1 
ATOM   652  C CG  . PHE B 1 19 ? 11.859  -7.070  -6.541  1.00 21.98  ? 19  PHE B CG  1 
ATOM   653  C CD1 . PHE B 1 19 ? 11.742  -8.377  -7.007  1.00 25.04  ? 19  PHE B CD1 1 
ATOM   654  C CD2 . PHE B 1 19 ? 13.099  -6.438  -6.504  1.00 16.18  ? 19  PHE B CD2 1 
ATOM   655  C CE1 . PHE B 1 19 ? 12.879  -9.048  -7.451  1.00 26.18  ? 19  PHE B CE1 1 
ATOM   656  C CE2 . PHE B 1 19 ? 14.223  -7.122  -6.933  1.00 23.17  ? 19  PHE B CE2 1 
ATOM   657  C CZ  . PHE B 1 19 ? 14.117  -8.421  -7.394  1.00 21.82  ? 19  PHE B CZ  1 
ATOM   658  N N   . ILE B 1 20 ? 8.652   -5.530  -3.340  1.00 11.57  ? 20  ILE B N   1 
ATOM   659  C CA  . ILE B 1 20 ? 7.332   -4.932  -3.137  1.00 14.81  ? 20  ILE B CA  1 
ATOM   660  C C   . ILE B 1 20 ? 7.327   -4.074  -1.881  1.00 12.61  ? 20  ILE B C   1 
ATOM   661  O O   . ILE B 1 20 ? 7.793   -4.502  -0.831  1.00 13.37  ? 20  ILE B O   1 
ATOM   662  C CB  . ILE B 1 20 ? 6.249   -6.034  -3.075  1.00 18.39  ? 20  ILE B CB  1 
ATOM   663  C CG1 . ILE B 1 20 ? 6.197   -6.862  -4.367  1.00 16.46  ? 20  ILE B CG1 1 
ATOM   664  C CG2 . ILE B 1 20 ? 4.893   -5.451  -2.717  1.00 13.23  ? 20  ILE B CG2 1 
ATOM   665  C CD1 . ILE B 1 20 ? 5.306   -8.094  -4.246  1.00 16.74  ? 20  ILE B CD1 1 
ATOM   666  N N   . VAL B 1 21 ? 6.846   -2.837  -2.004  1.00 10.59  ? 21  VAL B N   1 
ATOM   667  C CA  . VAL B 1 21 ? 6.842   -1.898  -0.883  1.00 12.96  ? 21  VAL B CA  1 
ATOM   668  C C   . VAL B 1 21 ? 5.433   -1.679  -0.408  1.00 12.09  ? 21  VAL B C   1 
ATOM   669  O O   . VAL B 1 21 ? 5.195   -1.011  0.619   1.00 14.91  ? 21  VAL B O   1 
ATOM   670  C CB  . VAL B 1 21 ? 7.534   -0.576  -1.268  1.00 19.45  ? 21  VAL B CB  1 
ATOM   671  C CG1 . VAL B 1 21 ? 8.986   -0.867  -1.675  1.00 14.58  ? 21  VAL B CG1 1 
ATOM   672  C CG2 . VAL B 1 21 ? 6.798   0.152   -2.380  1.00 13.73  ? 21  VAL B CG2 1 
ATOM   673  N N   . GLY B 1 22 ? 4.399   -2.221  -1.068  1.00 12.59  ? 22  GLY B N   1 
ATOM   674  C CA  . GLY B 1 22 ? 3.068   -1.904  -0.521  1.00 8.22   ? 22  GLY B CA  1 
ATOM   675  C C   . GLY B 1 22 ? 1.992   -2.280  -1.516  1.00 13.64  ? 22  GLY B C   1 
ATOM   676  O O   . GLY B 1 22 ? 2.314   -2.914  -2.533  1.00 10.11  ? 22  GLY B O   1 
ATOM   677  N N   . PHE B 1 23 ? 0.732   -1.897  -1.279  1.00 7.03   ? 23  PHE B N   1 
ATOM   678  C CA  . PHE B 1 23 ? -0.320  -2.200  -2.248  1.00 6.85   ? 23  PHE B CA  1 
ATOM   679  C C   . PHE B 1 23 ? -1.470  -1.205  -2.120  1.00 18.32  ? 23  PHE B C   1 
ATOM   680  O O   . PHE B 1 23 ? -1.618  -0.505  -1.107  1.00 13.51  ? 23  PHE B O   1 
ATOM   681  C CB  . PHE B 1 23 ? -0.849  -3.622  -2.067  1.00 10.23  ? 23  PHE B CB  1 
ATOM   682  C CG  . PHE B 1 23 ? -1.579  -3.856  -0.746  1.00 11.14  ? 23  PHE B CG  1 
ATOM   683  C CD1 . PHE B 1 23 ? -2.972  -3.729  -0.673  1.00 20.68  ? 23  PHE B CD1 1 
ATOM   684  C CD2 . PHE B 1 23 ? -0.899  -4.216  0.401   1.00 15.00  ? 23  PHE B CD2 1 
ATOM   685  C CE1 . PHE B 1 23 ? -3.647  -3.943  0.521   1.00 18.55  ? 23  PHE B CE1 1 
ATOM   686  C CE2 . PHE B 1 23 ? -1.568  -4.416  1.595   1.00 14.30  ? 23  PHE B CE2 1 
ATOM   687  C CZ  . PHE B 1 23 ? -2.941  -4.267  1.668   1.00 13.14  ? 23  PHE B CZ  1 
ATOM   688  N N   . THR B 1 24 ? -2.275  -1.231  -3.176  1.00 14.95  ? 24  THR B N   1 
ATOM   689  C CA  . THR B 1 24 ? -3.515  -0.454  -3.207  1.00 12.79  ? 24  THR B CA  1 
ATOM   690  C C   . THR B 1 24 ? -4.684  -1.412  -3.399  1.00 20.20  ? 24  THR B C   1 
ATOM   691  O O   . THR B 1 24 ? -4.529  -2.384  -4.145  1.00 16.61  ? 24  THR B O   1 
ATOM   692  C CB  . THR B 1 24 ? -3.492  0.536   -4.373  1.00 14.29  ? 24  THR B CB  1 
ATOM   693  O OG1 . THR B 1 24 ? -2.558  1.567   -4.032  1.00 18.25  ? 24  THR B OG1 1 
ATOM   694  C CG2 . THR B 1 24 ? -4.868  1.143   -4.611  1.00 15.85  ? 24  THR B CG2 1 
ATOM   695  N N   . ARG B 1 25 ? -5.806  -1.156  -2.745  1.00 15.36  ? 25  ARG B N   1 
ATOM   696  C CA  . ARG B 1 25 ? -6.984  -2.018  -2.854  1.00 15.15  ? 25  ARG B CA  1 
ATOM   697  C C   . ARG B 1 25 ? -7.925  -1.504  -3.935  1.00 20.22  ? 25  ARG B C   1 
ATOM   698  O O   . ARG B 1 25 ? -8.473  -0.398  -3.815  1.00 16.11  ? 25  ARG B O   1 
ATOM   699  C CB  . ARG B 1 25 ? -7.744  -2.047  -1.526  1.00 22.62  ? 25  ARG B CB  1 
ATOM   700  C CG  . ARG B 1 25 ? -7.244  -3.006  -0.475  1.00 26.41  ? 25  ARG B CG  1 
ATOM   701  C CD  . ARG B 1 25 ? -6.984  -4.373  -1.095  1.00 34.69  ? 25  ARG B CD  1 
ATOM   702  N NE  . ARG B 1 25 ? -8.232  -5.115  -1.301  1.00 32.12  ? 25  ARG B NE  1 
ATOM   703  C CZ  . ARG B 1 25 ? -8.894  -5.694  -0.304  1.00 38.94  ? 25  ARG B CZ  1 
ATOM   704  N NH1 . ARG B 1 25 ? -8.429  -5.605  0.936   1.00 36.81  ? 25  ARG B NH1 1 
ATOM   705  N NH2 . ARG B 1 25 ? -10.014 -6.358  -0.531  1.00 31.68  ? 25  ARG B NH2 1 
ATOM   706  N N   . GLN B 1 26 ? -8.125  -2.268  -4.997  1.00 14.43  ? 26  GLN B N   1 
ATOM   707  C CA  . GLN B 1 26 ? -9.073  -1.869  -6.031  1.00 15.53  ? 26  GLN B CA  1 
ATOM   708  C C   . GLN B 1 26 ? -10.314 -2.742  -5.819  1.00 17.73  ? 26  GLN B C   1 
ATOM   709  O O   . GLN B 1 26 ? -10.153 -3.967  -5.817  1.00 14.57  ? 26  GLN B O   1 
ATOM   710  C CB  . GLN B 1 26 ? -8.512  -2.039  -7.440  1.00 17.09  ? 26  GLN B CB  1 
ATOM   711  C CG  . GLN B 1 26 ? -9.522  -1.699  -8.529  1.00 14.70  ? 26  GLN B CG  1 
ATOM   712  C CD  . GLN B 1 26 ? -8.954  -1.929  -9.909  1.00 19.19  ? 26  GLN B CD  1 
ATOM   713  O OE1 . GLN B 1 26 ? -7.868  -1.461  -10.223 1.00 14.45  ? 26  GLN B OE1 1 
ATOM   714  N NE2 . GLN B 1 26 ? -9.680  -2.622  -10.765 1.00 11.10  ? 26  GLN B NE2 1 
ATOM   715  N N   . LEU B 1 27 ? -11.465 -2.084  -5.637  1.00 15.70  ? 27  LEU B N   1 
ATOM   716  C CA  . LEU B 1 27 ? -12.715 -2.820  -5.413  1.00 18.10  ? 27  LEU B CA  1 
ATOM   717  C C   . LEU B 1 27 ? -13.618 -2.727  -6.645  1.00 16.51  ? 27  LEU B C   1 
ATOM   718  O O   . LEU B 1 27 ? -13.607 -1.718  -7.341  1.00 15.60  ? 27  LEU B O   1 
ATOM   719  C CB  . LEU B 1 27 ? -13.462 -2.278  -4.192  1.00 19.88  ? 27  LEU B CB  1 
ATOM   720  C CG  . LEU B 1 27 ? -12.774 -2.450  -2.835  1.00 23.62  ? 27  LEU B CG  1 
ATOM   721  C CD1 . LEU B 1 27 ? -13.589 -1.790  -1.732  1.00 30.01  ? 27  LEU B CD1 1 
ATOM   722  C CD2 . LEU B 1 27 ? -12.563 -3.926  -2.541  1.00 23.59  ? 27  LEU B CD2 1 
ATOM   723  N N   . ALA B 1 28 ? -14.423 -3.747  -6.919  1.00 15.49  ? 28  ALA B N   1 
ATOM   724  C CA  . ALA B 1 28 ? -15.432 -3.704  -7.974  1.00 14.37  ? 28  ALA B CA  1 
ATOM   725  C C   . ALA B 1 28 ? -16.575 -2.806  -7.503  1.00 12.08  ? 28  ALA B C   1 
ATOM   726  O O   . ALA B 1 28 ? -17.375 -3.215  -6.644  1.00 15.16  ? 28  ALA B O   1 
ATOM   727  C CB  . ALA B 1 28 ? -15.967 -5.078  -8.300  1.00 9.93   ? 28  ALA B CB  1 
ATOM   728  N N   . ASN B 1 29 ? -16.606 -1.594  -8.025  1.00 16.23  ? 29  ASN B N   1 
ATOM   729  C CA  . ASN B 1 29 ? -17.619 -0.665  -7.481  1.00 16.50  ? 29  ASN B CA  1 
ATOM   730  C C   . ASN B 1 29 ? -17.865 0.366   -8.563  1.00 18.23  ? 29  ASN B C   1 
ATOM   731  O O   . ASN B 1 29 ? -17.599 0.040   -9.728  1.00 18.32  ? 29  ASN B O   1 
ATOM   732  C CB  . ASN B 1 29 ? -17.188 -0.061  -6.145  1.00 17.88  ? 29  ASN B CB  1 
ATOM   733  C CG  . ASN B 1 29 ? -15.853 0.653   -6.267  1.00 24.98  ? 29  ASN B CG  1 
ATOM   734  O OD1 . ASN B 1 29 ? -15.419 0.991   -7.372  1.00 21.90  ? 29  ASN B OD1 1 
ATOM   735  N ND2 . ASN B 1 29 ? -15.187 0.899   -5.145  1.00 24.96  ? 29  ASN B ND2 1 
ATOM   736  N N   . GLU B 1 30 ? -18.338 1.551   -8.230  1.00 20.29  ? 30  GLU B N   1 
ATOM   737  C CA  . GLU B 1 30 ? -18.633 2.565   -9.236  1.00 25.42  ? 30  GLU B CA  1 
ATOM   738  C C   . GLU B 1 30 ? -17.395 3.044   -9.980  1.00 24.98  ? 30  GLU B C   1 
ATOM   739  O O   . GLU B 1 30 ? -17.543 3.503   -11.110 1.00 27.54  ? 30  GLU B O   1 
ATOM   740  C CB  . GLU B 1 30 ? -19.306 3.775   -8.573  1.00 31.40  ? 30  GLU B CB  1 
ATOM   741  C CG  . GLU B 1 30 ? -20.418 3.324   -7.625  1.00 44.87  ? 30  GLU B CG  1 
ATOM   742  C CD  . GLU B 1 30 ? -20.804 4.413   -6.640  1.00 48.68  ? 30  GLU B CD  1 
ATOM   743  O OE1 . GLU B 1 30 ? -21.875 5.016   -6.852  1.00 37.56  ? 30  GLU B OE1 1 
ATOM   744  O OE2 . GLU B 1 30 ? -20.043 4.650   -5.679  1.00 45.32  ? 30  GLU B OE2 1 
ATOM   745  N N   . GLY B 1 31 ? -16.235 2.933   -9.341  1.00 23.25  ? 31  GLY B N   1 
ATOM   746  C CA  . GLY B 1 31 ? -14.970 3.370   -9.913  1.00 28.59  ? 31  GLY B CA  1 
ATOM   747  C C   . GLY B 1 31 ? -14.336 2.436   -10.929 1.00 27.90  ? 31  GLY B C   1 
ATOM   748  O O   . GLY B 1 31 ? -13.959 2.916   -12.002 1.00 25.67  ? 31  GLY B O   1 
ATOM   749  N N   . CYS B 1 32 ? -14.213 1.150   -10.617 1.00 26.52  ? 32  CYS B N   1 
ATOM   750  C CA  . CYS B 1 32 ? -13.588 0.110   -11.398 1.00 19.03  ? 32  CYS B CA  1 
ATOM   751  C C   . CYS B 1 32 ? -14.478 -1.122  -11.549 1.00 16.94  ? 32  CYS B C   1 
ATOM   752  O O   . CYS B 1 32 ? -15.232 -1.454  -10.640 1.00 16.46  ? 32  CYS B O   1 
ATOM   753  C CB  . CYS B 1 32 ? -12.288 -0.359  -10.707 1.00 14.38  ? 32  CYS B CB  1 
ATOM   754  S SG  . CYS B 1 32 ? -11.070 0.970   -10.634 1.00 19.53  ? 32  CYS B SG  1 
ATOM   755  N N   . ASP B 1 33 ? -14.394 -1.830  -12.662 1.00 16.21  ? 33  ASP B N   1 
ATOM   756  C CA  . ASP B 1 33 ? -15.265 -2.986  -12.842 1.00 14.36  ? 33  ASP B CA  1 
ATOM   757  C C   . ASP B 1 33 ? -14.761 -4.245  -12.154 1.00 17.20  ? 33  ASP B C   1 
ATOM   758  O O   . ASP B 1 33 ? -15.497 -5.204  -11.991 1.00 18.68  ? 33  ASP B O   1 
ATOM   759  C CB  . ASP B 1 33 ? -15.402 -3.301  -14.336 1.00 18.83  ? 33  ASP B CB  1 
ATOM   760  C CG  . ASP B 1 33 ? -16.136 -2.212  -15.100 1.00 24.83  ? 33  ASP B CG  1 
ATOM   761  O OD1 . ASP B 1 33 ? -17.037 -1.548  -14.572 1.00 22.70  ? 33  ASP B OD1 1 
ATOM   762  O OD2 . ASP B 1 33 ? -15.782 -2.037  -16.275 1.00 24.45  ? 33  ASP B OD2 1 
ATOM   763  N N   . ILE B 1 34 ? -13.480 -4.325  -11.769 1.00 11.78  ? 34  ILE B N   1 
ATOM   764  C CA  . ILE B 1 34 ? -13.051 -5.594  -11.173 1.00 10.76  ? 34  ILE B CA  1 
ATOM   765  C C   . ILE B 1 34 ? -12.301 -5.348  -9.881  1.00 11.16  ? 34  ILE B C   1 
ATOM   766  O O   . ILE B 1 34 ? -11.769 -4.261  -9.690  1.00 13.09  ? 34  ILE B O   1 
ATOM   767  C CB  . ILE B 1 34 ? -12.148 -6.419  -12.107 1.00 14.99  ? 34  ILE B CB  1 
ATOM   768  C CG1 . ILE B 1 34 ? -10.815 -5.730  -12.445 1.00 21.88  ? 34  ILE B CG1 1 
ATOM   769  C CG2 . ILE B 1 34 ? -12.876 -6.832  -13.383 1.00 13.50  ? 34  ILE B CG2 1 
ATOM   770  C CD1 . ILE B 1 34 ? -9.823  -6.626  -13.183 1.00 15.22  ? 34  ILE B CD1 1 
ATOM   771  N N   . ASN B 1 35 ? -12.268 -6.353  -9.009  1.00 11.82  ? 35  ASN B N   1 
ATOM   772  C CA  . ASN B 1 35 ? -11.438 -6.288  -7.820  1.00 11.75  ? 35  ASN B CA  1 
ATOM   773  C C   . ASN B 1 35 ? -9.982  -6.511  -8.181  1.00 14.74  ? 35  ASN B C   1 
ATOM   774  O O   . ASN B 1 35 ? -9.722  -7.353  -9.045  1.00 14.99  ? 35  ASN B O   1 
ATOM   775  C CB  . ASN B 1 35 ? -11.856 -7.418  -6.872  1.00 10.76  ? 35  ASN B CB  1 
ATOM   776  C CG  . ASN B 1 35 ? -13.269 -7.211  -6.352  1.00 18.65  ? 35  ASN B CG  1 
ATOM   777  O OD1 . ASN B 1 35 ? -13.539 -6.170  -5.753  1.00 15.52  ? 35  ASN B OD1 1 
ATOM   778  N ND2 . ASN B 1 35 ? -14.167 -8.160  -6.558  1.00 16.27  ? 35  ASN B ND2 1 
ATOM   779  N N   . ALA B 1 36 ? -9.039  -5.834  -7.547  1.00 15.86  ? 36  ALA B N   1 
ATOM   780  C CA  . ALA B 1 36 ? -7.652  -6.248  -7.761  1.00 13.12  ? 36  ALA B CA  1 
ATOM   781  C C   . ALA B 1 36 ? -6.798  -5.814  -6.586  1.00 19.30  ? 36  ALA B C   1 
ATOM   782  O O   . ALA B 1 36 ? -7.144  -4.826  -5.933  1.00 14.53  ? 36  ALA B O   1 
ATOM   783  C CB  . ALA B 1 36 ? -7.080  -5.608  -9.026  1.00 9.65   ? 36  ALA B CB  1 
ATOM   784  N N   . ILE B 1 37 ? -5.705  -6.534  -6.363  1.00 14.23  ? 37  ILE B N   1 
ATOM   785  C CA  . ILE B 1 37 ? -4.627  -6.005  -5.531  1.00 13.92  ? 37  ILE B CA  1 
ATOM   786  C C   . ILE B 1 37 ? -3.615  -5.315  -6.437  1.00 15.62  ? 37  ILE B C   1 
ATOM   787  O O   . ILE B 1 37 ? -3.126  -5.931  -7.409  1.00 16.25  ? 37  ILE B O   1 
ATOM   788  C CB  . ILE B 1 37 ? -3.918  -7.106  -4.740  1.00 18.56  ? 37  ILE B CB  1 
ATOM   789  C CG1 . ILE B 1 37 ? -4.883  -7.985  -3.942  1.00 17.97  ? 37  ILE B CG1 1 
ATOM   790  C CG2 . ILE B 1 37 ? -2.818  -6.527  -3.844  1.00 12.42  ? 37  ILE B CG2 1 
ATOM   791  C CD1 . ILE B 1 37 ? -5.726  -7.214  -2.957  1.00 13.15  ? 37  ILE B CD1 1 
ATOM   792  N N   . ILE B 1 38 ? -3.285  -4.059  -6.148  1.00 9.29   ? 38  ILE B N   1 
ATOM   793  C CA  . ILE B 1 38 ? -2.251  -3.418  -6.975  1.00 9.17   ? 38  ILE B CA  1 
ATOM   794  C C   . ILE B 1 38 ? -0.953  -3.366  -6.197  1.00 12.27  ? 38  ILE B C   1 
ATOM   795  O O   . ILE B 1 38 ? -0.854  -2.517  -5.305  1.00 15.22  ? 38  ILE B O   1 
ATOM   796  C CB  . ILE B 1 38 ? -2.704  -2.002  -7.355  1.00 12.89  ? 38  ILE B CB  1 
ATOM   797  C CG1 . ILE B 1 38 ? -4.101  -1.995  -7.999  1.00 13.36  ? 38  ILE B CG1 1 
ATOM   798  C CG2 . ILE B 1 38 ? -1.658  -1.323  -8.211  1.00 16.10  ? 38  ILE B CG2 1 
ATOM   799  C CD1 . ILE B 1 38 ? -4.624  -0.618  -8.317  1.00 9.44   ? 38  ILE B CD1 1 
ATOM   800  N N   . PHE B 1 39 ? 0.017   -4.227  -6.463  1.00 9.98   ? 39  PHE B N   1 
ATOM   801  C CA  . PHE B 1 39 ? 1.284   -4.132  -5.738  1.00 8.35   ? 39  PHE B CA  1 
ATOM   802  C C   . PHE B 1 39 ? 2.121   -2.974  -6.254  1.00 8.98   ? 39  PHE B C   1 
ATOM   803  O O   . PHE B 1 39 ? 2.142   -2.653  -7.429  1.00 13.02  ? 39  PHE B O   1 
ATOM   804  C CB  . PHE B 1 39 ? 2.024   -5.471  -5.897  1.00 10.65  ? 39  PHE B CB  1 
ATOM   805  C CG  . PHE B 1 39 ? 1.380   -6.589  -5.078  1.00 11.72  ? 39  PHE B CG  1 
ATOM   806  C CD1 . PHE B 1 39 ? 0.895   -7.716  -5.724  1.00 12.93  ? 39  PHE B CD1 1 
ATOM   807  C CD2 . PHE B 1 39 ? 1.285   -6.503  -3.698  1.00 10.33  ? 39  PHE B CD2 1 
ATOM   808  C CE1 . PHE B 1 39 ? 0.340   -8.786  -5.039  1.00 9.45   ? 39  PHE B CE1 1 
ATOM   809  C CE2 . PHE B 1 39 ? 0.723   -7.547  -2.995  1.00 10.45  ? 39  PHE B CE2 1 
ATOM   810  C CZ  . PHE B 1 39 ? 0.240   -8.682  -3.648  1.00 14.30  ? 39  PHE B CZ  1 
ATOM   811  N N   . HIS B 1 40 ? 2.816   -2.297  -5.349  1.00 8.13   ? 40  HIS B N   1 
ATOM   812  C CA  . HIS B 1 40 ? 3.697   -1.202  -5.687  1.00 14.02  ? 40  HIS B CA  1 
ATOM   813  C C   . HIS B 1 40 ? 5.128   -1.664  -5.468  1.00 9.64   ? 40  HIS B C   1 
ATOM   814  O O   . HIS B 1 40 ? 5.393   -2.271  -4.434  1.00 11.95  ? 40  HIS B O   1 
ATOM   815  C CB  . HIS B 1 40 ? 3.420   0.023   -4.819  1.00 16.58  ? 40  HIS B CB  1 
ATOM   816  C CG  . HIS B 1 40 ? 1.998   0.480   -4.871  1.00 13.71  ? 40  HIS B CG  1 
ATOM   817  N ND1 . HIS B 1 40 ? 1.413   0.892   -6.056  1.00 19.70  ? 40  HIS B ND1 1 
ATOM   818  C CD2 . HIS B 1 40 ? 1.059   0.619   -3.905  1.00 14.14  ? 40  HIS B CD2 1 
ATOM   819  C CE1 . HIS B 1 40 ? 0.154   1.257   -5.807  1.00 17.13  ? 40  HIS B CE1 1 
ATOM   820  N NE2 . HIS B 1 40 ? -0.082  1.091   -4.506  1.00 21.04  ? 40  HIS B NE2 1 
ATOM   821  N N   . THR B 1 41 ? 5.981   -1.411  -6.455  1.00 14.72  ? 41  THR B N   1 
ATOM   822  C CA  . THR B 1 41 ? 7.341   -1.935  -6.281  1.00 19.23  ? 41  THR B CA  1 
ATOM   823  C C   . THR B 1 41 ? 8.285   -0.773  -6.017  1.00 15.51  ? 41  THR B C   1 
ATOM   824  O O   . THR B 1 41 ? 7.928   0.386   -6.218  1.00 18.28  ? 41  THR B O   1 
ATOM   825  C CB  . THR B 1 41 ? 7.883   -2.713  -7.488  1.00 19.73  ? 41  THR B CB  1 
ATOM   826  O OG1 . THR B 1 41 ? 8.047   -1.810  -8.580  1.00 16.21  ? 41  THR B OG1 1 
ATOM   827  C CG2 . THR B 1 41 ? 6.896   -3.784  -7.930  1.00 14.75  ? 41  THR B CG2 1 
ATOM   828  N N   . LYS B 1 42 ? 9.479   -1.187  -5.566  1.00 23.10  ? 42  LYS B N   1 
ATOM   829  C CA  . LYS B 1 42 ? 10.467  -0.198  -5.142  1.00 29.79  ? 42  LYS B CA  1 
ATOM   830  C C   . LYS B 1 42 ? 10.795  0.727   -6.307  1.00 25.88  ? 42  LYS B C   1 
ATOM   831  O O   . LYS B 1 42 ? 11.036  1.912   -6.079  1.00 20.60  ? 42  LYS B O   1 
ATOM   832  C CB  . LYS B 1 42 ? 11.736  -0.851  -4.590  1.00 31.25  ? 42  LYS B CB  1 
ATOM   833  C CG  . LYS B 1 42 ? 12.756  0.139   -4.034  1.00 26.93  ? 42  LYS B CG  1 
ATOM   834  C CD  . LYS B 1 42 ? 12.233  0.842   -2.797  1.00 24.24  ? 42  LYS B CD  1 
ATOM   835  C CE  . LYS B 1 42 ? 13.228  0.863   -1.657  1.00 19.74  ? 42  LYS B CE  1 
ATOM   836  N NZ  . LYS B 1 42 ? 12.573  0.961   -0.337  1.00 44.52  ? 42  LYS B NZ  1 
ATOM   837  N N   . LYS B 1 43 ? 10.793  0.163   -7.515  1.00 26.02  ? 43  LYS B N   1 
ATOM   838  C CA  . LYS B 1 43 ? 11.087  0.912   -8.728  1.00 29.45  ? 43  LYS B CA  1 
ATOM   839  C C   . LYS B 1 43 ? 9.844   1.638   -9.248  1.00 25.62  ? 43  LYS B C   1 
ATOM   840  O O   . LYS B 1 43 ? 9.865   2.207   -10.343 1.00 22.35  ? 43  LYS B O   1 
ATOM   841  C CB  . LYS B 1 43 ? 11.688  0.009   -9.814  1.00 52.97  ? 43  LYS B CB  1 
ATOM   842  C CG  . LYS B 1 43 ? 10.690  -0.901  -10.505 1.00 64.30  ? 43  LYS B CG  1 
ATOM   843  C CD  . LYS B 1 43 ? 10.888  -0.964  -12.013 1.00 71.20  ? 43  LYS B CD  1 
ATOM   844  C CE  . LYS B 1 43 ? 11.064  -2.389  -12.515 1.00 72.09  ? 43  LYS B CE  1 
ATOM   845  N NZ  . LYS B 1 43 ? 10.855  -2.528  -13.983 1.00 58.07  ? 43  LYS B NZ  1 
ATOM   846  N N   . LYS B 1 44 ? 8.779   1.646   -8.462  1.00 20.73  ? 44  LYS B N   1 
ATOM   847  C CA  . LYS B 1 44 ? 7.576   2.420   -8.755  1.00 22.38  ? 44  LYS B CA  1 
ATOM   848  C C   . LYS B 1 44 ? 6.778   1.860   -9.915  1.00 29.09  ? 44  LYS B C   1 
ATOM   849  O O   . LYS B 1 44 ? 5.965   2.555   -10.526 1.00 26.73  ? 44  LYS B O   1 
ATOM   850  C CB  . LYS B 1 44 ? 7.942   3.889   -9.015  1.00 27.89  ? 44  LYS B CB  1 
ATOM   851  C CG  . LYS B 1 44 ? 8.642   4.537   -7.812  1.00 25.14  ? 44  LYS B CG  1 
ATOM   852  C CD  . LYS B 1 44 ? 8.467   6.050   -7.862  1.00 41.73  ? 44  LYS B CD  1 
ATOM   853  C CE  . LYS B 1 44 ? 9.245   6.708   -6.727  1.00 56.92  ? 44  LYS B CE  1 
ATOM   854  N NZ  . LYS B 1 44 ? 9.741   8.058   -7.131  1.00 84.40  ? 44  LYS B NZ  1 
ATOM   855  N N   . LEU B 1 45 ? 6.959   0.576   -10.214 1.00 21.29  ? 45  LEU B N   1 
ATOM   856  C CA  . LEU B 1 45 ? 6.001   -0.089  -11.102 1.00 22.47  ? 45  LEU B CA  1 
ATOM   857  C C   . LEU B 1 45 ? 4.763   -0.478  -10.306 1.00 26.61  ? 45  LEU B C   1 
ATOM   858  O O   . LEU B 1 45 ? 4.876   -0.893  -9.151  1.00 29.41  ? 45  LEU B O   1 
ATOM   859  C CB  . LEU B 1 45 ? 6.640   -1.316  -11.737 1.00 33.56  ? 45  LEU B CB  1 
ATOM   860  C CG  . LEU B 1 45 ? 5.946   -1.997  -12.915 1.00 43.82  ? 45  LEU B CG  1 
ATOM   861  C CD1 . LEU B 1 45 ? 5.895   -1.103  -14.148 1.00 33.61  ? 45  LEU B CD1 1 
ATOM   862  C CD2 . LEU B 1 45 ? 6.638   -3.317  -13.239 1.00 27.34  ? 45  LEU B CD2 1 
ATOM   863  N N   . SER B 1 46 ? 3.570   -0.365  -10.872 1.00 22.64  ? 46  SER B N   1 
ATOM   864  C CA  . SER B 1 46 ? 2.383   -0.936  -10.231 1.00 19.97  ? 46  SER B CA  1 
ATOM   865  C C   . SER B 1 46 ? 2.039   -2.268  -10.893 1.00 19.94  ? 46  SER B C   1 
ATOM   866  O O   . SER B 1 46 ? 2.108   -2.316  -12.122 1.00 14.47  ? 46  SER B O   1 
ATOM   867  C CB  . SER B 1 46 ? 1.215   0.055   -10.304 1.00 22.85  ? 46  SER B CB  1 
ATOM   868  O OG  . SER B 1 46 ? 1.442   1.051   -9.304  1.00 25.15  ? 46  SER B OG  1 
ATOM   869  N N   . VAL B 1 47 ? 1.700   -3.279  -10.099 1.00 11.95  ? 47  VAL B N   1 
ATOM   870  C CA  . VAL B 1 47 ? 1.406   -4.590  -10.687 1.00 9.80   ? 47  VAL B CA  1 
ATOM   871  C C   . VAL B 1 47 ? 0.077   -5.144  -10.185 1.00 9.49   ? 47  VAL B C   1 
ATOM   872  O O   . VAL B 1 47 ? -0.027  -5.570  -9.040  1.00 11.90  ? 47  VAL B O   1 
ATOM   873  C CB  . VAL B 1 47 ? 2.520   -5.603  -10.359 1.00 9.05   ? 47  VAL B CB  1 
ATOM   874  C CG1 . VAL B 1 47 ? 2.216   -6.927  -11.032 1.00 12.83  ? 47  VAL B CG1 1 
ATOM   875  C CG2 . VAL B 1 47 ? 3.907   -5.069  -10.750 1.00 9.93   ? 47  VAL B CG2 1 
ATOM   876  N N   . CYS B 1 48 ? -0.922  -5.120  -11.069 1.00 9.20   ? 48  CYS B N   1 
ATOM   877  C CA  . CYS B 1 48 ? -2.251  -5.610  -10.784 1.00 10.73  ? 48  CYS B CA  1 
ATOM   878  C C   . CYS B 1 48 ? -2.292  -7.111  -10.517 1.00 15.67  ? 48  CYS B C   1 
ATOM   879  O O   . CYS B 1 48 ? -1.699  -7.859  -11.304 1.00 13.54  ? 48  CYS B O   1 
ATOM   880  C CB  . CYS B 1 48 ? -3.151  -5.338  -12.000 1.00 13.90  ? 48  CYS B CB  1 
ATOM   881  S SG  . CYS B 1 48 ? -3.403  -3.552  -12.197 1.00 14.53  ? 48  CYS B SG  1 
ATOM   882  N N   . ALA B 1 49 ? -2.983  -7.563  -9.482  1.00 12.52  ? 49  ALA B N   1 
ATOM   883  C CA  . ALA B 1 49 ? -2.911  -8.998  -9.151  1.00 9.08   ? 49  ALA B CA  1 
ATOM   884  C C   . ALA B 1 49 ? -4.250  -9.549  -8.689  1.00 13.85  ? 49  ALA B C   1 
ATOM   885  O O   . ALA B 1 49 ? -5.009  -8.802  -8.072  1.00 11.01  ? 49  ALA B O   1 
ATOM   886  C CB  . ALA B 1 49 ? -1.858  -9.221  -8.083  1.00 14.48  ? 49  ALA B CB  1 
ATOM   887  N N   . ASN B 1 50 ? -4.499  -10.829 -8.953  1.00 11.94  ? 50  ASN B N   1 
ATOM   888  C CA  . ASN B 1 50 ? -5.785  -11.443 -8.606  1.00 12.74  ? 50  ASN B CA  1 
ATOM   889  C C   . ASN B 1 50 ? -5.948  -11.705 -7.119  1.00 15.58  ? 50  ASN B C   1 
ATOM   890  O O   . ASN B 1 50 ? -5.231  -12.520 -6.538  1.00 15.22  ? 50  ASN B O   1 
ATOM   891  C CB  . ASN B 1 50 ? -5.920  -12.736 -9.401  1.00 17.68  ? 50  ASN B CB  1 
ATOM   892  C CG  . ASN B 1 50 ? -7.290  -13.350 -9.287  1.00 13.79  ? 50  ASN B CG  1 
ATOM   893  O OD1 . ASN B 1 50 ? -8.032  -13.105 -8.342  1.00 15.10  ? 50  ASN B OD1 1 
ATOM   894  N ND2 . ASN B 1 50 ? -7.605  -14.187 -10.265 1.00 21.54  ? 50  ASN B ND2 1 
ATOM   895  N N   . PRO B 1 51 ? -6.898  -11.026 -6.478  1.00 13.33  ? 51  PRO B N   1 
ATOM   896  C CA  . PRO B 1 51 ? -7.060  -11.112 -5.036  1.00 12.79  ? 51  PRO B CA  1 
ATOM   897  C C   . PRO B 1 51 ? -7.393  -12.525 -4.541  1.00 19.90  ? 51  PRO B C   1 
ATOM   898  O O   . PRO B 1 51 ? -7.298  -12.846 -3.366  1.00 20.70  ? 51  PRO B O   1 
ATOM   899  C CB  . PRO B 1 51 ? -8.279  -10.221 -4.731  1.00 14.45  ? 51  PRO B CB  1 
ATOM   900  C CG  . PRO B 1 51 ? -8.410  -9.333  -5.927  1.00 21.59  ? 51  PRO B CG  1 
ATOM   901  C CD  . PRO B 1 51 ? -7.896  -10.140 -7.101  1.00 18.04  ? 51  PRO B CD  1 
ATOM   902  N N   . LYS B 1 52 ? -7.789  -13.406 -5.445  1.00 16.06  ? 52  LYS B N   1 
ATOM   903  C CA  . LYS B 1 52 ? -8.112  -14.770 -5.067  1.00 20.61  ? 52  LYS B CA  1 
ATOM   904  C C   . LYS B 1 52 ? -6.913  -15.684 -5.107  1.00 24.30  ? 52  LYS B C   1 
ATOM   905  O O   . LYS B 1 52 ? -6.973  -16.809 -4.614  1.00 21.76  ? 52  LYS B O   1 
ATOM   906  C CB  . LYS B 1 52 ? -9.193  -15.286 -6.035  1.00 19.24  ? 52  LYS B CB  1 
ATOM   907  C CG  . LYS B 1 52 ? -10.529 -14.600 -5.701  1.00 39.74  ? 52  LYS B CG  1 
ATOM   908  C CD  . LYS B 1 52 ? -11.668 -15.262 -6.460  1.00 51.88  ? 52  LYS B CD  1 
ATOM   909  C CE  . LYS B 1 52 ? -12.959 -14.475 -6.280  1.00 65.04  ? 52  LYS B CE  1 
ATOM   910  N NZ  . LYS B 1 52 ? -13.931 -14.791 -7.368  1.00 80.89  ? 52  LYS B NZ  1 
ATOM   911  N N   . GLN B 1 53 ? -5.793  -15.227 -5.681  1.00 13.39  ? 53  GLN B N   1 
ATOM   912  C CA  . GLN B 1 53 ? -4.683  -16.195 -5.723  1.00 14.91  ? 53  GLN B CA  1 
ATOM   913  C C   . GLN B 1 53 ? -3.967  -16.250 -4.387  1.00 21.19  ? 53  GLN B C   1 
ATOM   914  O O   . GLN B 1 53 ? -3.837  -15.298 -3.614  1.00 14.66  ? 53  GLN B O   1 
ATOM   915  C CB  . GLN B 1 53 ? -3.777  -15.825 -6.902  1.00 17.71  ? 53  GLN B CB  1 
ATOM   916  C CG  . GLN B 1 53 ? -4.393  -16.063 -8.275  1.00 16.61  ? 53  GLN B CG  1 
ATOM   917  C CD  . GLN B 1 53 ? -3.551  -15.491 -9.404  1.00 23.59  ? 53  GLN B CD  1 
ATOM   918  O OE1 . GLN B 1 53 ? -2.618  -14.728 -9.164  1.00 19.04  ? 53  GLN B OE1 1 
ATOM   919  N NE2 . GLN B 1 53 ? -3.866  -15.806 -10.657 1.00 27.46  ? 53  GLN B NE2 1 
ATOM   920  N N   . THR B 1 54 ? -3.448  -17.431 -4.056  1.00 15.48  ? 54  THR B N   1 
ATOM   921  C CA  . THR B 1 54 ? -2.877  -17.615 -2.736  1.00 16.90  ? 54  THR B CA  1 
ATOM   922  C C   . THR B 1 54 ? -1.636  -16.757 -2.528  1.00 22.04  ? 54  THR B C   1 
ATOM   923  O O   . THR B 1 54 ? -1.446  -16.177 -1.460  1.00 16.57  ? 54  THR B O   1 
ATOM   924  C CB  . THR B 1 54 ? -2.485  -19.095 -2.490  1.00 23.22  ? 54  THR B CB  1 
ATOM   925  O OG1 . THR B 1 54 ? -3.657  -19.902 -2.641  1.00 24.93  ? 54  THR B OG1 1 
ATOM   926  C CG2 . THR B 1 54 ? -1.996  -19.249 -1.063  1.00 20.08  ? 54  THR B CG2 1 
ATOM   927  N N   . TRP B 1 55 ? -0.807  -16.695 -3.577  1.00 14.46  ? 55  TRP B N   1 
ATOM   928  C CA  . TRP B 1 55 ? 0.424   -15.907 -3.423  1.00 16.92  ? 55  TRP B CA  1 
ATOM   929  C C   . TRP B 1 55 ? 0.102   -14.445 -3.099  1.00 17.27  ? 55  TRP B C   1 
ATOM   930  O O   . TRP B 1 55 ? 0.831   -13.800 -2.347  1.00 16.95  ? 55  TRP B O   1 
ATOM   931  C CB  . TRP B 1 55 ? 1.305   -16.009 -4.661  1.00 17.24  ? 55  TRP B CB  1 
ATOM   932  C CG  . TRP B 1 55 ? 0.951   -15.274 -5.909  1.00 23.72  ? 55  TRP B CG  1 
ATOM   933  C CD1 . TRP B 1 55 ? 0.201   -15.761 -6.952  1.00 19.45  ? 55  TRP B CD1 1 
ATOM   934  C CD2 . TRP B 1 55 ? 1.306   -13.937 -6.298  1.00 18.59  ? 55  TRP B CD2 1 
ATOM   935  N NE1 . TRP B 1 55 ? 0.062   -14.829 -7.954  1.00 15.70  ? 55  TRP B NE1 1 
ATOM   936  C CE2 . TRP B 1 55 ? 0.742   -13.691 -7.558  1.00 13.06  ? 55  TRP B CE2 1 
ATOM   937  C CE3 . TRP B 1 55 ? 2.052   -12.919 -5.688  1.00 15.83  ? 55  TRP B CE3 1 
ATOM   938  C CZ2 . TRP B 1 55 ? 0.883   -12.486 -8.241  1.00 12.51  ? 55  TRP B CZ2 1 
ATOM   939  C CZ3 . TRP B 1 55 ? 2.203   -11.711 -6.352  1.00 18.68  ? 55  TRP B CZ3 1 
ATOM   940  C CH2 . TRP B 1 55 ? 1.619   -11.516 -7.608  1.00 18.83  ? 55  TRP B CH2 1 
ATOM   941  N N   . VAL B 1 56 ? -0.963  -13.950 -3.716  1.00 15.66  ? 56  VAL B N   1 
ATOM   942  C CA  . VAL B 1 56 ? -1.392  -12.558 -3.506  1.00 13.01  ? 56  VAL B CA  1 
ATOM   943  C C   . VAL B 1 56 ? -1.793  -12.340 -2.055  1.00 18.08  ? 56  VAL B C   1 
ATOM   944  O O   . VAL B 1 56 ? -1.351  -11.415 -1.367  1.00 12.21  ? 56  VAL B O   1 
ATOM   945  C CB  . VAL B 1 56 ? -2.537  -12.229 -4.475  1.00 14.22  ? 56  VAL B CB  1 
ATOM   946  C CG1 . VAL B 1 56 ? -3.140  -10.852 -4.235  1.00 12.83  ? 56  VAL B CG1 1 
ATOM   947  C CG2 . VAL B 1 56 ? -2.008  -12.283 -5.899  1.00 12.64  ? 56  VAL B CG2 1 
ATOM   948  N N   . LYS B 1 57 ? -2.648  -13.234 -1.561  1.00 18.37  ? 57  LYS B N   1 
ATOM   949  C CA  . LYS B 1 57 ? -3.124  -13.087 -0.185  1.00 17.74  ? 57  LYS B CA  1 
ATOM   950  C C   . LYS B 1 57 ? -1.963  -13.127 0.797   1.00 21.29  ? 57  LYS B C   1 
ATOM   951  O O   . LYS B 1 57 ? -1.875  -12.348 1.740   1.00 27.66  ? 57  LYS B O   1 
ATOM   952  C CB  . LYS B 1 57 ? -4.108  -14.204 0.152   1.00 20.82  ? 57  LYS B CB  1 
ATOM   953  C CG  . LYS B 1 57 ? -5.361  -14.224 -0.705  1.00 24.61  ? 57  LYS B CG  1 
ATOM   954  C CD  . LYS B 1 57 ? -5.902  -15.647 -0.770  1.00 34.35  ? 57  LYS B CD  1 
ATOM   955  C CE  . LYS B 1 57 ? -7.385  -15.676 -1.095  1.00 43.83  ? 57  LYS B CE  1 
ATOM   956  N NZ  . LYS B 1 57 ? -7.867  -17.098 -1.105  1.00 34.12  ? 57  LYS B NZ  1 
ATOM   957  N N   . TYR B 1 58 ? -1.075  -14.099 0.530   1.00 19.25  ? 58  TYR B N   1 
ATOM   958  C CA  . TYR B 1 58 ? 0.096   -14.236 1.400   1.00 18.37  ? 58  TYR B CA  1 
ATOM   959  C C   . TYR B 1 58 ? 0.909   -12.959 1.424   1.00 19.99  ? 58  TYR B C   1 
ATOM   960  O O   . TYR B 1 58 ? 1.363   -12.469 2.466   1.00 20.24  ? 58  TYR B O   1 
ATOM   961  C CB  . TYR B 1 58 ? 0.902   -15.448 0.921   1.00 18.68  ? 58  TYR B CB  1 
ATOM   962  C CG  . TYR B 1 58 ? 2.248   -15.548 1.598   1.00 23.75  ? 58  TYR B CG  1 
ATOM   963  C CD1 . TYR B 1 58 ? 2.310   -15.719 2.981   1.00 33.00  ? 58  TYR B CD1 1 
ATOM   964  C CD2 . TYR B 1 58 ? 3.407   -15.473 0.847   1.00 25.55  ? 58  TYR B CD2 1 
ATOM   965  C CE1 . TYR B 1 58 ? 3.540   -15.813 3.609   1.00 32.54  ? 58  TYR B CE1 1 
ATOM   966  C CE2 . TYR B 1 58 ? 4.634   -15.564 1.476   1.00 33.04  ? 58  TYR B CE2 1 
ATOM   967  C CZ  . TYR B 1 58 ? 4.685   -15.735 2.842   1.00 28.10  ? 58  TYR B CZ  1 
ATOM   968  O OH  . TYR B 1 58 ? 5.925   -15.822 3.446   1.00 44.50  ? 58  TYR B OH  1 
ATOM   969  N N   . ILE B 1 59 ? 1.137   -12.339 0.251   1.00 12.99  ? 59  ILE B N   1 
ATOM   970  C CA  . ILE B 1 59 ? 2.020   -11.171 0.315   1.00 18.25  ? 59  ILE B CA  1 
ATOM   971  C C   . ILE B 1 59 ? 1.275   -10.020 1.000   1.00 11.40  ? 59  ILE B C   1 
ATOM   972  O O   . ILE B 1 59 ? 1.906   -9.268  1.738   1.00 16.18  ? 59  ILE B O   1 
ATOM   973  C CB  . ILE B 1 59 ? 2.536   -10.808 -1.087  1.00 24.78  ? 59  ILE B CB  1 
ATOM   974  C CG1 . ILE B 1 59 ? 3.512   -11.860 -1.649  1.00 16.27  ? 59  ILE B CG1 1 
ATOM   975  C CG2 . ILE B 1 59 ? 3.137   -9.405  -1.160  1.00 17.29  ? 59  ILE B CG2 1 
ATOM   976  C CD1 . ILE B 1 59 ? 4.104   -11.500 -3.003  1.00 18.38  ? 59  ILE B CD1 1 
ATOM   977  N N   . VAL B 1 60 ? -0.027  -9.893  0.725   1.00 14.47  ? 60  VAL B N   1 
ATOM   978  C CA  . VAL B 1 60 ? -0.819  -8.850  1.404   1.00 13.34  ? 60  VAL B CA  1 
ATOM   979  C C   . VAL B 1 60 ? -0.670  -8.978  2.911   1.00 17.11  ? 60  VAL B C   1 
ATOM   980  O O   . VAL B 1 60 ? -0.394  -7.950  3.565   1.00 18.62  ? 60  VAL B O   1 
ATOM   981  C CB  . VAL B 1 60 ? -2.290  -8.881  0.970   1.00 14.50  ? 60  VAL B CB  1 
ATOM   982  C CG1 . VAL B 1 60 ? -3.187  -8.164  1.965   1.00 18.36  ? 60  VAL B CG1 1 
ATOM   983  C CG2 . VAL B 1 60 ? -2.377  -8.257  -0.426  1.00 11.59  ? 60  VAL B CG2 1 
ATOM   984  N N   . ARG B 1 61 ? -0.799  -10.188 3.437   1.00 18.68  ? 61  ARG B N   1 
ATOM   985  C CA  . ARG B 1 61 ? -0.540  -10.450 4.856   1.00 25.39  ? 61  ARG B CA  1 
ATOM   986  C C   . ARG B 1 61 ? 0.865   -10.075 5.311   1.00 30.93  ? 61  ARG B C   1 
ATOM   987  O O   . ARG B 1 61 ? 1.024   -9.482  6.387   1.00 33.06  ? 61  ARG B O   1 
ATOM   988  C CB  . ARG B 1 61 ? -0.807  -11.933 5.156   1.00 25.00  ? 61  ARG B CB  1 
ATOM   989  C CG  . ARG B 1 61 ? -2.106  -12.426 4.529   1.00 45.37  ? 61  ARG B CG  1 
ATOM   990  C CD  . ARG B 1 61 ? -2.647  -13.656 5.257   1.00 55.27  ? 61  ARG B CD  1 
ATOM   991  N NE  . ARG B 1 61 ? -3.308  -14.581 4.333   1.00 51.23  ? 61  ARG B NE  1 
ATOM   992  C CZ  . ARG B 1 61 ? -2.706  -15.648 3.816   1.00 49.26  ? 61  ARG B CZ  1 
ATOM   993  N NH1 . ARG B 1 61 ? -1.447  -15.919 4.138   1.00 38.14  ? 61  ARG B NH1 1 
ATOM   994  N NH2 . ARG B 1 61 ? -3.368  -16.441 2.985   1.00 68.02  ? 61  ARG B NH2 1 
ATOM   995  N N   . LEU B 1 62 ? 1.928   -10.373 4.565   1.00 23.30  ? 62  LEU B N   1 
ATOM   996  C CA  . LEU B 1 62 ? 3.274   -9.948  4.939   1.00 21.92  ? 62  LEU B CA  1 
ATOM   997  C C   . LEU B 1 62 ? 3.414   -8.436  5.041   1.00 25.52  ? 62  LEU B C   1 
ATOM   998  O O   . LEU B 1 62 ? 4.099   -7.873  5.908   1.00 24.30  ? 62  LEU B O   1 
ATOM   999  C CB  . LEU B 1 62 ? 4.316   -10.445 3.925   1.00 26.05  ? 62  LEU B CB  1 
ATOM   1000 C CG  . LEU B 1 62 ? 4.599   -11.946 3.926   1.00 37.53  ? 62  LEU B CG  1 
ATOM   1001 C CD1 . LEU B 1 62 ? 5.576   -12.330 2.829   1.00 29.06  ? 62  LEU B CD1 1 
ATOM   1002 C CD2 . LEU B 1 62 ? 5.120   -12.387 5.295   1.00 34.77  ? 62  LEU B CD2 1 
ATOM   1003 N N   . LEU B 1 63 ? 2.766   -7.741  4.111   1.00 18.93  ? 63  LEU B N   1 
ATOM   1004 C CA  . LEU B 1 63 ? 2.945   -6.283  4.062   1.00 22.19  ? 63  LEU B CA  1 
ATOM   1005 C C   . LEU B 1 63 ? 2.185   -5.603  5.197   1.00 23.72  ? 63  LEU B C   1 
ATOM   1006 O O   . LEU B 1 63 ? 2.455   -4.468  5.594   1.00 27.48  ? 63  LEU B O   1 
ATOM   1007 C CB  . LEU B 1 63 ? 2.471   -5.739  2.704   1.00 20.45  ? 63  LEU B CB  1 
ATOM   1008 C CG  . LEU B 1 63 ? 3.330   -6.087  1.483   1.00 22.63  ? 63  LEU B CG  1 
ATOM   1009 C CD1 . LEU B 1 63 ? 2.546   -5.914  0.188   1.00 17.45  ? 63  LEU B CD1 1 
ATOM   1010 C CD2 . LEU B 1 63 ? 4.595   -5.239  1.463   1.00 20.54  ? 63  LEU B CD2 1 
ATOM   1011 N N   . SER B 1 64 ? 1.190   -6.313  5.712   1.00 26.08  ? 64  SER B N   1 
ATOM   1012 C CA  . SER B 1 64 ? 0.237   -5.765  6.665   1.00 31.35  ? 64  SER B CA  1 
ATOM   1013 C C   . SER B 1 64 ? 0.737   -5.862  8.101   1.00 33.02  ? 64  SER B C   1 
ATOM   1014 O O   . SER B 1 64 ? -0.066  -5.708  9.014   1.00 40.73  ? 64  SER B O   1 
ATOM   1015 C CB  . SER B 1 64 ? -1.099  -6.508  6.523   1.00 31.76  ? 64  SER B CB  1 
ATOM   1016 O OG  . SER B 1 64 ? -1.515  -6.274  5.176   1.00 48.57  ? 64  SER B OG  1 
ATOM   1017 N N   . LYS B 1 65 ? 2.026   -6.114  8.190   1.00 38.39  ? 65  LYS B N   1 
ATOM   1018 C CA  . LYS B 1 65 ? 2.834   -6.190  9.392   1.00 57.00  ? 65  LYS B CA  1 
ATOM   1019 C C   . LYS B 1 65 ? 4.176   -5.479  9.215   1.00 58.13  ? 65  LYS B C   1 
ATOM   1020 O O   . LYS B 1 65 ? 4.387   -4.419  9.824   1.00 66.92  ? 65  LYS B O   1 
ATOM   1021 C CB  . LYS B 1 65 ? 3.054   -7.654  9.772   1.00 73.80  ? 65  LYS B CB  1 
ATOM   1022 C CG  . LYS B 1 65 ? 2.154   -8.666  9.086   1.00 82.86  ? 65  LYS B CG  1 
ATOM   1023 C CD  . LYS B 1 65 ? 2.121   -9.990  9.837   1.00 88.09  ? 65  LYS B CD  1 
ATOM   1024 C CE  . LYS B 1 65 ? 3.383   -10.801 9.588   1.00 89.35  ? 65  LYS B CE  1 
ATOM   1025 N NZ  . LYS B 1 65 ? 3.392   -12.073 10.365  1.00 103.65 ? 65  LYS B NZ  1 
HETATM 1026 C C1  . IPA C 2 .  ? -0.038  5.589   -5.183  1.00 38.66  ? 102 IPA A C1  1 
HETATM 1027 C C2  . IPA C 2 .  ? 1.474   5.441   -5.469  1.00 52.76  ? 102 IPA A C2  1 
HETATM 1028 C C3  . IPA C 2 .  ? 2.097   4.342   -4.587  1.00 52.04  ? 102 IPA A C3  1 
HETATM 1029 O O2  . IPA C 2 .  ? 2.097   6.682   -5.155  1.00 48.20  ? 102 IPA A O2  1 
HETATM 1030 C C1  . IPA D 2 .  ? 5.381   10.779  -0.236  1.00 40.48  ? 104 IPA A C1  1 
HETATM 1031 C C2  . IPA D 2 .  ? 6.513   11.121  0.757   1.00 55.95  ? 104 IPA A C2  1 
HETATM 1032 C C3  . IPA D 2 .  ? 6.281   12.513  1.373   1.00 79.30  ? 104 IPA A C3  1 
HETATM 1033 O O2  . IPA D 2 .  ? 7.744   11.155  0.030   1.00 52.29  ? 104 IPA A O2  1 
HETATM 1034 C C1  . IPA E 2 .  ? -6.819  12.113  3.755   1.00 33.16  ? 106 IPA A C1  1 
HETATM 1035 C C2  . IPA E 2 .  ? -5.944  11.720  4.972   1.00 37.34  ? 106 IPA A C2  1 
HETATM 1036 C C3  . IPA E 2 .  ? -5.359  10.312  4.727   1.00 47.68  ? 106 IPA A C3  1 
HETATM 1037 O O2  . IPA E 2 .  ? -6.792  11.652  6.117   1.00 35.30  ? 106 IPA A O2  1 
HETATM 1038 C C1  . IPA F 2 .  ? 3.598   -1.930  8.606   1.00 78.52  ? 107 IPA A C1  1 
HETATM 1039 C C2  . IPA F 2 .  ? 2.727   -1.280  9.708   1.00 65.12  ? 107 IPA A C2  1 
HETATM 1040 C C3  . IPA F 2 .  ? 3.591   -0.480  10.696  1.00 51.35  ? 107 IPA A C3  1 
HETATM 1041 O O2  . IPA F 2 .  ? 2.086   -2.326  10.433  1.00 45.94  ? 107 IPA A O2  1 
HETATM 1042 C C1  . IPA G 2 .  ? -8.855  2.324   5.375   1.00 28.59  ? 108 IPA A C1  1 
HETATM 1043 C C2  . IPA G 2 .  ? -9.926  2.202   4.267   1.00 45.14  ? 108 IPA A C2  1 
HETATM 1044 C C3  . IPA G 2 .  ? -10.379 0.736   4.107   1.00 32.35  ? 108 IPA A C3  1 
HETATM 1045 O O2  . IPA G 2 .  ? -9.303  2.596   3.046   1.00 65.48  ? 108 IPA A O2  1 
HETATM 1046 C C1  . IPA H 2 .  ? -7.069  -0.439  16.769  1.00 41.47  ? 109 IPA A C1  1 
HETATM 1047 C C2  . IPA H 2 .  ? -7.947  0.724   17.290  1.00 40.60  ? 109 IPA A C2  1 
HETATM 1048 C C3  . IPA H 2 .  ? -7.539  2.049   16.639  1.00 29.43  ? 109 IPA A C3  1 
HETATM 1049 O O2  . IPA H 2 .  ? -7.718  0.844   18.695  1.00 64.32  ? 109 IPA A O2  1 
HETATM 1050 C C1  . IPA I 2 .  ? 6.809   15.453  7.570   1.00 37.34  ? 110 IPA A C1  1 
HETATM 1051 C C2  . IPA I 2 .  ? 5.768   15.374  6.438   1.00 41.22  ? 110 IPA A C2  1 
HETATM 1052 C C3  . IPA I 2 .  ? 4.350   15.043  6.921   1.00 38.67  ? 110 IPA A C3  1 
HETATM 1053 O O2  . IPA I 2 .  ? 6.163   14.359  5.524   1.00 35.96  ? 110 IPA A O2  1 
HETATM 1054 C C1  . IPA J 2 .  ? 9.852   -10.211 3.670   1.00 67.80  ? 101 IPA B C1  1 
HETATM 1055 C C2  . IPA J 2 .  ? 10.666  -10.292 2.354   1.00 58.77  ? 101 IPA B C2  1 
HETATM 1056 C C3  . IPA J 2 .  ? 12.066  -10.867 2.628   1.00 32.25  ? 101 IPA B C3  1 
HETATM 1057 O O2  . IPA J 2 .  ? 10.787  -8.964  1.841   1.00 24.16  ? 101 IPA B O2  1 
HETATM 1058 C C1  . IPA K 2 .  ? -3.547  0.055   -11.702 1.00 42.46  ? 103 IPA B C1  1 
HETATM 1059 C C2  . IPA K 2 .  ? -2.408  0.989   -12.138 1.00 35.92  ? 103 IPA B C2  1 
HETATM 1060 C C3  . IPA K 2 .  ? -1.981  1.976   -11.049 1.00 34.76  ? 103 IPA B C3  1 
HETATM 1061 O O2  . IPA K 2 .  ? -2.889  1.746   -13.253 1.00 37.58  ? 103 IPA B O2  1 
HETATM 1062 C C1  . IPA L 2 .  ? -6.636  -10.217 -0.979  1.00 28.72  ? 105 IPA B C1  1 
HETATM 1063 C C2  . IPA L 2 .  ? -7.254  -10.037 0.432   1.00 42.83  ? 105 IPA B C2  1 
HETATM 1064 C C3  . IPA L 2 .  ? -7.324  -8.549  0.813   1.00 37.87  ? 105 IPA B C3  1 
HETATM 1065 O O2  . IPA L 2 .  ? -6.364  -10.644 1.378   1.00 57.40  ? 105 IPA B O2  1 
HETATM 1066 O O   . HOH M 3 .  ? 18.825  3.644   4.900   1.00 16.81  ? 112 HOH A O   1 
HETATM 1067 O O   . HOH M 3 .  ? 1.628   9.715   11.821  1.00 17.27  ? 113 HOH A O   1 
HETATM 1068 O O   . HOH M 3 .  ? 4.996   10.912  15.086  1.00 17.78  ? 115 HOH A O   1 
HETATM 1069 O O   . HOH M 3 .  ? 14.364  3.715   2.728   1.00 20.39  ? 117 HOH A O   1 
HETATM 1070 O O   . HOH M 3 .  ? 14.627  -3.763  4.381   1.00 17.15  ? 118 HOH A O   1 
HETATM 1071 O O   . HOH M 3 .  ? 10.759  -3.608  2.211   1.00 17.91  ? 121 HOH A O   1 
HETATM 1072 O O   . HOH M 3 .  ? 2.066   5.435   -1.016  1.00 21.14  ? 123 HOH A O   1 
HETATM 1073 O O   . HOH M 3 .  ? 4.545   16.811  10.468  1.00 23.19  ? 124 HOH A O   1 
HETATM 1074 O O   . HOH M 3 .  ? 14.096  9.766   6.120   1.00 22.94  ? 129 HOH A O   1 
HETATM 1075 O O   . HOH M 3 .  ? 19.790  2.564   8.742   1.00 25.72  ? 132 HOH A O   1 
HETATM 1076 O O   . HOH M 3 .  ? 11.313  15.231  11.180  1.00 25.71  ? 134 HOH A O   1 
HETATM 1077 O O   . HOH M 3 .  ? 11.964  -2.724  -1.059  1.00 22.35  ? 136 HOH A O   1 
HETATM 1078 O O   . HOH M 3 .  ? 0.678   16.117  6.959   1.00 26.95  ? 137 HOH A O   1 
HETATM 1079 O O   . HOH M 3 .  ? 0.060   4.877   19.163  1.00 23.03  ? 139 HOH A O   1 
HETATM 1080 O O   . HOH M 3 .  ? 10.013  6.995   0.783   1.00 26.56  ? 141 HOH A O   1 
HETATM 1081 O O   . HOH M 3 .  ? 1.592   17.430  9.697   1.00 27.30  ? 142 HOH A O   1 
HETATM 1082 O O   . HOH M 3 .  ? 3.698   13.649  4.130   1.00 32.97  ? 143 HOH A O   1 
HETATM 1083 O O   . HOH M 3 .  ? 20.452  7.056   -1.000  1.00 33.62  ? 148 HOH A O   1 
HETATM 1084 O O   . HOH M 3 .  ? 8.442   5.806   14.550  1.00 38.15  ? 150 HOH A O   1 
HETATM 1085 O O   . HOH M 3 .  ? 8.894   3.227   -0.297  1.00 29.26  ? 151 HOH A O   1 
HETATM 1086 O O   . HOH M 3 .  ? 8.922   14.416  4.829   1.00 31.47  ? 153 HOH A O   1 
HETATM 1087 O O   . HOH M 3 .  ? 7.167   3.928   -4.264  1.00 24.65  ? 157 HOH A O   1 
HETATM 1088 O O   . HOH M 3 .  ? -6.250  15.432  7.440   1.00 28.46  ? 158 HOH A O   1 
HETATM 1089 O O   . HOH M 3 .  ? 7.919   -1.149  9.519   1.00 48.20  ? 167 HOH A O   1 
HETATM 1090 O O   . HOH M 3 .  ? -6.373  17.609  9.601   1.00 43.38  ? 171 HOH A O   1 
HETATM 1091 O O   . HOH M 3 .  ? 6.660   4.975   -1.557  1.00 34.43  ? 174 HOH A O   1 
HETATM 1092 O O   . HOH M 3 .  ? 16.048  10.510  4.691   1.00 34.16  ? 178 HOH A O   1 
HETATM 1093 O O   . HOH M 3 .  ? 18.843  9.108   3.740   1.00 40.35  ? 179 HOH A O   1 
HETATM 1094 O O   . HOH M 3 .  ? 1.287   14.197  -2.131  1.00 45.93  ? 180 HOH A O   1 
HETATM 1095 O O   . HOH M 3 .  ? -0.654  -3.089  10.801  1.00 42.25  ? 182 HOH A O   1 
HETATM 1096 O O   . HOH M 3 .  ? 3.129   -3.158  13.811  1.00 59.38  ? 184 HOH A O   1 
HETATM 1097 O O   . HOH M 3 .  ? 8.537   11.928  -3.058  1.00 47.28  ? 186 HOH A O   1 
HETATM 1098 O O   . HOH M 3 .  ? 14.604  -0.607  9.086   0.50 26.85  ? 188 HOH A O   1 
HETATM 1099 O O   . HOH M 3 .  ? -5.436  10.463  12.662  1.00 46.90  ? 189 HOH A O   1 
HETATM 1100 O O   . HOH M 3 .  ? -9.021  8.451   -1.801  1.00 43.49  ? 191 HOH A O   1 
HETATM 1101 O O   . HOH M 3 .  ? 3.305   7.271   -2.229  1.00 39.13  ? 192 HOH A O   1 
HETATM 1102 O O   . HOH M 3 .  ? -6.368  -7.220  7.803   0.50 31.73  ? 193 HOH A O   1 
HETATM 1103 O O   . HOH M 3 .  ? 4.992   -1.394  16.701  1.00 53.20  ? 194 HOH A O   1 
HETATM 1104 O O   . HOH M 3 .  ? 14.910  12.665  9.073   1.00 61.21  ? 195 HOH A O   1 
HETATM 1105 O O   . HOH M 3 .  ? -12.499 2.042   -1.378  0.50 46.80  ? 200 HOH A O   1 
HETATM 1106 O O   . HOH M 3 .  ? -11.250 7.225   -1.624  1.00 51.30  ? 201 HOH A O   1 
HETATM 1107 O O   . HOH M 3 .  ? -2.550  11.036  13.238  1.00 43.94  ? 203 HOH A O   1 
HETATM 1108 O O   . HOH M 3 .  ? -3.904  -0.733  15.600  1.00 52.73  ? 204 HOH A O   1 
HETATM 1109 O O   . HOH M 3 .  ? -1.831  4.094   21.517  0.50 38.05  ? 205 HOH A O   1 
HETATM 1110 O O   . HOH M 3 .  ? -13.107 2.494   6.531   0.50 46.28  ? 206 HOH A O   1 
HETATM 1111 O O   . HOH M 3 .  ? 8.547   -1.887  2.258   1.00 33.17  ? 208 HOH A O   1 
HETATM 1112 O O   . HOH M 3 .  ? 20.868  7.105   1.257   1.00 35.70  ? 211 HOH A O   1 
HETATM 1113 O O   . HOH M 3 .  ? 7.630   -8.289  5.430   1.00 42.20  ? 213 HOH A O   1 
HETATM 1114 O O   . HOH M 3 .  ? -7.952  9.122   -10.521 1.00 50.83  ? 215 HOH A O   1 
HETATM 1115 O O   . HOH M 3 .  ? -6.802  13.066  -2.550  1.00 55.15  ? 216 HOH A O   1 
HETATM 1116 O O   . HOH M 3 .  ? -4.534  -3.167  14.396  1.00 42.61  ? 217 HOH A O   1 
HETATM 1117 O O   . HOH M 3 .  ? -4.367  -9.853  4.816   1.00 40.32  ? 219 HOH A O   1 
HETATM 1118 O O   . HOH M 3 .  ? -4.983  8.970   -10.619 0.50 38.71  ? 221 HOH A O   1 
HETATM 1119 O O   . HOH M 3 .  ? -10.412 1.106   -1.309  1.00 42.24  ? 222 HOH A O   1 
HETATM 1120 O O   . HOH M 3 .  ? 14.568  12.142  -0.419  1.00 62.63  ? 223 HOH A O   1 
HETATM 1121 O O   . HOH M 3 .  ? -11.723 -2.895  2.087   1.00 44.75  ? 224 HOH A O   1 
HETATM 1122 O O   . HOH M 3 .  ? -5.900  17.962  12.011  1.00 40.14  ? 225 HOH A O   1 
HETATM 1123 O O   . HOH M 3 .  ? -2.899  13.029  7.450   1.00 43.69  ? 226 HOH A O   1 
HETATM 1124 O O   . HOH M 3 .  ? 9.187   1.698   13.037  1.00 44.25  ? 229 HOH A O   1 
HETATM 1125 O O   . HOH M 3 .  ? 9.214   14.903  1.734   0.50 44.17  ? 230 HOH A O   1 
HETATM 1126 O O   . HOH M 3 .  ? 17.568  14.066  10.717  0.50 52.44  ? 231 HOH A O   1 
HETATM 1127 O O   . HOH M 3 .  ? -0.736  12.012  14.387  1.00 63.54  ? 232 HOH A O   1 
HETATM 1128 O O   . HOH M 3 .  ? 12.193  14.518  0.793   1.00 54.58  ? 233 HOH A O   1 
HETATM 1129 O O   . HOH M 3 .  ? -11.562 -10.121 1.202   0.50 47.11  ? 234 HOH A O   1 
HETATM 1130 O O   . HOH M 3 .  ? -3.039  15.618  5.387   0.50 43.23  ? 235 HOH A O   1 
HETATM 1131 O O   . HOH M 3 .  ? 12.462  3.134   15.556  0.50 38.58  ? 238 HOH A O   1 
HETATM 1132 O O   . HOH M 3 .  ? -5.782  19.803  7.379   0.50 44.97  ? 240 HOH A O   1 
HETATM 1133 O O   . HOH M 3 .  ? -11.409 9.587   -5.422  0.50 41.23  ? 243 HOH A O   1 
HETATM 1134 O O   . HOH M 3 .  ? 4.958   3.783   -3.641  1.00 49.56  ? 245 HOH A O   1 
HETATM 1135 O O   . HOH M 3 .  ? -8.219  -11.278 5.138   1.00 65.12  ? 247 HOH A O   1 
HETATM 1136 O O   . HOH M 3 .  ? 8.249   6.595   -1.194  1.00 47.13  ? 252 HOH A O   1 
HETATM 1137 O O   . HOH M 3 .  ? -14.030 0.014   11.237  0.50 48.22  ? 257 HOH A O   1 
HETATM 1138 O O   . HOH M 3 .  ? -13.456 -3.647  3.392   0.50 62.06  ? 258 HOH A O   1 
HETATM 1139 O O   . HOH M 3 .  ? 0.855   19.649  11.274  1.00 53.97  ? 262 HOH A O   1 
HETATM 1140 O O   . HOH M 3 .  ? 10.455  4.806   0.281   1.00 44.82  ? 263 HOH A O   1 
HETATM 1141 O O   . HOH M 3 .  ? -10.866 3.794   0.577   1.00 77.24  ? 268 HOH A O   1 
HETATM 1142 O O   . HOH M 3 .  ? 19.404  0.299   10.250  1.00 53.20  ? 270 HOH A O   1 
HETATM 1143 O O   . HOH M 3 .  ? 5.797   7.950   -2.067  1.00 57.68  ? 271 HOH A O   1 
HETATM 1144 O O   . HOH M 3 .  ? -9.363  21.015  10.515  1.00 79.21  ? 272 HOH A O   1 
HETATM 1145 O O   . HOH M 3 .  ? 5.397   -0.411  13.421  1.00 59.67  ? 273 HOH A O   1 
HETATM 1146 O O   . HOH M 3 .  ? -15.355 14.805  1.514   1.00 70.82  ? 277 HOH A O   1 
HETATM 1147 O O   . HOH M 3 .  ? 1.699   15.365  3.810   1.00 58.85  ? 278 HOH A O   1 
HETATM 1148 O O   . HOH N 3 .  ? -2.231  -12.219 -10.355 1.00 13.36  ? 111 HOH B O   1 
HETATM 1149 O O   . HOH N 3 .  ? -11.642 -2.674  -13.688 1.00 17.69  ? 114 HOH B O   1 
HETATM 1150 O O   . HOH N 3 .  ? 13.422  -3.776  -3.050  1.00 15.87  ? 116 HOH B O   1 
HETATM 1151 O O   . HOH N 3 .  ? -7.495  -8.537  -19.265 1.00 17.22  ? 119 HOH B O   1 
HETATM 1152 O O   . HOH N 3 .  ? 11.343  1.042   1.825   1.00 20.47  ? 120 HOH B O   1 
HETATM 1153 O O   . HOH N 3 .  ? 7.469   -17.770 2.757   1.00 23.37  ? 122 HOH B O   1 
HETATM 1154 O O   . HOH N 3 .  ? -0.851  -18.716 -5.703  1.00 22.09  ? 125 HOH B O   1 
HETATM 1155 O O   . HOH N 3 .  ? 17.916  -11.341 -4.280  1.00 20.58  ? 126 HOH B O   1 
HETATM 1156 O O   . HOH N 3 .  ? -16.887 -4.103  -4.092  1.00 26.15  ? 127 HOH B O   1 
HETATM 1157 O O   . HOH N 3 .  ? 8.434   -7.797  3.101   1.00 28.83  ? 128 HOH B O   1 
HETATM 1158 O O   . HOH N 3 .  ? 14.395  -3.152  -5.560  1.00 24.70  ? 130 HOH B O   1 
HETATM 1159 O O   . HOH N 3 .  ? 11.469  -3.021  -7.963  1.00 23.39  ? 131 HOH B O   1 
HETATM 1160 O O   . HOH N 3 .  ? -18.027 -5.172  -11.749 1.00 21.90  ? 133 HOH B O   1 
HETATM 1161 O O   . HOH N 3 .  ? -12.853 -0.575  -14.994 1.00 22.59  ? 135 HOH B O   1 
HETATM 1162 O O   . HOH N 3 .  ? 1.240   -10.709 -16.675 1.00 31.01  ? 138 HOH B O   1 
HETATM 1163 O O   . HOH N 3 .  ? -24.219 4.138   -7.450  1.00 29.48  ? 140 HOH B O   1 
HETATM 1164 O O   . HOH N 3 .  ? -16.975 0.628   -12.674 1.00 27.08  ? 144 HOH B O   1 
HETATM 1165 O O   . HOH N 3 .  ? 5.993   2.008   -5.576  1.00 26.25  ? 145 HOH B O   1 
HETATM 1166 O O   . HOH N 3 .  ? -4.314  -11.736 2.842   1.00 30.32  ? 146 HOH B O   1 
HETATM 1167 O O   . HOH N 3 .  ? 8.089   -11.698 -11.086 1.00 29.55  ? 147 HOH B O   1 
HETATM 1168 O O   . HOH N 3 .  ? -11.248 0.681   -4.627  1.00 37.62  ? 149 HOH B O   1 
HETATM 1169 O O   . HOH N 3 .  ? -16.435 0.402   -2.851  1.00 36.89  ? 152 HOH B O   1 
HETATM 1170 O O   . HOH N 3 .  ? -18.750 0.563   -15.839 1.00 34.20  ? 154 HOH B O   1 
HETATM 1171 O O   . HOH N 3 .  ? -9.265  -5.606  -3.707  1.00 25.52  ? 155 HOH B O   1 
HETATM 1172 O O   . HOH N 3 .  ? -5.416  -0.740  -16.771 1.00 36.76  ? 156 HOH B O   1 
HETATM 1173 O O   . HOH N 3 .  ? -11.960 0.751   -7.233  1.00 29.01  ? 159 HOH B O   1 
HETATM 1174 O O   . HOH N 3 .  ? 7.475   -7.016  0.912   1.00 35.18  ? 160 HOH B O   1 
HETATM 1175 O O   . HOH N 3 .  ? -18.752 2.607   -5.338  1.00 34.02  ? 161 HOH B O   1 
HETATM 1176 O O   . HOH N 3 .  ? -15.600 -6.380  -3.948  1.00 25.86  ? 162 HOH B O   1 
HETATM 1177 O O   . HOH N 3 .  ? 4.140   -10.508 -11.510 1.00 31.02  ? 163 HOH B O   1 
HETATM 1178 O O   . HOH N 3 .  ? 4.241   1.468   -7.766  1.00 28.68  ? 164 HOH B O   1 
HETATM 1179 O O   . HOH N 3 .  ? 5.681   -15.570 -2.501  1.00 51.69  ? 165 HOH B O   1 
HETATM 1180 O O   . HOH N 3 .  ? -8.315  2.566   -7.428  1.00 41.16  ? 166 HOH B O   1 
HETATM 1181 O O   . HOH N 3 .  ? 9.675   -10.734 -8.991  1.00 33.50  ? 168 HOH B O   1 
HETATM 1182 O O   . HOH N 3 .  ? -4.053  -19.499 -6.043  1.00 30.67  ? 169 HOH B O   1 
HETATM 1183 O O   . HOH N 3 .  ? -2.916  -14.529 -13.328 1.00 28.61  ? 170 HOH B O   1 
HETATM 1184 O O   . HOH N 3 .  ? -0.516  -17.061 -15.276 0.50 38.42  ? 172 HOH B O   1 
HETATM 1185 O O   . HOH N 3 .  ? -18.780 1.537   -3.278  1.00 41.61  ? 173 HOH B O   1 
HETATM 1186 O O   . HOH N 3 .  ? 0.708   -19.959 -6.843  1.00 46.27  ? 175 HOH B O   1 
HETATM 1187 O O   . HOH N 3 .  ? -11.913 -9.444  -3.238  1.00 50.07  ? 176 HOH B O   1 
HETATM 1188 O O   . HOH N 3 .  ? -5.779  -14.947 -13.014 1.00 33.66  ? 177 HOH B O   1 
HETATM 1189 O O   . HOH N 3 .  ? -12.186 -10.723 -5.747  1.00 40.08  ? 181 HOH B O   1 
HETATM 1190 O O   . HOH N 3 .  ? 3.940   -10.463 -17.992 1.00 55.06  ? 183 HOH B O   1 
HETATM 1191 O O   . HOH N 3 .  ? -10.644 -12.565 -8.482  1.00 37.00  ? 185 HOH B O   1 
HETATM 1192 O O   . HOH N 3 .  ? -17.911 -0.339  -17.770 1.00 45.26  ? 187 HOH B O   1 
HETATM 1193 O O   . HOH N 3 .  ? -11.544 1.478   -16.625 1.00 54.04  ? 190 HOH B O   1 
HETATM 1194 O O   . HOH N 3 .  ? 12.465  3.510   0.843   1.00 39.99  ? 196 HOH B O   1 
HETATM 1195 O O   . HOH N 3 .  ? -13.791 -1.627  -17.348 1.00 37.01  ? 197 HOH B O   1 
HETATM 1196 O O   . HOH N 3 .  ? -9.992  -16.099 -10.276 1.00 40.02  ? 198 HOH B O   1 
HETATM 1197 O O   . HOH N 3 .  ? -6.383  -18.007 -10.833 1.00 42.17  ? 199 HOH B O   1 
HETATM 1198 O O   . HOH N 3 .  ? 9.983   3.672   -4.492  1.00 30.27  ? 202 HOH B O   1 
HETATM 1199 O O   . HOH N 3 .  ? 0.019   -17.382 -10.858 1.00 49.63  ? 207 HOH B O   1 
HETATM 1200 O O   . HOH N 3 .  ? -24.128 6.508   -5.584  1.00 48.04  ? 209 HOH B O   1 
HETATM 1201 O O   . HOH N 3 .  ? 3.106   2.177   -11.417 1.00 43.13  ? 210 HOH B O   1 
HETATM 1202 O O   . HOH N 3 .  ? 9.326   -6.088  -11.166 1.00 49.90  ? 212 HOH B O   1 
HETATM 1203 O O   . HOH N 3 .  ? 6.960   7.987   -5.822  0.50 50.78  ? 214 HOH B O   1 
HETATM 1204 O O   . HOH N 3 .  ? -9.297  3.025   -16.122 1.00 63.48  ? 218 HOH B O   1 
HETATM 1205 O O   . HOH N 3 .  ? -2.940  2.763   -7.900  1.00 57.20  ? 220 HOH B O   1 
HETATM 1206 O O   . HOH N 3 .  ? -19.074 1.996   -13.121 1.00 38.48  ? 227 HOH B O   1 
HETATM 1207 O O   . HOH N 3 .  ? 13.892  -3.292  -8.310  1.00 41.47  ? 228 HOH B O   1 
HETATM 1208 O O   . HOH N 3 .  ? 0.478   -15.942 6.540   0.50 48.52  ? 236 HOH B O   1 
HETATM 1209 O O   . HOH N 3 .  ? -3.601  5.364   -6.128  1.00 52.60  ? 237 HOH B O   1 
HETATM 1210 O O   . HOH N 3 .  ? -4.753  5.116   -9.046  1.00 60.72  ? 239 HOH B O   1 
HETATM 1211 O O   . HOH N 3 .  ? 9.783   -3.537  -10.320 0.50 22.93  ? 241 HOH B O   1 
HETATM 1212 O O   . HOH N 3 .  ? 4.136   -5.142  13.397  0.50 48.42  ? 242 HOH B O   1 
HETATM 1213 O O   . HOH N 3 .  ? -5.372  -18.722 1.913   1.00 52.07  ? 244 HOH B O   1 
HETATM 1214 O O   . HOH N 3 .  ? -0.021  3.118   -9.263  0.50 33.97  ? 246 HOH B O   1 
HETATM 1215 O O   . HOH N 3 .  ? 12.246  7.941   -7.866  0.50 33.99  ? 248 HOH B O   1 
HETATM 1216 O O   . HOH N 3 .  ? -12.186 5.193   -12.173 0.50 55.37  ? 249 HOH B O   1 
HETATM 1217 O O   . HOH N 3 .  ? -7.656  2.036   -9.708  1.00 46.41  ? 250 HOH B O   1 
HETATM 1218 O O   . HOH N 3 .  ? 6.038   -8.178  7.084   0.50 31.73  ? 251 HOH B O   1 
HETATM 1219 O O   . HOH N 3 .  ? -7.341  -19.608 -6.842  1.00 58.52  ? 253 HOH B O   1 
HETATM 1220 O O   . HOH N 3 .  ? 1.206   -16.796 -18.290 1.00 47.31  ? 254 HOH B O   1 
HETATM 1221 O O   . HOH N 3 .  ? 9.664   -14.498 2.585   1.00 61.36  ? 255 HOH B O   1 
HETATM 1222 O O   . HOH N 3 .  ? 9.631   -13.844 -12.540 1.00 55.03  ? 256 HOH B O   1 
HETATM 1223 O O   . HOH N 3 .  ? 4.298   3.717   -7.299  0.50 45.35  ? 259 HOH B O   1 
HETATM 1224 O O   . HOH N 3 .  ? -16.187 7.060   -11.761 0.50 38.52  ? 260 HOH B O   1 
HETATM 1225 O O   . HOH N 3 .  ? -9.539  -11.673 -1.929  1.00 60.46  ? 261 HOH B O   1 
HETATM 1226 O O   . HOH N 3 .  ? 10.253  2.720   -2.099  1.00 33.84  ? 264 HOH B O   1 
HETATM 1227 O O   . HOH N 3 .  ? -11.332 -6.916  -3.134  1.00 37.18  ? 265 HOH B O   1 
HETATM 1228 O O   . HOH N 3 .  ? -2.239  -17.048 0.845   1.00 62.00  ? 266 HOH B O   1 
HETATM 1229 O O   . HOH N 3 .  ? -5.929  -19.057 -1.468  1.00 54.08  ? 267 HOH B O   1 
HETATM 1230 O O   . HOH N 3 .  ? -16.263 1.768   -15.372 1.00 61.32  ? 269 HOH B O   1 
HETATM 1231 O O   . HOH N 3 .  ? -16.405 4.555   -5.071  1.00 84.11  ? 274 HOH B O   1 
HETATM 1232 O O   . HOH N 3 .  ? -12.770 -14.980 -10.633 1.00 57.54  ? 275 HOH B O   1 
HETATM 1233 O O   . HOH N 3 .  ? -5.885  -14.065 3.620   1.00 59.43  ? 276 HOH B O   1 
HETATM 1234 O O   . HOH N 3 .  ? 8.680   -16.641 0.162   1.00 67.82  ? 279 HOH B O   1 
# 
loop_
_atom_site_anisotrop.id 
_atom_site_anisotrop.type_symbol 
_atom_site_anisotrop.pdbx_label_atom_id 
_atom_site_anisotrop.pdbx_label_alt_id 
_atom_site_anisotrop.pdbx_label_comp_id 
_atom_site_anisotrop.pdbx_label_asym_id 
_atom_site_anisotrop.pdbx_label_seq_id 
_atom_site_anisotrop.pdbx_PDB_ins_code 
_atom_site_anisotrop.U[1][1] 
_atom_site_anisotrop.U[2][2] 
_atom_site_anisotrop.U[3][3] 
_atom_site_anisotrop.U[1][2] 
_atom_site_anisotrop.U[1][3] 
_atom_site_anisotrop.U[2][3] 
_atom_site_anisotrop.pdbx_auth_seq_id 
_atom_site_anisotrop.pdbx_auth_comp_id 
_atom_site_anisotrop.pdbx_auth_asym_id 
_atom_site_anisotrop.pdbx_auth_atom_id 
14  S SG . CYS A 6  ? 0.2098 0.2582 0.3789 0.0276  0.0862  0.0495  6  CYS A SG 
20  S SG . CYS A 7  ? 0.2517 0.2334 0.2444 -0.0273 -0.0123 -0.0341 7  CYS A SG 
256 S SG . CYS A 32 ? 0.2323 0.2172 0.2986 0.0057  0.0170  -0.0163 32 CYS A SG 
390 S SG . CYS A 48 ? 0.2777 0.2567 0.2999 -0.0019 0.0294  -0.0176 48 CYS A SG 
548 S SG . CYS B 6  ? 0.2389 0.2297 0.3654 0.0068  0.0082  0.0278  6  CYS B SG 
554 S SG . CYS B 7  ? 0.2013 0.1819 0.1631 0.0519  0.0147  -0.0253 7  CYS B SG 
754 S SG . CYS B 32 ? 0.1999 0.2115 0.3304 -0.0070 -0.0414 -0.0019 32 CYS B SG 
881 S SG . CYS B 48 ? 0.1500 0.2494 0.1527 -0.0146 -0.0015 -0.0024 48 CYS B SG 
# 
